data_5UWI
#
_entry.id   5UWI
#
_cell.length_a   106.391
_cell.length_b   106.391
_cell.length_c   304.723
_cell.angle_alpha   90.00
_cell.angle_beta   90.00
_cell.angle_gamma   90.00
#
_symmetry.space_group_name_H-M   'P 43 21 2'
#
loop_
_entity.id
_entity.type
_entity.pdbx_description
1 polymer 'GTP-binding nuclear protein Ran'
2 polymer 'Ran-specific GTPase-activating protein 1'
3 polymer Exportin-1
4 polymer 'Histone deacetylase 5'
5 non-polymer 'PHOSPHOAMINOPHOSPHONIC ACID-GUANYLATE ESTER'
6 non-polymer 'MAGNESIUM ION'
7 non-polymer GLYCEROL
8 water water
#
loop_
_entity_poly.entity_id
_entity_poly.type
_entity_poly.pdbx_seq_one_letter_code
_entity_poly.pdbx_strand_id
1 'polypeptide(L)'
;METGSSHHHHHHSSGLPRGSHMAAQGEPQVQFKLVLVGDGGTGKTTFVKRHLTGEFEKKYVATLGVEVHPLVFHTNRGPI
KFNVWDTAGQEKFGGLRDGYYIQAQCAIIMFDVTSRVTYKNVPNWHRDLVRVCENIPIVLCGNKVDIKDRKVKAKSIVFH
RKKNLQYYDISAKSNYNFEKPFLWLARKLIGDPNLEFVAMPALAPPEVVMDPALAAQYEHDLEVAQTTALPDEDDDL
;
A
2 'polypeptide(L)'
;GGSDIHFEPVVHLEKVDVKTMEEDEEVLYKVRAKLFRFDADAKEWKERGTGDCKFLKNKKTNKVRILMRRDKTLKICANH
IIAPEYTLKPNVGSDRSWVYACTADIAEGEAEAFTFAIRFGSKENADKFKEEFEKAQEINKKA
;
B
3 'polypeptide(L)'
;GGSMEGILDFSNDLDIALLDQVVSTFYQGSGVQQKQAQEILTKFQDNPDAWQKADQILQFSTNPQSKFIALSILDKLITR
KWKLLPNDHRIGIRNFVVGMIISMCQDDEVFKTQKNLINKSDLTLVQILKQEWPQNWPEFIPELIGSSSSSVNVCENNMI
VLKLLSEEVFDFSAEQMTQAKALHLKNSMSKEFEQIFKLCFQVLEQGSSSSLIVATLESLLRYLHWIPYRYIYETNILEL
LSTKFMTSPDTRAITLKCLTEVSNLKIPQDNDLIKRQTVLFFQNTLQQIATSVMPVTADLKATYANANGNDQSFLQDLAM
FLTTYLARNRALLESDESLRELLLNAHQYLIQLSKIEERELFKTTLDYWHNLVADLFYEPLKKHIYEEICSQLRLVIIEN
MVRPEEDLVVENDEGEIVREFVKESDTIQLYKSEREVLVYLTHLNVIDTEEIMISKLARQIDGSEWSWHNINTLSWAIGS
ISGTMSEDTEKRFVVTVIKDLLGLCEQKRGKDNKAVVASDIMYVVGQYPRFLKAHWNFLRTVILKLFEFMHETHEGVQDM
ACDTFIKIVQKCKYHFVIQQPRESEPFIQTIIRDIQKTTADLQPQQVHTFYKACGIIISEERSVAERNRLLSDLMQLPNM
AWDTIVEQSTANPTLLLDSETVKIIANIIKTNVAVCTSMGADFYPQLGHIYYNMLQLYRAVSSMISAQVAAEGLIATKTP
KVRGLRTIKKEILKLVETYISKARNLDDVVKVLVEPLLNAVLEDYMNNVPDARDAEVLNCMTTVVEKVGHMIPQGVILIL
QSVFECTLDMINKDFTEYPEHRVEFYKLLKVINEKSFAAFLELPPAAFKLFVDAICWAFKHNNRDVEVNGLQIALDLVKN
IERMGNVPFANEFHKNYFFIFVSETFFVLTDSDHKSGFSKQALLLMKLISLVYDNKISVPLYQEAEVPQGTSNQVYLSQY
LANMLSNAFPHLTSEQIASFLSALTKQCKDLVVFKGTLRDFLVQIKEVGGDPTDYLFAEDKENA
;
C
4 'polypeptide(L)' GGSYEAETVSAMALLSVG D
#
# COMPACT_ATOMS: atom_id res chain seq x y z
N VAL A 30 8.10 7.34 -31.62
CA VAL A 30 7.03 7.57 -30.66
C VAL A 30 7.40 6.92 -29.33
N GLN A 31 8.33 7.57 -28.60
CA GLN A 31 8.75 7.08 -27.30
C GLN A 31 8.70 8.22 -26.29
N PHE A 32 8.54 7.85 -25.02
CA PHE A 32 8.37 8.82 -23.95
C PHE A 32 9.26 8.43 -22.78
N LYS A 33 10.02 9.40 -22.26
CA LYS A 33 10.85 9.16 -21.10
C LYS A 33 9.99 9.16 -19.85
N LEU A 34 10.00 8.05 -19.13
CA LEU A 34 9.28 7.90 -17.88
C LEU A 34 10.30 7.73 -16.76
N VAL A 35 10.20 8.57 -15.74
CA VAL A 35 11.05 8.46 -14.57
C VAL A 35 10.22 7.95 -13.40
N LEU A 36 10.78 7.00 -12.66
CA LEU A 36 10.10 6.31 -11.57
C LEU A 36 10.90 6.53 -10.30
N VAL A 37 10.25 7.12 -9.28
CA VAL A 37 10.94 7.57 -8.08
C VAL A 37 10.16 7.12 -6.85
N GLY A 38 10.83 7.14 -5.71
CA GLY A 38 10.24 6.76 -4.45
C GLY A 38 11.24 6.08 -3.55
N ASP A 39 10.85 5.93 -2.29
CA ASP A 39 11.74 5.40 -1.26
C ASP A 39 12.27 4.03 -1.66
N GLY A 40 13.44 3.69 -1.12
CA GLY A 40 14.01 2.37 -1.36
C GLY A 40 13.13 1.29 -0.76
N GLY A 41 13.01 0.18 -1.49
CA GLY A 41 12.24 -0.95 -1.05
C GLY A 41 10.76 -0.88 -1.34
N THR A 42 10.30 0.16 -2.04
CA THR A 42 8.87 0.32 -2.31
C THR A 42 8.37 -0.56 -3.45
N GLY A 43 9.26 -1.13 -4.26
CA GLY A 43 8.88 -2.02 -5.32
C GLY A 43 9.02 -1.47 -6.73
N LYS A 44 9.75 -0.37 -6.91
CA LYS A 44 9.88 0.23 -8.24
C LYS A 44 10.47 -0.76 -9.23
N THR A 45 11.64 -1.33 -8.91
CA THR A 45 12.30 -2.24 -9.83
C THR A 45 11.47 -3.52 -10.04
N THR A 46 10.90 -4.06 -8.97
CA THR A 46 10.05 -5.24 -9.09
C THR A 46 8.87 -4.96 -10.03
N PHE A 47 8.28 -3.78 -9.92
CA PHE A 47 7.15 -3.41 -10.77
C PHE A 47 7.56 -3.39 -12.23
N VAL A 48 8.69 -2.76 -12.54
CA VAL A 48 9.15 -2.67 -13.93
C VAL A 48 9.50 -4.05 -14.45
N LYS A 49 10.22 -4.85 -13.66
CA LYS A 49 10.57 -6.21 -14.08
C LYS A 49 9.32 -7.01 -14.43
N ARG A 50 8.29 -6.93 -13.59
CA ARG A 50 7.04 -7.62 -13.88
C ARG A 50 6.53 -7.27 -15.27
N HIS A 51 6.58 -5.99 -15.63
CA HIS A 51 6.12 -5.56 -16.95
C HIS A 51 7.08 -5.98 -18.04
N LEU A 52 8.38 -6.12 -17.74
CA LEU A 52 9.36 -6.44 -18.77
C LEU A 52 9.33 -7.92 -19.13
N THR A 53 9.37 -8.80 -18.12
CA THR A 53 9.49 -10.22 -18.35
C THR A 53 8.32 -11.04 -17.83
N GLY A 54 7.45 -10.48 -17.00
CA GLY A 54 6.41 -11.23 -16.35
C GLY A 54 6.82 -11.84 -15.03
N GLU A 55 8.08 -11.72 -14.63
CA GLU A 55 8.57 -12.35 -13.42
C GLU A 55 8.28 -11.48 -12.20
N PHE A 56 8.25 -12.14 -11.03
CA PHE A 56 8.21 -11.45 -9.75
C PHE A 56 9.50 -11.76 -9.00
N GLU A 57 10.36 -10.76 -8.86
CA GLU A 57 11.62 -10.93 -8.14
C GLU A 57 11.37 -10.74 -6.64
N LYS A 58 11.63 -11.80 -5.87
CA LYS A 58 11.41 -11.74 -4.43
C LYS A 58 12.55 -11.06 -3.69
N LYS A 59 13.76 -11.08 -4.25
CA LYS A 59 14.91 -10.51 -3.58
C LYS A 59 14.97 -9.01 -3.77
N TYR A 60 15.50 -8.32 -2.75
CA TYR A 60 15.70 -6.87 -2.79
C TYR A 60 17.17 -6.62 -3.11
N VAL A 61 17.45 -6.30 -4.37
CA VAL A 61 18.76 -5.82 -4.79
C VAL A 61 18.60 -4.33 -5.10
N ALA A 62 19.20 -3.49 -4.27
CA ALA A 62 19.00 -2.05 -4.38
C ALA A 62 19.51 -1.54 -5.72
N THR A 63 18.70 -0.71 -6.38
CA THR A 63 19.13 -0.07 -7.61
C THR A 63 20.25 0.93 -7.32
N LEU A 64 21.26 0.96 -8.19
CA LEU A 64 22.40 1.86 -8.05
C LEU A 64 22.29 2.95 -9.11
N GLY A 65 21.95 4.16 -8.66
CA GLY A 65 21.77 5.27 -9.57
C GLY A 65 20.47 5.16 -10.36
N VAL A 66 20.55 4.56 -11.55
CA VAL A 66 19.37 4.40 -12.41
C VAL A 66 19.57 3.17 -13.29
N GLU A 67 18.46 2.55 -13.66
CA GLU A 67 18.44 1.51 -14.69
C GLU A 67 17.39 1.90 -15.71
N VAL A 68 17.79 1.92 -16.98
CA VAL A 68 16.93 2.34 -18.08
C VAL A 68 16.47 1.10 -18.85
N HIS A 69 15.16 0.98 -19.05
CA HIS A 69 14.60 -0.16 -19.76
C HIS A 69 13.54 0.31 -20.76
N PRO A 70 13.63 -0.11 -22.02
CA PRO A 70 12.52 0.13 -22.94
C PRO A 70 11.34 -0.78 -22.63
N LEU A 71 10.13 -0.21 -22.71
CA LEU A 71 8.92 -0.96 -22.44
C LEU A 71 7.86 -0.53 -23.44
N VAL A 72 7.35 -1.48 -24.21
CA VAL A 72 6.42 -1.21 -25.30
C VAL A 72 5.06 -1.80 -24.95
N PHE A 73 4.01 -1.05 -25.23
CA PHE A 73 2.64 -1.51 -25.10
C PHE A 73 1.95 -1.37 -26.45
N HIS A 74 1.11 -2.34 -26.77
CA HIS A 74 0.36 -2.33 -28.03
C HIS A 74 -1.05 -1.81 -27.76
N THR A 75 -1.43 -0.76 -28.48
CA THR A 75 -2.69 -0.07 -28.25
C THR A 75 -3.47 0.03 -29.56
N ASN A 76 -4.71 0.49 -29.45
CA ASN A 76 -5.52 0.76 -30.64
C ASN A 76 -5.09 2.02 -31.38
N ARG A 77 -4.03 2.70 -30.92
CA ARG A 77 -3.44 3.82 -31.64
C ARG A 77 -2.03 3.50 -32.10
N GLY A 78 -1.68 2.22 -32.17
CA GLY A 78 -0.32 1.82 -32.47
C GLY A 78 0.46 1.60 -31.20
N PRO A 79 1.71 1.14 -31.33
CA PRO A 79 2.52 0.88 -30.14
C PRO A 79 3.00 2.17 -29.50
N ILE A 80 3.12 2.14 -28.18
CA ILE A 80 3.70 3.23 -27.41
C ILE A 80 4.91 2.70 -26.68
N LYS A 81 6.02 3.41 -26.76
CA LYS A 81 7.28 3.01 -26.14
C LYS A 81 7.59 3.93 -24.98
N PHE A 82 7.74 3.35 -23.79
CA PHE A 82 8.23 4.07 -22.63
C PHE A 82 9.70 3.75 -22.43
N ASN A 83 10.51 4.78 -22.24
CA ASN A 83 11.89 4.63 -21.80
C ASN A 83 11.89 4.85 -20.30
N VAL A 84 11.83 3.76 -19.54
CA VAL A 84 11.63 3.84 -18.10
C VAL A 84 12.98 4.02 -17.42
N TRP A 85 13.14 5.13 -16.72
CA TRP A 85 14.32 5.38 -15.88
C TRP A 85 13.96 4.99 -14.45
N ASP A 86 14.31 3.76 -14.08
CA ASP A 86 14.06 3.24 -12.73
C ASP A 86 15.18 3.71 -11.82
N THR A 87 14.89 4.71 -10.98
CA THR A 87 15.93 5.33 -10.18
C THR A 87 16.04 4.68 -8.81
N ALA A 88 17.14 4.99 -8.11
CA ALA A 88 17.40 4.49 -6.78
C ALA A 88 16.68 5.32 -5.74
N GLY A 89 16.05 4.65 -4.79
CA GLY A 89 15.37 5.33 -3.70
C GLY A 89 16.22 5.50 -2.46
N GLN A 90 17.24 4.67 -2.31
CA GLN A 90 18.15 4.78 -1.17
C GLN A 90 19.12 5.94 -1.40
N GLU A 91 19.27 6.78 -0.37
CA GLU A 91 20.04 8.01 -0.53
C GLU A 91 21.50 7.71 -0.86
N LYS A 92 22.09 6.70 -0.21
CA LYS A 92 23.49 6.39 -0.47
C LYS A 92 23.72 5.82 -1.86
N PHE A 93 22.67 5.45 -2.57
CA PHE A 93 22.76 4.96 -3.94
C PHE A 93 22.09 5.92 -4.93
N GLY A 94 21.88 7.18 -4.53
CA GLY A 94 21.05 8.09 -5.30
C GLY A 94 21.63 8.47 -6.65
N GLY A 95 22.94 8.35 -6.84
CA GLY A 95 23.53 8.69 -8.12
C GLY A 95 23.37 10.17 -8.42
N LEU A 96 22.86 10.47 -9.62
CA LEU A 96 22.66 11.85 -10.05
C LEU A 96 21.38 12.47 -9.50
N ARG A 97 20.55 11.69 -8.81
CA ARG A 97 19.35 12.18 -8.13
C ARG A 97 18.47 12.89 -9.16
N ASP A 98 18.17 14.17 -8.99
CA ASP A 98 17.24 14.85 -9.89
C ASP A 98 17.82 15.08 -11.27
N GLY A 99 19.11 14.84 -11.47
CA GLY A 99 19.66 14.85 -12.81
C GLY A 99 19.00 13.84 -13.72
N TYR A 100 18.49 12.75 -13.14
CA TYR A 100 17.77 11.75 -13.93
C TYR A 100 16.45 12.26 -14.48
N TYR A 101 15.90 13.32 -13.89
CA TYR A 101 14.56 13.78 -14.25
C TYR A 101 14.55 14.64 -15.50
N ILE A 102 15.70 15.16 -15.91
CA ILE A 102 15.76 16.11 -17.02
C ILE A 102 15.07 15.53 -18.24
N GLN A 103 14.17 16.31 -18.84
CA GLN A 103 13.46 15.95 -20.06
C GLN A 103 12.55 14.73 -19.89
N ALA A 104 12.23 14.34 -18.66
CA ALA A 104 11.17 13.37 -18.48
C ALA A 104 9.86 13.92 -19.02
N GLN A 105 9.06 13.05 -19.62
CA GLN A 105 7.74 13.43 -20.13
C GLN A 105 6.61 12.86 -19.30
N CYS A 106 6.90 12.01 -18.32
CA CYS A 106 5.90 11.45 -17.42
C CYS A 106 6.65 10.82 -16.26
N ALA A 107 5.90 10.44 -15.21
CA ALA A 107 6.56 9.90 -14.04
C ALA A 107 5.58 9.08 -13.22
N ILE A 108 6.16 8.16 -12.45
CA ILE A 108 5.45 7.41 -11.41
C ILE A 108 6.16 7.67 -10.09
N ILE A 109 5.41 8.07 -9.08
CA ILE A 109 5.91 8.13 -7.70
C ILE A 109 5.34 6.93 -6.97
N MET A 110 6.23 6.18 -6.32
N MET A 110 6.21 6.14 -6.34
CA MET A 110 5.89 4.93 -5.67
CA MET A 110 5.80 4.90 -5.69
C MET A 110 6.07 5.07 -4.16
C MET A 110 6.09 4.96 -4.20
N PHE A 111 5.13 4.49 -3.41
CA PHE A 111 5.31 4.28 -1.98
C PHE A 111 4.76 2.91 -1.64
N ASP A 112 4.89 2.53 -0.38
CA ASP A 112 4.57 1.20 0.10
C ASP A 112 3.51 1.34 1.17
N VAL A 113 2.32 0.75 0.93
CA VAL A 113 1.22 0.94 1.88
C VAL A 113 1.46 0.22 3.19
N THR A 114 2.51 -0.59 3.30
CA THR A 114 2.89 -1.20 4.57
C THR A 114 3.95 -0.40 5.31
N SER A 115 4.39 0.74 4.78
CA SER A 115 5.44 1.54 5.40
C SER A 115 5.02 3.01 5.35
N ARG A 116 4.57 3.54 6.50
CA ARG A 116 4.09 4.91 6.57
C ARG A 116 5.15 5.91 6.12
N VAL A 117 6.42 5.65 6.46
CA VAL A 117 7.46 6.62 6.15
C VAL A 117 7.58 6.82 4.65
N THR A 118 7.32 5.78 3.86
CA THR A 118 7.42 5.94 2.41
C THR A 118 6.33 6.86 1.87
N TYR A 119 5.17 6.90 2.54
CA TYR A 119 4.16 7.88 2.14
C TYR A 119 4.51 9.28 2.65
N LYS A 120 5.07 9.37 3.86
CA LYS A 120 5.53 10.66 4.37
C LYS A 120 6.57 11.31 3.45
N ASN A 121 7.33 10.50 2.70
CA ASN A 121 8.35 11.04 1.81
C ASN A 121 7.82 11.34 0.41
N VAL A 122 6.58 10.97 0.10
CA VAL A 122 6.00 11.28 -1.21
C VAL A 122 6.12 12.76 -1.53
N PRO A 123 5.76 13.68 -0.63
CA PRO A 123 5.90 15.11 -0.96
C PRO A 123 7.33 15.52 -1.29
N ASN A 124 8.32 14.84 -0.71
CA ASN A 124 9.72 15.18 -1.00
C ASN A 124 10.10 14.75 -2.40
N TRP A 125 9.74 13.52 -2.80
CA TRP A 125 9.99 13.10 -4.17
C TRP A 125 9.24 13.97 -5.17
N HIS A 126 7.99 14.30 -4.87
CA HIS A 126 7.22 15.15 -5.76
C HIS A 126 7.87 16.51 -5.93
N ARG A 127 8.29 17.12 -4.81
CA ARG A 127 8.98 18.42 -4.86
C ARG A 127 10.18 18.36 -5.80
N ASP A 128 11.08 17.40 -5.58
CA ASP A 128 12.30 17.33 -6.39
C ASP A 128 11.96 17.05 -7.86
N LEU A 129 10.86 16.34 -8.10
CA LEU A 129 10.51 15.97 -9.48
C LEU A 129 9.95 17.16 -10.24
N VAL A 130 8.96 17.87 -9.65
CA VAL A 130 8.29 18.93 -10.39
C VAL A 130 9.10 20.20 -10.49
N ARG A 131 10.15 20.34 -9.68
CA ARG A 131 11.09 21.44 -9.90
C ARG A 131 11.82 21.28 -11.22
N VAL A 132 12.08 20.04 -11.63
CA VAL A 132 12.74 19.78 -12.91
C VAL A 132 11.74 19.57 -14.03
N CYS A 133 10.60 18.93 -13.75
CA CYS A 133 9.59 18.60 -14.74
C CYS A 133 8.30 19.34 -14.35
N GLU A 134 8.12 20.55 -14.89
CA GLU A 134 7.12 21.46 -14.35
C GLU A 134 5.69 21.13 -14.78
N ASN A 135 5.49 20.40 -15.87
CA ASN A 135 4.13 20.10 -16.33
C ASN A 135 4.11 18.76 -17.08
N ILE A 136 4.21 17.67 -16.32
CA ILE A 136 4.13 16.33 -16.91
C ILE A 136 3.04 15.54 -16.20
N PRO A 137 2.42 14.56 -16.86
CA PRO A 137 1.50 13.66 -16.13
C PRO A 137 2.26 12.78 -15.16
N ILE A 138 1.71 12.65 -13.95
CA ILE A 138 2.35 11.90 -12.87
C ILE A 138 1.32 10.98 -12.24
N VAL A 139 1.69 9.73 -12.03
CA VAL A 139 0.86 8.76 -11.32
C VAL A 139 1.50 8.50 -9.96
N LEU A 140 0.68 8.52 -8.92
CA LEU A 140 1.07 8.11 -7.58
C LEU A 140 0.57 6.69 -7.33
N CYS A 141 1.48 5.80 -6.94
CA CYS A 141 1.15 4.39 -6.76
C CYS A 141 1.46 3.95 -5.34
N GLY A 142 0.45 3.42 -4.66
CA GLY A 142 0.65 2.77 -3.37
C GLY A 142 0.78 1.27 -3.58
N ASN A 143 1.99 0.75 -3.44
CA ASN A 143 2.29 -0.63 -3.80
C ASN A 143 2.17 -1.56 -2.60
N LYS A 144 2.10 -2.86 -2.89
CA LYS A 144 2.09 -3.92 -1.89
C LYS A 144 0.75 -4.05 -1.18
N VAL A 145 -0.36 -3.73 -1.85
CA VAL A 145 -1.67 -3.89 -1.25
C VAL A 145 -2.04 -5.35 -1.03
N ASP A 146 -1.26 -6.28 -1.58
CA ASP A 146 -1.48 -7.70 -1.32
C ASP A 146 -1.24 -8.05 0.15
N ILE A 147 -0.43 -7.27 0.85
N ILE A 147 -0.45 -7.26 0.86
CA ILE A 147 -0.10 -7.57 2.24
CA ILE A 147 -0.08 -7.58 2.24
C ILE A 147 -1.30 -7.29 3.11
C ILE A 147 -1.26 -7.26 3.16
N LYS A 148 -1.62 -8.23 4.01
CA LYS A 148 -2.81 -8.09 4.85
C LYS A 148 -2.72 -6.87 5.77
N ASP A 149 -1.60 -6.72 6.48
CA ASP A 149 -1.49 -5.70 7.52
C ASP A 149 -1.08 -4.36 6.89
N ARG A 150 -2.06 -3.74 6.23
CA ARG A 150 -1.84 -2.46 5.57
C ARG A 150 -1.72 -1.34 6.61
N LYS A 151 -0.71 -0.48 6.43
CA LYS A 151 -0.44 0.58 7.39
C LYS A 151 -0.85 1.97 6.91
N VAL A 152 -0.77 2.25 5.61
CA VAL A 152 -1.22 3.53 5.06
C VAL A 152 -2.64 3.31 4.55
N LYS A 153 -3.62 3.72 5.35
CA LYS A 153 -5.02 3.47 5.00
C LYS A 153 -5.46 4.34 3.83
N ALA A 154 -6.38 3.79 3.03
CA ALA A 154 -6.86 4.49 1.84
C ALA A 154 -7.28 5.93 2.15
N LYS A 155 -7.94 6.13 3.30
CA LYS A 155 -8.47 7.44 3.63
C LYS A 155 -7.36 8.44 3.96
N SER A 156 -6.18 7.97 4.36
CA SER A 156 -5.06 8.86 4.61
C SER A 156 -4.40 9.37 3.33
N ILE A 157 -4.68 8.76 2.19
CA ILE A 157 -3.96 9.05 0.95
C ILE A 157 -4.73 10.15 0.22
N VAL A 158 -4.22 11.39 0.34
CA VAL A 158 -4.89 12.54 -0.24
C VAL A 158 -3.92 13.49 -0.92
N PHE A 159 -2.62 13.18 -0.86
CA PHE A 159 -1.62 14.12 -1.37
C PHE A 159 -1.82 14.42 -2.86
N HIS A 160 -2.28 13.43 -3.62
CA HIS A 160 -2.45 13.60 -5.06
C HIS A 160 -3.50 14.66 -5.42
N ARG A 161 -4.44 14.95 -4.53
CA ARG A 161 -5.59 15.77 -4.90
C ARG A 161 -5.17 17.16 -5.36
N LYS A 162 -4.49 17.90 -4.48
CA LYS A 162 -4.09 19.26 -4.84
C LYS A 162 -2.97 19.31 -5.87
N LYS A 163 -2.27 18.21 -6.11
CA LYS A 163 -1.17 18.18 -7.06
C LYS A 163 -1.59 17.59 -8.41
N ASN A 164 -2.86 17.20 -8.56
CA ASN A 164 -3.39 16.72 -9.83
C ASN A 164 -2.69 15.45 -10.30
N LEU A 165 -2.28 14.60 -9.36
CA LEU A 165 -1.73 13.30 -9.70
C LEU A 165 -2.84 12.27 -9.78
N GLN A 166 -2.71 11.33 -10.71
CA GLN A 166 -3.53 10.13 -10.67
C GLN A 166 -3.02 9.19 -9.58
N TYR A 167 -3.94 8.54 -8.88
CA TYR A 167 -3.57 7.60 -7.83
C TYR A 167 -4.14 6.22 -8.12
N TYR A 168 -3.32 5.19 -7.88
CA TYR A 168 -3.78 3.81 -7.90
C TYR A 168 -3.17 3.02 -6.76
N ASP A 169 -4.01 2.27 -6.04
CA ASP A 169 -3.52 1.09 -5.32
C ASP A 169 -2.99 0.08 -6.33
N ILE A 170 -1.79 -0.45 -6.09
CA ILE A 170 -1.23 -1.48 -6.96
C ILE A 170 -0.54 -2.56 -6.13
N SER A 171 -0.31 -3.70 -6.78
CA SER A 171 0.52 -4.76 -6.23
C SER A 171 1.27 -5.41 -7.39
N ALA A 172 2.61 -5.30 -7.37
CA ALA A 172 3.40 -6.02 -8.35
C ALA A 172 3.38 -7.53 -8.11
N LYS A 173 3.02 -7.96 -6.90
CA LYS A 173 3.00 -9.38 -6.58
C LYS A 173 1.73 -10.05 -7.11
N SER A 174 0.56 -9.47 -6.82
CA SER A 174 -0.71 -10.01 -7.30
C SER A 174 -1.16 -9.40 -8.62
N ASN A 175 -0.44 -8.40 -9.14
CA ASN A 175 -0.76 -7.70 -10.38
C ASN A 175 -2.00 -6.82 -10.27
N TYR A 176 -2.51 -6.60 -9.07
CA TYR A 176 -3.64 -5.70 -8.89
C TYR A 176 -3.32 -4.32 -9.49
N ASN A 177 -4.13 -3.91 -10.46
CA ASN A 177 -4.00 -2.61 -11.13
C ASN A 177 -2.61 -2.39 -11.73
N PHE A 178 -1.85 -3.45 -12.00
CA PHE A 178 -0.45 -3.26 -12.39
C PHE A 178 -0.34 -2.55 -13.74
N GLU A 179 -1.36 -2.63 -14.58
CA GLU A 179 -1.34 -1.99 -15.90
C GLU A 179 -1.87 -0.57 -15.88
N LYS A 180 -2.64 -0.19 -14.85
CA LYS A 180 -3.31 1.10 -14.87
C LYS A 180 -2.37 2.28 -15.00
N PRO A 181 -1.21 2.32 -14.32
CA PRO A 181 -0.35 3.51 -14.45
C PRO A 181 0.09 3.76 -15.89
N PHE A 182 0.46 2.72 -16.63
CA PHE A 182 0.89 2.91 -18.01
C PHE A 182 -0.30 3.23 -18.91
N LEU A 183 -1.47 2.63 -18.64
CA LEU A 183 -2.64 2.93 -19.44
C LEU A 183 -3.02 4.41 -19.30
N TRP A 184 -3.05 4.91 -18.08
CA TRP A 184 -3.40 6.31 -17.85
C TRP A 184 -2.37 7.24 -18.51
N LEU A 185 -1.08 6.96 -18.29
CA LEU A 185 -0.05 7.79 -18.89
C LEU A 185 -0.13 7.76 -20.40
N ALA A 186 -0.34 6.58 -20.99
CA ALA A 186 -0.48 6.50 -22.44
C ALA A 186 -1.59 7.42 -22.94
N ARG A 187 -2.73 7.42 -22.25
CA ARG A 187 -3.85 8.26 -22.67
C ARG A 187 -3.49 9.73 -22.59
N LYS A 188 -2.79 10.14 -21.53
CA LYS A 188 -2.39 11.55 -21.42
C LYS A 188 -1.36 11.92 -22.48
N LEU A 189 -0.39 11.05 -22.73
CA LEU A 189 0.71 11.40 -23.63
C LEU A 189 0.24 11.42 -25.08
N ILE A 190 -0.63 10.48 -25.46
CA ILE A 190 -1.16 10.45 -26.81
C ILE A 190 -2.30 11.45 -27.00
N GLY A 191 -2.96 11.86 -25.93
CA GLY A 191 -4.07 12.78 -26.04
C GLY A 191 -5.36 12.14 -26.49
N ASP A 192 -5.55 10.86 -26.20
CA ASP A 192 -6.73 10.11 -26.60
C ASP A 192 -7.30 9.42 -25.38
N PRO A 193 -8.40 9.92 -24.80
CA PRO A 193 -8.95 9.28 -23.59
C PRO A 193 -9.46 7.88 -23.83
N ASN A 194 -9.69 7.49 -25.09
CA ASN A 194 -10.26 6.19 -25.42
C ASN A 194 -9.20 5.18 -25.85
N LEU A 195 -7.93 5.52 -25.73
CA LEU A 195 -6.87 4.57 -26.04
C LEU A 195 -7.02 3.31 -25.18
N GLU A 196 -6.75 2.16 -25.79
CA GLU A 196 -6.84 0.88 -25.09
C GLU A 196 -5.63 0.03 -25.47
N PHE A 197 -5.22 -0.81 -24.54
CA PHE A 197 -4.28 -1.87 -24.88
C PHE A 197 -4.99 -2.93 -25.72
N VAL A 198 -4.30 -3.44 -26.74
CA VAL A 198 -4.86 -4.47 -27.61
C VAL A 198 -3.87 -5.64 -27.68
N ALA A 199 -4.36 -6.74 -28.25
CA ALA A 199 -3.59 -7.98 -28.34
C ALA A 199 -2.59 -7.86 -29.49
N MET A 200 -1.31 -7.87 -29.15
CA MET A 200 -0.27 -7.90 -30.18
C MET A 200 -0.49 -9.10 -31.10
N PRO A 201 -0.31 -8.94 -32.42
CA PRO A 201 -0.55 -10.05 -33.34
C PRO A 201 0.36 -11.24 -33.05
N ALA A 202 -0.18 -12.44 -33.25
CA ALA A 202 0.48 -13.70 -32.89
C ALA A 202 0.82 -14.45 -34.16
N LEU A 203 2.06 -14.28 -34.63
CA LEU A 203 2.52 -14.95 -35.85
C LEU A 203 2.45 -16.46 -35.69
N ALA A 204 2.48 -17.16 -36.83
CA ALA A 204 2.51 -18.61 -36.82
C ALA A 204 3.87 -19.10 -36.34
N PRO A 205 3.93 -19.99 -35.36
CA PRO A 205 5.23 -20.43 -34.85
C PRO A 205 5.86 -21.47 -35.76
N PRO A 206 7.19 -21.55 -35.77
CA PRO A 206 7.87 -22.43 -36.74
C PRO A 206 7.81 -23.89 -36.32
N GLU A 207 8.11 -24.75 -37.29
CA GLU A 207 8.09 -26.19 -37.08
C GLU A 207 9.36 -26.64 -36.35
N VAL A 208 9.21 -27.74 -35.61
CA VAL A 208 10.27 -28.23 -34.74
C VAL A 208 11.11 -29.26 -35.49
N VAL A 209 12.42 -29.17 -35.31
CA VAL A 209 13.36 -30.19 -35.76
C VAL A 209 14.48 -30.27 -34.74
N MET A 210 14.27 -31.05 -33.68
CA MET A 210 15.25 -31.12 -32.61
C MET A 210 16.53 -31.79 -33.11
N ASP A 211 17.66 -31.27 -32.65
CA ASP A 211 18.96 -31.78 -33.05
C ASP A 211 19.29 -33.03 -32.25
N PRO A 212 19.51 -34.18 -32.90
CA PRO A 212 19.88 -35.38 -32.12
C PRO A 212 21.17 -35.23 -31.35
N ALA A 213 22.02 -34.27 -31.70
CA ALA A 213 23.25 -34.05 -30.96
C ALA A 213 22.97 -33.38 -29.62
N LEU A 214 22.03 -32.44 -29.58
CA LEU A 214 21.69 -31.72 -28.36
C LEU A 214 20.70 -32.49 -27.49
N ALA A 215 20.40 -33.75 -27.81
CA ALA A 215 19.43 -34.50 -27.04
C ALA A 215 19.95 -34.88 -25.66
N ALA A 216 21.26 -35.12 -25.53
CA ALA A 216 21.83 -35.41 -24.22
C ALA A 216 21.85 -34.16 -23.34
N GLN A 217 22.16 -33.00 -23.93
CA GLN A 217 22.18 -31.76 -23.17
C GLN A 217 20.79 -31.37 -22.67
N TYR A 218 19.75 -31.65 -23.45
CA TYR A 218 18.41 -31.19 -23.07
C TYR A 218 17.79 -32.08 -22.01
N GLU A 219 18.03 -33.40 -22.07
CA GLU A 219 17.54 -34.26 -21.00
C GLU A 219 18.24 -33.96 -19.69
N HIS A 220 19.46 -33.42 -19.75
CA HIS A 220 20.14 -32.95 -18.54
C HIS A 220 19.42 -31.75 -17.95
N ASP A 221 19.24 -30.70 -18.75
CA ASP A 221 18.59 -29.49 -18.26
C ASP A 221 17.17 -29.77 -17.80
N LEU A 222 16.51 -30.74 -18.42
CA LEU A 222 15.14 -31.08 -18.01
C LEU A 222 15.12 -31.74 -16.63
N GLU A 223 16.12 -32.58 -16.34
CA GLU A 223 16.18 -33.24 -15.05
C GLU A 223 16.37 -32.22 -13.92
N VAL A 224 17.20 -31.20 -14.15
CA VAL A 224 17.38 -30.15 -13.15
C VAL A 224 16.08 -29.38 -12.95
N ALA A 225 15.41 -29.03 -14.05
CA ALA A 225 14.17 -28.26 -13.95
C ALA A 225 13.08 -29.04 -13.26
N GLN A 226 13.00 -30.35 -13.52
CA GLN A 226 11.98 -31.18 -12.86
C GLN A 226 12.17 -31.19 -11.35
N THR A 227 13.41 -31.17 -10.88
CA THR A 227 13.73 -31.30 -9.47
C THR A 227 13.96 -29.97 -8.78
N THR A 228 13.68 -28.86 -9.45
CA THR A 228 13.66 -27.55 -8.83
C THR A 228 12.19 -27.17 -8.63
N ALA A 229 11.77 -27.06 -7.37
CA ALA A 229 10.36 -26.86 -7.07
C ALA A 229 9.89 -25.51 -7.61
N LEU A 230 8.69 -25.50 -8.16
CA LEU A 230 8.08 -24.24 -8.56
C LEU A 230 7.81 -23.39 -7.31
N PRO A 231 7.93 -22.07 -7.44
CA PRO A 231 7.69 -21.21 -6.28
C PRO A 231 6.21 -20.98 -6.02
N ASP A 232 5.91 -20.56 -4.79
CA ASP A 232 4.58 -20.10 -4.43
C ASP A 232 3.51 -21.16 -4.74
N GLU A 233 3.76 -22.38 -4.30
CA GLU A 233 2.89 -23.50 -4.65
C GLU A 233 1.50 -23.38 -4.01
N ASP A 234 1.30 -22.44 -3.09
CA ASP A 234 -0.01 -22.25 -2.47
C ASP A 234 -0.85 -21.17 -3.17
N ASP A 235 -0.27 -20.41 -4.09
CA ASP A 235 -1.05 -19.45 -4.86
C ASP A 235 -2.17 -20.15 -5.60
N ASP A 236 -3.24 -19.41 -5.89
CA ASP A 236 -4.31 -19.95 -6.73
C ASP A 236 -3.80 -20.37 -8.10
N LEU A 237 -2.69 -19.80 -8.54
CA LEU A 237 -2.04 -20.23 -9.78
C LEU A 237 -0.53 -20.14 -9.64
N HIS B 6 -34.83 9.94 -50.41
CA HIS B 6 -33.62 9.33 -49.89
C HIS B 6 -32.83 10.29 -49.02
N PHE B 7 -32.59 9.90 -47.77
CA PHE B 7 -31.79 10.68 -46.83
C PHE B 7 -30.47 9.96 -46.61
N GLU B 8 -29.37 10.66 -46.91
CA GLU B 8 -28.03 10.10 -46.76
C GLU B 8 -27.73 9.88 -45.28
N PRO B 9 -27.43 8.67 -44.84
CA PRO B 9 -27.20 8.46 -43.40
C PRO B 9 -25.86 9.04 -42.94
N VAL B 10 -25.75 9.19 -41.63
CA VAL B 10 -24.51 9.68 -41.03
C VAL B 10 -23.37 8.72 -41.38
N VAL B 11 -22.16 9.26 -41.47
CA VAL B 11 -20.98 8.46 -41.75
C VAL B 11 -20.78 7.41 -40.67
N THR B 20 -5.27 -9.76 -34.60
CA THR B 20 -4.66 -10.59 -33.58
C THR B 20 -3.98 -11.81 -34.20
N MET B 21 -4.28 -12.07 -35.47
CA MET B 21 -3.74 -13.22 -36.20
C MET B 21 -4.21 -14.54 -35.60
N GLU B 22 -5.42 -14.52 -35.02
CA GLU B 22 -6.07 -15.73 -34.53
C GLU B 22 -7.41 -15.98 -35.20
N GLU B 23 -7.79 -15.13 -36.16
CA GLU B 23 -9.10 -15.25 -36.80
C GLU B 23 -9.21 -16.52 -37.63
N ASP B 24 -8.11 -16.98 -38.22
CA ASP B 24 -8.11 -18.16 -39.07
C ASP B 24 -7.86 -19.45 -38.29
N GLU B 25 -8.17 -19.48 -37.00
CA GLU B 25 -7.86 -20.63 -36.16
C GLU B 25 -9.07 -21.03 -35.34
N GLU B 26 -9.05 -22.30 -34.92
CA GLU B 26 -10.12 -22.90 -34.12
C GLU B 26 -9.59 -23.17 -32.72
N VAL B 27 -10.38 -22.82 -31.70
CA VAL B 27 -9.98 -22.98 -30.31
C VAL B 27 -10.39 -24.38 -29.87
N LEU B 28 -9.41 -25.28 -29.77
CA LEU B 28 -9.68 -26.64 -29.30
C LEU B 28 -9.82 -26.69 -27.79
N TYR B 29 -9.00 -25.93 -27.07
CA TYR B 29 -8.92 -26.01 -25.63
C TYR B 29 -8.52 -24.66 -25.06
N LYS B 30 -9.05 -24.34 -23.88
CA LYS B 30 -8.73 -23.10 -23.20
C LYS B 30 -8.73 -23.35 -21.70
N VAL B 31 -7.69 -22.90 -21.02
CA VAL B 31 -7.60 -23.06 -19.57
C VAL B 31 -6.75 -21.92 -19.00
N ARG B 32 -7.14 -21.46 -17.81
CA ARG B 32 -6.32 -20.50 -17.09
C ARG B 32 -5.09 -21.18 -16.52
N ALA B 33 -3.95 -20.49 -16.58
CA ALA B 33 -2.70 -21.12 -16.16
C ALA B 33 -1.67 -20.04 -15.87
N LYS B 34 -0.63 -20.45 -15.15
CA LYS B 34 0.56 -19.63 -14.93
C LYS B 34 1.75 -20.32 -15.56
N LEU B 35 2.48 -19.59 -16.40
CA LEU B 35 3.60 -20.15 -17.14
C LEU B 35 4.92 -19.72 -16.51
N PHE B 36 5.84 -20.67 -16.35
CA PHE B 36 7.18 -20.39 -15.86
C PHE B 36 8.20 -20.81 -16.91
N ARG B 37 9.35 -20.14 -16.89
CA ARG B 37 10.53 -20.55 -17.64
C ARG B 37 11.66 -20.82 -16.66
N PHE B 38 12.46 -21.84 -16.94
CA PHE B 38 13.56 -22.20 -16.06
C PHE B 38 14.80 -21.41 -16.45
N ASP B 39 15.34 -20.65 -15.50
CA ASP B 39 16.61 -19.95 -15.67
C ASP B 39 17.69 -20.87 -15.12
N ALA B 40 18.42 -21.53 -16.03
CA ALA B 40 19.41 -22.52 -15.60
C ALA B 40 20.57 -21.87 -14.88
N ASP B 41 21.02 -20.72 -15.35
CA ASP B 41 22.18 -20.07 -14.75
C ASP B 41 21.92 -19.70 -13.29
N ALA B 42 20.69 -19.28 -12.98
CA ALA B 42 20.30 -19.00 -11.61
C ALA B 42 19.63 -20.21 -10.94
N LYS B 43 19.35 -21.27 -11.69
CA LYS B 43 18.69 -22.46 -11.16
C LYS B 43 17.44 -22.11 -10.37
N GLU B 44 16.65 -21.18 -10.92
CA GLU B 44 15.33 -20.89 -10.37
C GLU B 44 14.32 -20.75 -11.50
N TRP B 45 13.08 -21.08 -11.18
CA TRP B 45 11.98 -20.83 -12.10
C TRP B 45 11.56 -19.38 -12.02
N LYS B 46 11.17 -18.82 -13.16
CA LYS B 46 10.72 -17.43 -13.23
C LYS B 46 9.38 -17.37 -13.95
N GLU B 47 8.41 -16.70 -13.33
CA GLU B 47 7.13 -16.51 -13.97
C GLU B 47 7.30 -15.78 -15.29
N ARG B 48 6.59 -16.25 -16.31
CA ARG B 48 6.56 -15.58 -17.60
C ARG B 48 5.21 -14.96 -17.92
N GLY B 49 4.14 -15.40 -17.27
CA GLY B 49 2.83 -14.83 -17.50
C GLY B 49 1.70 -15.65 -16.94
N THR B 50 0.58 -14.98 -16.67
CA THR B 50 -0.63 -15.61 -16.18
C THR B 50 -1.78 -15.20 -17.10
N GLY B 51 -2.59 -16.18 -17.51
CA GLY B 51 -3.70 -15.88 -18.39
C GLY B 51 -4.27 -17.15 -18.99
N ASP B 52 -5.05 -16.97 -20.05
CA ASP B 52 -5.68 -18.09 -20.75
C ASP B 52 -4.66 -18.75 -21.67
N CYS B 53 -4.44 -20.06 -21.48
CA CYS B 53 -3.68 -20.86 -22.41
C CYS B 53 -4.64 -21.52 -23.38
N LYS B 54 -4.42 -21.31 -24.67
CA LYS B 54 -5.31 -21.81 -25.72
C LYS B 54 -4.55 -22.74 -26.65
N PHE B 55 -5.21 -23.83 -27.05
CA PHE B 55 -4.74 -24.66 -28.15
C PHE B 55 -5.49 -24.24 -29.41
N LEU B 56 -4.76 -23.74 -30.41
CA LEU B 56 -5.35 -23.16 -31.60
C LEU B 56 -5.03 -24.03 -32.80
N LYS B 57 -6.08 -24.48 -33.50
CA LYS B 57 -5.93 -25.32 -34.69
C LYS B 57 -6.10 -24.47 -35.94
N ASN B 58 -5.03 -24.38 -36.74
CA ASN B 58 -5.07 -23.62 -37.98
C ASN B 58 -5.98 -24.32 -38.99
N LYS B 59 -6.90 -23.55 -39.59
CA LYS B 59 -7.86 -24.13 -40.51
C LYS B 59 -7.22 -24.56 -41.82
N LYS B 60 -6.13 -23.90 -42.23
CA LYS B 60 -5.47 -24.25 -43.49
C LYS B 60 -4.56 -25.47 -43.32
N THR B 61 -3.69 -25.45 -42.31
CA THR B 61 -2.71 -26.50 -42.12
C THR B 61 -3.19 -27.60 -41.18
N ASN B 62 -4.21 -27.34 -40.38
CA ASN B 62 -4.70 -28.28 -39.37
C ASN B 62 -3.68 -28.54 -38.26
N LYS B 63 -2.68 -27.67 -38.13
CA LYS B 63 -1.66 -27.81 -37.09
C LYS B 63 -2.02 -26.97 -35.88
N VAL B 64 -1.72 -27.51 -34.69
CA VAL B 64 -2.15 -26.94 -33.42
C VAL B 64 -0.95 -26.33 -32.71
N ARG B 65 -1.13 -25.11 -32.20
CA ARG B 65 -0.14 -24.43 -31.40
C ARG B 65 -0.71 -24.10 -30.03
N ILE B 66 0.19 -23.84 -29.09
CA ILE B 66 -0.16 -23.18 -27.84
C ILE B 66 -0.02 -21.68 -28.04
N LEU B 67 -1.04 -20.93 -27.64
CA LEU B 67 -0.96 -19.47 -27.58
C LEU B 67 -1.47 -19.02 -26.23
N MET B 68 -0.65 -18.27 -25.51
CA MET B 68 -0.98 -17.81 -24.17
C MET B 68 -0.65 -16.33 -24.05
N ARG B 69 -1.60 -15.56 -23.52
CA ARG B 69 -1.47 -14.11 -23.39
C ARG B 69 -1.60 -13.72 -21.92
N ARG B 70 -0.88 -12.65 -21.54
CA ARG B 70 -0.98 -12.12 -20.19
C ARG B 70 -2.28 -11.34 -20.01
N ASP B 71 -2.89 -11.49 -18.84
CA ASP B 71 -4.06 -10.69 -18.51
C ASP B 71 -3.75 -9.21 -18.65
N LYS B 72 -4.79 -8.44 -19.02
CA LYS B 72 -4.73 -6.99 -19.05
C LYS B 72 -3.88 -6.47 -20.20
N THR B 73 -2.57 -6.70 -20.16
CA THR B 73 -1.70 -6.24 -21.24
C THR B 73 -1.84 -7.08 -22.49
N LEU B 74 -2.34 -8.31 -22.36
CA LEU B 74 -2.60 -9.19 -23.50
C LEU B 74 -1.33 -9.52 -24.28
N LYS B 75 -0.17 -9.31 -23.68
CA LYS B 75 1.08 -9.62 -24.35
C LYS B 75 1.30 -11.13 -24.39
N ILE B 76 1.88 -11.60 -25.49
CA ILE B 76 2.06 -13.03 -25.72
C ILE B 76 3.18 -13.54 -24.84
N CYS B 77 2.89 -14.56 -24.04
CA CYS B 77 3.90 -15.22 -23.22
C CYS B 77 4.16 -16.66 -23.63
N ALA B 78 3.46 -17.17 -24.65
CA ALA B 78 3.80 -18.47 -25.22
C ALA B 78 3.16 -18.59 -26.59
N ASN B 79 3.95 -19.07 -27.56
CA ASN B 79 3.48 -19.22 -28.93
C ASN B 79 4.38 -20.23 -29.62
N HIS B 80 3.94 -21.49 -29.68
CA HIS B 80 4.76 -22.54 -30.26
C HIS B 80 3.87 -23.74 -30.62
N ILE B 81 4.33 -24.50 -31.62
CA ILE B 81 3.64 -25.72 -32.01
C ILE B 81 3.69 -26.73 -30.88
N ILE B 82 2.61 -27.48 -30.71
CA ILE B 82 2.60 -28.59 -29.77
C ILE B 82 3.26 -29.78 -30.45
N ALA B 83 4.59 -29.75 -30.53
CA ALA B 83 5.31 -30.76 -31.29
C ALA B 83 5.02 -32.16 -30.73
N PRO B 84 4.88 -33.17 -31.58
CA PRO B 84 4.70 -34.54 -31.07
C PRO B 84 5.92 -35.08 -30.32
N GLU B 85 7.09 -34.47 -30.47
CA GLU B 85 8.28 -34.93 -29.76
C GLU B 85 8.25 -34.56 -28.28
N TYR B 86 7.52 -33.51 -27.91
CA TYR B 86 7.55 -33.02 -26.54
C TYR B 86 6.93 -34.03 -25.58
N THR B 87 7.37 -33.96 -24.33
CA THR B 87 6.93 -34.89 -23.29
C THR B 87 6.66 -34.10 -22.01
N LEU B 88 5.44 -34.21 -21.50
CA LEU B 88 5.06 -33.55 -20.25
C LEU B 88 5.52 -34.37 -19.05
N LYS B 89 6.28 -33.73 -18.16
CA LYS B 89 6.82 -34.40 -16.98
C LYS B 89 6.37 -33.69 -15.71
N PRO B 90 6.18 -34.43 -14.62
CA PRO B 90 5.78 -33.80 -13.37
C PRO B 90 6.92 -32.99 -12.76
N ASN B 91 6.55 -31.97 -11.98
CA ASN B 91 7.51 -31.22 -11.18
C ASN B 91 7.46 -31.71 -9.75
N VAL B 92 8.65 -31.79 -9.12
CA VAL B 92 8.78 -32.40 -7.81
C VAL B 92 7.88 -31.74 -6.78
N GLY B 93 7.60 -30.44 -6.94
CA GLY B 93 6.86 -29.69 -5.94
C GLY B 93 5.40 -29.51 -6.20
N SER B 94 4.84 -30.14 -7.24
CA SER B 94 3.46 -29.84 -7.63
C SER B 94 2.80 -31.08 -8.22
N ASP B 95 1.52 -31.26 -7.88
CA ASP B 95 0.67 -32.26 -8.50
C ASP B 95 -0.28 -31.65 -9.52
N ARG B 96 -0.05 -30.39 -9.92
CA ARG B 96 -0.93 -29.68 -10.84
C ARG B 96 -0.12 -28.86 -11.85
N SER B 97 1.06 -29.35 -12.21
CA SER B 97 1.92 -28.67 -13.16
C SER B 97 2.54 -29.69 -14.11
N TRP B 98 3.05 -29.19 -15.23
CA TRP B 98 3.81 -30.00 -16.17
C TRP B 98 5.06 -29.24 -16.59
N VAL B 99 6.15 -29.97 -16.76
CA VAL B 99 7.42 -29.44 -17.24
C VAL B 99 7.71 -30.08 -18.58
N TYR B 100 8.21 -29.30 -19.53
CA TYR B 100 8.61 -29.87 -20.80
C TYR B 100 9.56 -28.90 -21.52
N ALA B 101 10.37 -29.47 -22.39
CA ALA B 101 11.31 -28.70 -23.20
C ALA B 101 10.62 -28.19 -24.45
N CYS B 102 10.89 -26.92 -24.79
CA CYS B 102 10.37 -26.32 -26.01
C CYS B 102 11.56 -25.76 -26.79
N THR B 103 11.64 -26.13 -28.07
CA THR B 103 12.79 -25.79 -28.89
C THR B 103 12.58 -24.57 -29.77
N ALA B 104 11.33 -24.09 -29.90
CA ALA B 104 11.06 -22.92 -30.73
C ALA B 104 9.81 -22.23 -30.22
N ASP B 105 10.00 -21.20 -29.37
CA ASP B 105 8.93 -20.33 -28.93
C ASP B 105 9.23 -18.91 -29.38
N ILE B 106 8.24 -18.23 -29.96
CA ILE B 106 8.44 -16.93 -30.58
C ILE B 106 7.64 -15.87 -29.85
N ALA B 107 7.48 -16.02 -28.54
CA ALA B 107 6.68 -15.05 -27.78
C ALA B 107 7.34 -13.68 -27.76
N GLU B 108 8.67 -13.64 -27.67
CA GLU B 108 9.40 -12.38 -27.56
C GLU B 108 10.19 -12.02 -28.81
N GLY B 109 10.19 -12.87 -29.83
CA GLY B 109 10.86 -12.55 -31.07
C GLY B 109 11.47 -13.75 -31.76
N GLU B 110 12.80 -13.83 -31.76
CA GLU B 110 13.48 -14.92 -32.44
C GLU B 110 13.14 -16.26 -31.78
N ALA B 111 13.01 -17.29 -32.61
CA ALA B 111 12.66 -18.62 -32.12
C ALA B 111 13.69 -19.11 -31.12
N GLU B 112 13.40 -18.95 -29.84
CA GLU B 112 14.29 -19.35 -28.75
C GLU B 112 13.77 -20.64 -28.11
N ALA B 113 14.69 -21.36 -27.47
CA ALA B 113 14.36 -22.59 -26.78
C ALA B 113 14.23 -22.34 -25.28
N PHE B 114 13.30 -23.06 -24.66
CA PHE B 114 13.07 -22.91 -23.23
C PHE B 114 12.71 -24.26 -22.62
N THR B 115 12.89 -24.35 -21.31
CA THR B 115 12.28 -25.39 -20.49
C THR B 115 11.14 -24.74 -19.72
N PHE B 116 9.91 -25.06 -20.12
CA PHE B 116 8.73 -24.44 -19.54
C PHE B 116 8.18 -25.28 -18.40
N ALA B 117 7.49 -24.60 -17.48
CA ALA B 117 6.56 -25.24 -16.56
C ALA B 117 5.27 -24.45 -16.60
N ILE B 118 4.14 -25.15 -16.58
CA ILE B 118 2.83 -24.53 -16.60
C ILE B 118 2.02 -25.11 -15.46
N ARG B 119 1.41 -24.24 -14.65
CA ARG B 119 0.65 -24.65 -13.48
C ARG B 119 -0.80 -24.22 -13.66
N PHE B 120 -1.69 -25.01 -13.08
CA PHE B 120 -3.13 -24.82 -13.24
C PHE B 120 -3.79 -24.71 -11.87
N GLY B 121 -5.07 -24.35 -11.88
CA GLY B 121 -5.79 -24.17 -10.64
C GLY B 121 -6.01 -25.45 -9.87
N SER B 122 -6.00 -26.60 -10.53
CA SER B 122 -6.32 -27.87 -9.90
C SER B 122 -5.57 -28.97 -10.61
N LYS B 123 -5.38 -30.09 -9.89
CA LYS B 123 -4.87 -31.29 -10.52
C LYS B 123 -5.80 -31.76 -11.63
N GLU B 124 -7.09 -31.47 -11.51
CA GLU B 124 -8.05 -31.85 -12.54
C GLU B 124 -7.79 -31.09 -13.84
N ASN B 125 -7.63 -29.77 -13.74
CA ASN B 125 -7.29 -28.98 -14.91
C ASN B 125 -5.95 -29.41 -15.49
N ALA B 126 -4.99 -29.73 -14.62
CA ALA B 126 -3.68 -30.14 -15.10
C ALA B 126 -3.76 -31.45 -15.88
N ASP B 127 -4.53 -32.42 -15.36
CA ASP B 127 -4.65 -33.70 -16.05
C ASP B 127 -5.39 -33.55 -17.38
N LYS B 128 -6.39 -32.67 -17.42
CA LYS B 128 -7.10 -32.45 -18.69
C LYS B 128 -6.21 -31.75 -19.70
N PHE B 129 -5.41 -30.77 -19.25
CA PHE B 129 -4.42 -30.16 -20.12
C PHE B 129 -3.54 -31.22 -20.77
N LYS B 130 -3.09 -32.21 -19.97
CA LYS B 130 -2.26 -33.27 -20.52
C LYS B 130 -3.03 -34.12 -21.52
N GLU B 131 -4.31 -34.39 -21.23
CA GLU B 131 -5.16 -35.08 -22.19
C GLU B 131 -5.22 -34.32 -23.51
N GLU B 132 -5.66 -33.06 -23.46
CA GLU B 132 -5.74 -32.25 -24.68
C GLU B 132 -4.38 -32.10 -25.33
N PHE B 133 -3.32 -31.97 -24.52
CA PHE B 133 -1.98 -31.81 -25.08
C PHE B 133 -1.60 -32.99 -25.96
N GLU B 134 -1.93 -34.21 -25.53
CA GLU B 134 -1.55 -35.39 -26.29
C GLU B 134 -2.48 -35.61 -27.48
N LYS B 135 -3.77 -35.30 -27.33
CA LYS B 135 -4.65 -35.27 -28.49
C LYS B 135 -4.08 -34.35 -29.56
N ALA B 136 -3.67 -33.15 -29.17
CA ALA B 136 -3.14 -32.18 -30.13
C ALA B 136 -1.86 -32.69 -30.77
N GLN B 137 -1.02 -33.39 -30.00
CA GLN B 137 0.17 -34.00 -30.58
C GLN B 137 -0.21 -34.96 -31.70
N GLU B 138 -1.27 -35.74 -31.50
CA GLU B 138 -1.72 -36.65 -32.54
C GLU B 138 -2.18 -35.89 -33.78
N ILE B 139 -2.91 -34.80 -33.58
CA ILE B 139 -3.32 -33.97 -34.72
C ILE B 139 -2.10 -33.57 -35.53
N ASN B 140 -1.06 -33.07 -34.86
CA ASN B 140 0.11 -32.55 -35.55
C ASN B 140 0.94 -33.64 -36.20
N LYS B 141 0.77 -34.91 -35.80
CA LYS B 141 1.48 -36.00 -36.46
C LYS B 141 0.99 -36.24 -37.88
N LYS B 142 -0.13 -35.64 -38.27
CA LYS B 142 -0.70 -35.86 -39.59
C LYS B 142 -0.71 -34.57 -40.40
N GLY C 2 37.39 2.57 -21.08
CA GLY C 2 37.32 3.21 -22.43
C GLY C 2 37.84 4.63 -22.41
N SER C 3 37.48 5.40 -23.44
CA SER C 3 37.91 6.79 -23.54
C SER C 3 37.09 7.71 -22.64
N MET C 4 35.82 7.39 -22.41
CA MET C 4 34.96 8.27 -21.64
C MET C 4 35.48 8.48 -20.23
N GLU C 5 36.21 7.50 -19.67
CA GLU C 5 36.68 7.59 -18.29
C GLU C 5 37.76 8.64 -18.08
N GLY C 6 38.10 9.44 -19.09
CA GLY C 6 39.16 10.43 -18.93
C GLY C 6 38.77 11.58 -18.01
N ILE C 7 37.48 11.90 -17.94
CA ILE C 7 37.05 12.99 -17.07
C ILE C 7 37.27 12.66 -15.61
N LEU C 8 37.46 11.38 -15.28
CA LEU C 8 37.72 10.97 -13.91
C LEU C 8 39.17 11.16 -13.48
N ASP C 9 40.05 11.59 -14.38
CA ASP C 9 41.46 11.81 -14.08
C ASP C 9 41.65 13.29 -13.77
N PHE C 10 41.74 13.62 -12.49
CA PHE C 10 41.83 15.01 -12.04
C PHE C 10 43.24 15.56 -12.04
N SER C 11 44.26 14.71 -12.16
CA SER C 11 45.62 15.22 -12.30
C SER C 11 45.80 16.01 -13.58
N ASN C 12 44.93 15.81 -14.56
CA ASN C 12 44.94 16.56 -15.80
C ASN C 12 43.83 17.62 -15.78
N ASP C 13 43.86 18.48 -16.80
CA ASP C 13 42.80 19.46 -16.96
C ASP C 13 41.52 18.79 -17.44
N LEU C 14 40.39 19.30 -16.98
CA LEU C 14 39.10 18.76 -17.38
C LEU C 14 38.81 19.12 -18.83
N ASP C 15 38.62 18.11 -19.67
CA ASP C 15 38.27 18.31 -21.08
C ASP C 15 36.76 18.48 -21.16
N ILE C 16 36.31 19.72 -21.36
CA ILE C 16 34.87 20.01 -21.34
C ILE C 16 34.16 19.25 -22.44
N ALA C 17 34.74 19.22 -23.65
CA ALA C 17 34.10 18.50 -24.75
C ALA C 17 34.00 17.01 -24.46
N LEU C 18 34.93 16.47 -23.67
CA LEU C 18 34.82 15.08 -23.25
C LEU C 18 33.66 14.89 -22.28
N LEU C 19 33.52 15.81 -21.32
CA LEU C 19 32.37 15.79 -20.42
C LEU C 19 31.07 15.78 -21.21
N ASP C 20 30.95 16.69 -22.19
CA ASP C 20 29.70 16.81 -22.93
C ASP C 20 29.38 15.55 -23.73
N GLN C 21 30.40 14.81 -24.18
CA GLN C 21 30.14 13.55 -24.86
C GLN C 21 29.62 12.51 -23.88
N VAL C 22 30.20 12.44 -22.69
CA VAL C 22 29.71 11.53 -21.67
C VAL C 22 28.26 11.86 -21.33
N VAL C 23 27.96 13.15 -21.16
CA VAL C 23 26.61 13.56 -20.79
C VAL C 23 25.63 13.23 -21.91
N SER C 24 25.93 13.62 -23.14
CA SER C 24 25.07 13.30 -24.28
C SER C 24 24.83 11.80 -24.37
N THR C 25 25.90 11.01 -24.21
CA THR C 25 25.75 9.56 -24.29
C THR C 25 24.79 9.03 -23.23
N PHE C 26 24.83 9.61 -22.03
CA PHE C 26 23.91 9.19 -20.98
C PHE C 26 22.48 9.60 -21.31
N TYR C 27 22.26 10.88 -21.61
CA TYR C 27 20.91 11.40 -21.74
C TYR C 27 20.27 11.02 -23.07
N GLN C 28 21.05 11.00 -24.15
CA GLN C 28 20.53 10.72 -25.48
C GLN C 28 20.88 9.33 -26.01
N GLY C 29 21.88 8.67 -25.43
CA GLY C 29 22.30 7.35 -25.89
C GLY C 29 21.35 6.26 -25.43
N SER C 30 21.83 5.02 -25.53
CA SER C 30 21.02 3.87 -25.19
C SER C 30 21.91 2.70 -24.79
N GLY C 31 21.29 1.69 -24.19
CA GLY C 31 21.95 0.42 -23.95
C GLY C 31 23.26 0.54 -23.21
N VAL C 32 24.29 -0.13 -23.76
CA VAL C 32 25.55 -0.29 -23.05
C VAL C 32 26.30 1.04 -22.96
N GLN C 33 26.33 1.80 -24.06
CA GLN C 33 26.94 3.12 -24.03
C GLN C 33 26.35 3.96 -22.90
N GLN C 34 25.02 4.07 -22.86
CA GLN C 34 24.35 4.83 -21.82
C GLN C 34 24.76 4.35 -20.43
N LYS C 35 24.69 3.04 -20.20
CA LYS C 35 25.00 2.50 -18.88
C LYS C 35 26.42 2.87 -18.45
N GLN C 36 27.40 2.69 -19.35
CA GLN C 36 28.78 3.01 -19.01
C GLN C 36 28.95 4.48 -18.66
N ALA C 37 28.40 5.36 -19.50
CA ALA C 37 28.47 6.79 -19.22
C ALA C 37 27.83 7.13 -17.88
N GLN C 38 26.74 6.44 -17.54
CA GLN C 38 26.06 6.70 -16.28
C GLN C 38 27.01 6.48 -15.10
N GLU C 39 27.72 5.36 -15.09
CA GLU C 39 28.61 5.07 -13.98
C GLU C 39 29.79 6.03 -13.93
N ILE C 40 30.24 6.50 -15.09
CA ILE C 40 31.30 7.51 -15.11
C ILE C 40 30.79 8.81 -14.50
N LEU C 41 29.60 9.25 -14.93
CA LEU C 41 29.05 10.51 -14.41
C LEU C 41 28.85 10.44 -12.89
N THR C 42 28.34 9.31 -12.40
CA THR C 42 28.17 9.17 -10.95
C THR C 42 29.49 9.26 -10.23
N LYS C 43 30.54 8.64 -10.78
CA LYS C 43 31.86 8.72 -10.14
C LYS C 43 32.40 10.14 -10.22
N PHE C 44 32.26 10.80 -11.37
CA PHE C 44 32.66 12.20 -11.48
C PHE C 44 31.96 13.05 -10.43
N GLN C 45 30.63 12.96 -10.37
CA GLN C 45 29.85 13.81 -9.48
C GLN C 45 30.22 13.60 -8.02
N ASP C 46 30.56 12.36 -7.64
CA ASP C 46 30.84 12.03 -6.25
C ASP C 46 32.28 12.31 -5.83
N ASN C 47 33.14 12.69 -6.77
CA ASN C 47 34.49 13.06 -6.42
C ASN C 47 34.46 14.28 -5.51
N PRO C 48 35.04 14.22 -4.30
CA PRO C 48 34.91 15.35 -3.37
C PRO C 48 35.60 16.62 -3.83
N ASP C 49 36.36 16.58 -4.92
CA ASP C 49 36.97 17.76 -5.51
C ASP C 49 36.27 18.23 -6.77
N ALA C 50 35.21 17.54 -7.20
CA ALA C 50 34.56 17.89 -8.45
C ALA C 50 34.01 19.31 -8.43
N TRP C 51 33.67 19.83 -7.24
CA TRP C 51 33.10 21.17 -7.16
C TRP C 51 34.10 22.23 -7.62
N GLN C 52 35.40 21.97 -7.47
CA GLN C 52 36.40 22.91 -7.93
C GLN C 52 36.36 23.10 -9.44
N LYS C 53 35.70 22.20 -10.16
CA LYS C 53 35.63 22.25 -11.61
C LYS C 53 34.26 22.73 -12.11
N ALA C 54 33.33 23.03 -11.20
CA ALA C 54 32.03 23.55 -11.61
C ALA C 54 32.16 24.94 -12.20
N ASP C 55 33.06 25.76 -11.64
CA ASP C 55 33.33 27.08 -12.20
C ASP C 55 33.66 26.97 -13.69
N GLN C 56 34.55 26.04 -14.04
CA GLN C 56 34.90 25.84 -15.45
C GLN C 56 33.70 25.41 -16.26
N ILE C 57 33.02 24.34 -15.81
CA ILE C 57 31.90 23.79 -16.57
C ILE C 57 30.85 24.86 -16.84
N LEU C 58 30.53 25.68 -15.84
CA LEU C 58 29.46 26.66 -15.99
C LEU C 58 29.83 27.79 -16.94
N GLN C 59 31.12 28.07 -17.12
CA GLN C 59 31.54 29.12 -18.03
C GLN C 59 31.72 28.61 -19.46
N PHE C 60 32.25 27.40 -19.64
CA PHE C 60 32.78 26.97 -20.92
C PHE C 60 32.02 25.83 -21.58
N SER C 61 31.14 25.13 -20.86
CA SER C 61 30.34 24.09 -21.49
C SER C 61 29.27 24.72 -22.39
N THR C 62 28.86 23.95 -23.40
CA THR C 62 27.74 24.33 -24.26
C THR C 62 26.63 23.29 -24.18
N ASN C 63 26.57 22.56 -23.08
CA ASN C 63 25.56 21.52 -22.85
C ASN C 63 24.81 21.86 -21.58
N PRO C 64 23.50 22.13 -21.62
CA PRO C 64 22.80 22.49 -20.38
C PRO C 64 22.78 21.37 -19.36
N GLN C 65 22.70 20.10 -19.79
CA GLN C 65 22.75 18.99 -18.85
C GLN C 65 24.06 18.99 -18.08
N SER C 66 25.17 19.33 -18.74
CA SER C 66 26.45 19.35 -18.05
C SER C 66 26.47 20.42 -16.96
N LYS C 67 25.92 21.60 -17.23
CA LYS C 67 25.87 22.65 -16.22
C LYS C 67 24.94 22.26 -15.08
N PHE C 68 23.82 21.60 -15.38
CA PHE C 68 22.94 21.11 -14.34
C PHE C 68 23.69 20.19 -13.39
N ILE C 69 24.44 19.25 -13.94
CA ILE C 69 25.23 18.34 -13.10
C ILE C 69 26.27 19.11 -12.30
N ALA C 70 26.87 20.14 -12.90
CA ALA C 70 27.80 20.99 -12.17
C ALA C 70 27.11 21.65 -10.99
N LEU C 71 25.86 22.06 -11.16
CA LEU C 71 25.13 22.69 -10.06
C LEU C 71 24.72 21.67 -9.01
N SER C 72 24.35 20.46 -9.42
CA SER C 72 24.14 19.39 -8.43
C SER C 72 25.38 19.19 -7.58
N ILE C 73 26.56 19.20 -8.21
CA ILE C 73 27.81 19.07 -7.48
C ILE C 73 27.96 20.21 -6.47
N LEU C 74 27.71 21.44 -6.92
CA LEU C 74 27.79 22.57 -6.00
C LEU C 74 26.78 22.45 -4.88
N ASP C 75 25.57 21.94 -5.19
N ASP C 75 25.59 21.91 -5.19
CA ASP C 75 24.55 21.76 -4.17
CA ASP C 75 24.56 21.79 -4.15
C ASP C 75 25.05 20.87 -3.04
C ASP C 75 25.00 20.85 -3.04
N LYS C 76 25.65 19.73 -3.39
CA LYS C 76 26.18 18.84 -2.37
C LYS C 76 27.16 19.56 -1.46
N LEU C 77 28.05 20.36 -2.06
CA LEU C 77 29.04 21.09 -1.28
C LEU C 77 28.39 22.12 -0.37
N ILE C 78 27.46 22.92 -0.90
CA ILE C 78 26.84 23.99 -0.13
C ILE C 78 26.08 23.41 1.06
N THR C 79 25.37 22.31 0.86
CA THR C 79 24.48 21.81 1.90
C THR C 79 25.20 21.00 2.95
N ARG C 80 26.39 20.48 2.67
CA ARG C 80 27.09 19.59 3.59
C ARG C 80 28.44 20.11 4.10
N LYS C 81 29.18 20.87 3.29
CA LYS C 81 30.54 21.28 3.67
C LYS C 81 30.78 22.78 3.55
N TRP C 82 29.74 23.58 3.34
CA TRP C 82 29.90 25.02 3.14
C TRP C 82 30.82 25.64 4.19
N LYS C 83 30.56 25.38 5.47
CA LYS C 83 31.25 26.09 6.55
C LYS C 83 32.69 25.63 6.74
N LEU C 84 33.09 24.53 6.11
CA LEU C 84 34.47 24.07 6.16
C LEU C 84 35.37 24.81 5.17
N LEU C 85 34.77 25.49 4.19
CA LEU C 85 35.55 26.12 3.15
C LEU C 85 36.28 27.37 3.67
N PRO C 86 37.40 27.73 3.06
CA PRO C 86 37.95 29.07 3.31
C PRO C 86 36.93 30.11 2.89
N ASN C 87 36.88 31.21 3.65
CA ASN C 87 35.88 32.24 3.38
C ASN C 87 35.99 32.76 1.95
N ASP C 88 37.15 32.66 1.32
CA ASP C 88 37.31 33.16 -0.03
C ASP C 88 36.51 32.33 -1.03
N HIS C 89 36.46 31.01 -0.84
CA HIS C 89 35.68 30.17 -1.75
C HIS C 89 34.19 30.42 -1.57
N ARG C 90 33.74 30.63 -0.33
CA ARG C 90 32.32 30.94 -0.09
C ARG C 90 31.90 32.19 -0.86
N ILE C 91 32.69 33.26 -0.74
CA ILE C 91 32.40 34.48 -1.50
C ILE C 91 32.49 34.20 -2.99
N GLY C 92 33.51 33.46 -3.41
CA GLY C 92 33.68 33.16 -4.83
C GLY C 92 32.51 32.39 -5.40
N ILE C 93 32.04 31.37 -4.68
CA ILE C 93 30.92 30.57 -5.17
C ILE C 93 29.66 31.43 -5.28
N ARG C 94 29.35 32.19 -4.22
CA ARG C 94 28.22 33.11 -4.29
C ARG C 94 28.31 33.97 -5.54
N ASN C 95 29.49 34.55 -5.78
CA ASN C 95 29.60 35.55 -6.84
C ASN C 95 29.31 34.97 -8.21
N PHE C 96 29.81 33.77 -8.52
CA PHE C 96 29.61 33.23 -9.87
C PHE C 96 28.32 32.42 -9.99
N VAL C 97 27.57 32.22 -8.90
CA VAL C 97 26.18 31.80 -9.05
C VAL C 97 25.29 33.00 -9.36
N VAL C 98 25.44 34.08 -8.59
CA VAL C 98 24.70 35.31 -8.87
C VAL C 98 24.95 35.76 -10.30
N GLY C 99 26.23 35.80 -10.70
CA GLY C 99 26.57 36.30 -12.03
C GLY C 99 25.99 35.45 -13.13
N MET C 100 26.03 34.12 -12.96
CA MET C 100 25.48 33.23 -13.97
C MET C 100 23.97 33.42 -14.11
N ILE C 101 23.28 33.67 -13.01
CA ILE C 101 21.83 33.91 -13.07
C ILE C 101 21.55 35.21 -13.82
N ILE C 102 22.28 36.27 -13.48
CA ILE C 102 22.10 37.55 -14.16
C ILE C 102 22.27 37.37 -15.66
N SER C 103 23.39 36.78 -16.09
CA SER C 103 23.69 36.70 -17.51
C SER C 103 22.68 35.83 -18.26
N MET C 104 22.12 34.81 -17.61
CA MET C 104 21.09 34.01 -18.28
C MET C 104 19.79 34.78 -18.42
N CYS C 105 19.46 35.65 -17.46
CA CYS C 105 18.24 36.43 -17.55
C CYS C 105 18.35 37.53 -18.60
N GLN C 106 19.56 38.05 -18.81
CA GLN C 106 19.73 39.16 -19.75
C GLN C 106 19.66 38.68 -21.21
N ASP C 107 20.00 37.43 -21.46
CA ASP C 107 19.93 36.86 -22.82
C ASP C 107 18.54 36.26 -23.01
N ASP C 108 17.68 36.97 -23.76
CA ASP C 108 16.30 36.52 -23.94
C ASP C 108 16.25 35.13 -24.56
N GLU C 109 17.20 34.80 -25.44
CA GLU C 109 17.22 33.47 -26.03
C GLU C 109 17.46 32.41 -24.96
N VAL C 110 18.50 32.59 -24.15
CA VAL C 110 18.79 31.64 -23.09
C VAL C 110 17.64 31.59 -22.09
N PHE C 111 17.07 32.76 -21.76
CA PHE C 111 16.02 32.79 -20.75
C PHE C 111 14.81 31.95 -21.15
N LYS C 112 14.51 31.89 -22.45
CA LYS C 112 13.32 31.18 -22.91
C LYS C 112 13.58 29.70 -23.16
N THR C 113 14.83 29.33 -23.47
CA THR C 113 15.14 27.97 -23.88
C THR C 113 15.87 27.16 -22.81
N GLN C 114 16.33 27.79 -21.73
CA GLN C 114 17.04 27.08 -20.67
C GLN C 114 16.34 27.21 -19.33
N LYS C 115 15.02 26.97 -19.31
CA LYS C 115 14.27 27.10 -18.06
C LYS C 115 14.78 26.13 -17.01
N ASN C 116 15.04 24.87 -17.39
CA ASN C 116 15.50 23.89 -16.42
C ASN C 116 16.81 24.33 -15.77
N LEU C 117 17.74 24.85 -16.56
CA LEU C 117 19.03 25.25 -16.02
C LEU C 117 18.90 26.46 -15.12
N ILE C 118 18.06 27.42 -15.49
CA ILE C 118 17.85 28.60 -14.66
C ILE C 118 17.18 28.20 -13.34
N ASN C 119 16.20 27.31 -13.40
CA ASN C 119 15.54 26.85 -12.19
C ASN C 119 16.53 26.17 -11.25
N LYS C 120 17.42 25.35 -11.80
CA LYS C 120 18.44 24.71 -10.96
C LYS C 120 19.37 25.74 -10.34
N SER C 121 19.77 26.75 -11.12
CA SER C 121 20.63 27.80 -10.59
C SER C 121 19.91 28.58 -9.49
N ASP C 122 18.63 28.87 -9.68
CA ASP C 122 17.85 29.54 -8.63
C ASP C 122 17.84 28.72 -7.34
N LEU C 123 17.61 27.41 -7.45
CA LEU C 123 17.61 26.57 -6.28
C LEU C 123 18.97 26.56 -5.60
N THR C 124 20.04 26.52 -6.40
CA THR C 124 21.38 26.57 -5.84
C THR C 124 21.61 27.86 -5.08
N LEU C 125 21.15 28.99 -5.63
CA LEU C 125 21.21 30.26 -4.93
C LEU C 125 20.50 30.17 -3.58
N VAL C 126 19.32 29.55 -3.57
CA VAL C 126 18.54 29.44 -2.33
C VAL C 126 19.33 28.65 -1.29
N GLN C 127 20.04 27.61 -1.70
N GLN C 127 20.06 27.62 -1.70
CA GLN C 127 20.88 26.85 -0.78
CA GLN C 127 20.86 26.86 -0.74
C GLN C 127 21.90 27.78 -0.12
C GLN C 127 21.94 27.74 -0.13
N ILE C 128 22.49 28.69 -0.89
CA ILE C 128 23.44 29.64 -0.32
C ILE C 128 22.73 30.59 0.64
N LEU C 129 21.55 31.08 0.27
CA LEU C 129 20.79 31.95 1.16
C LEU C 129 20.51 31.25 2.50
N LYS C 130 20.19 29.97 2.45
CA LYS C 130 19.95 29.23 3.70
C LYS C 130 21.18 29.23 4.59
N GLN C 131 22.37 29.35 3.99
CA GLN C 131 23.62 29.38 4.75
C GLN C 131 24.00 30.80 5.17
N GLU C 132 23.74 31.79 4.33
CA GLU C 132 24.37 33.10 4.44
C GLU C 132 23.41 34.24 4.77
N TRP C 133 22.11 34.02 4.64
CA TRP C 133 21.16 35.11 4.69
C TRP C 133 20.28 35.01 5.93
N PRO C 134 19.93 36.15 6.58
CA PRO C 134 20.34 37.52 6.29
C PRO C 134 21.63 37.98 6.95
N GLN C 135 22.17 37.18 7.88
CA GLN C 135 23.25 37.65 8.74
C GLN C 135 24.46 38.10 7.92
N ASN C 136 24.77 37.42 6.82
CA ASN C 136 25.91 37.76 5.97
C ASN C 136 25.49 38.25 4.59
N TRP C 137 24.27 38.75 4.47
CA TRP C 137 23.75 39.18 3.18
C TRP C 137 22.51 40.03 3.40
N PRO C 138 22.58 41.04 4.27
CA PRO C 138 21.37 41.79 4.64
C PRO C 138 20.74 42.53 3.47
N GLU C 139 21.49 42.78 2.39
CA GLU C 139 20.99 43.56 1.27
C GLU C 139 20.29 42.72 0.22
N PHE C 140 20.18 41.41 0.42
CA PHE C 140 19.69 40.54 -0.64
C PHE C 140 18.29 40.96 -1.11
N ILE C 141 17.37 41.14 -0.16
CA ILE C 141 15.98 41.42 -0.51
C ILE C 141 15.88 42.83 -1.09
N PRO C 142 16.38 43.87 -0.41
CA PRO C 142 16.34 45.21 -1.03
C PRO C 142 16.91 45.24 -2.43
N GLU C 143 18.04 44.56 -2.67
CA GLU C 143 18.64 44.56 -4.01
C GLU C 143 17.83 43.71 -4.99
N LEU C 144 17.20 42.62 -4.52
CA LEU C 144 16.30 41.88 -5.39
C LEU C 144 15.18 42.77 -5.89
N ILE C 145 14.55 43.53 -4.98
CA ILE C 145 13.44 44.39 -5.37
C ILE C 145 13.90 45.46 -6.34
N GLY C 146 15.05 46.07 -6.06
CA GLY C 146 15.59 47.07 -6.98
C GLY C 146 15.84 46.50 -8.37
N SER C 147 16.54 45.36 -8.43
CA SER C 147 16.86 44.76 -9.71
C SER C 147 15.61 44.29 -10.46
N SER C 148 14.50 44.07 -9.76
CA SER C 148 13.28 43.61 -10.44
C SER C 148 12.75 44.67 -11.40
N SER C 149 13.03 45.95 -11.15
CA SER C 149 12.46 47.02 -11.97
C SER C 149 13.19 47.21 -13.28
N SER C 150 14.43 46.73 -13.39
CA SER C 150 15.25 46.98 -14.57
C SER C 150 15.04 45.96 -15.69
N SER C 151 14.20 44.94 -15.47
CA SER C 151 14.03 43.90 -16.47
C SER C 151 12.89 42.96 -16.11
N VAL C 152 12.03 42.66 -17.09
CA VAL C 152 10.95 41.71 -16.88
C VAL C 152 11.50 40.31 -16.62
N ASN C 153 12.55 39.93 -17.36
CA ASN C 153 13.14 38.60 -17.17
C ASN C 153 13.67 38.44 -15.75
N VAL C 154 14.47 39.41 -15.28
CA VAL C 154 15.00 39.34 -13.93
C VAL C 154 13.86 39.34 -12.91
N CYS C 155 12.86 40.18 -13.13
CA CYS C 155 11.72 40.23 -12.21
C CYS C 155 11.03 38.89 -12.13
N GLU C 156 10.71 38.30 -13.29
CA GLU C 156 10.09 36.98 -13.30
C GLU C 156 10.96 35.95 -12.60
N ASN C 157 12.27 35.95 -12.87
CA ASN C 157 13.14 34.97 -12.23
C ASN C 157 13.23 35.20 -10.73
N ASN C 158 13.17 36.46 -10.29
CA ASN C 158 13.14 36.73 -8.86
C ASN C 158 11.91 36.13 -8.19
N MET C 159 10.78 36.10 -8.89
CA MET C 159 9.60 35.46 -8.36
C MET C 159 9.84 33.97 -8.16
N ILE C 160 10.63 33.35 -9.03
CA ILE C 160 10.96 31.93 -8.87
C ILE C 160 11.88 31.75 -7.66
N VAL C 161 12.86 32.64 -7.50
CA VAL C 161 13.77 32.54 -6.36
C VAL C 161 12.99 32.70 -5.05
N LEU C 162 12.09 33.66 -4.99
CA LEU C 162 11.33 33.87 -3.76
C LEU C 162 10.39 32.71 -3.48
N LYS C 163 9.83 32.12 -4.54
CA LYS C 163 8.98 30.94 -4.37
C LYS C 163 9.77 29.81 -3.74
N LEU C 164 10.95 29.50 -4.30
CA LEU C 164 11.76 28.41 -3.77
C LEU C 164 12.24 28.72 -2.36
N LEU C 165 12.60 29.97 -2.09
CA LEU C 165 13.01 30.35 -0.75
C LEU C 165 11.88 30.10 0.25
N SER C 166 10.68 30.56 -0.07
CA SER C 166 9.52 30.31 0.79
C SER C 166 9.32 28.82 1.02
N GLU C 167 9.39 28.02 -0.05
CA GLU C 167 9.25 26.58 0.09
C GLU C 167 10.31 26.02 1.04
N GLU C 168 11.58 26.39 0.83
CA GLU C 168 12.65 25.82 1.62
C GLU C 168 12.56 26.23 3.09
N VAL C 169 12.00 27.41 3.36
CA VAL C 169 11.94 27.92 4.73
C VAL C 169 10.69 27.44 5.47
N PHE C 170 9.53 27.48 4.83
CA PHE C 170 8.27 27.21 5.52
C PHE C 170 7.67 25.84 5.22
N ASP C 171 7.89 25.28 4.03
CA ASP C 171 7.23 24.03 3.68
C ASP C 171 8.09 22.78 3.89
N PHE C 172 9.42 22.90 3.76
CA PHE C 172 10.29 21.73 3.76
C PHE C 172 11.43 21.85 4.77
N SER C 173 11.29 22.74 5.76
CA SER C 173 12.36 22.96 6.73
C SER C 173 12.30 21.97 7.89
N ALA C 174 11.12 21.45 8.21
CA ALA C 174 10.96 20.64 9.41
C ALA C 174 11.93 19.46 9.42
N GLU C 175 12.08 18.77 8.29
CA GLU C 175 12.96 17.61 8.21
C GLU C 175 14.41 17.98 8.00
N GLN C 176 14.70 19.17 7.46
CA GLN C 176 16.00 19.45 6.87
C GLN C 176 16.86 20.41 7.66
N MET C 177 16.29 21.15 8.62
CA MET C 177 17.05 22.09 9.43
C MET C 177 16.80 21.81 10.90
N THR C 178 17.71 22.33 11.73
CA THR C 178 17.44 22.32 13.16
C THR C 178 16.30 23.28 13.47
N GLN C 179 15.65 23.05 14.62
CA GLN C 179 14.56 23.92 15.03
C GLN C 179 15.00 25.39 15.08
N ALA C 180 16.19 25.64 15.63
CA ALA C 180 16.65 27.01 15.76
C ALA C 180 16.90 27.67 14.40
N LYS C 181 17.50 26.92 13.46
CA LYS C 181 17.80 27.49 12.16
C LYS C 181 16.52 27.75 11.37
N ALA C 182 15.54 26.85 11.46
CA ALA C 182 14.26 27.07 10.80
C ALA C 182 13.59 28.34 11.34
N LEU C 183 13.55 28.50 12.67
CA LEU C 183 12.95 29.68 13.25
C LEU C 183 13.69 30.93 12.82
N HIS C 184 15.03 30.88 12.83
CA HIS C 184 15.84 32.01 12.36
C HIS C 184 15.41 32.43 10.96
N LEU C 185 15.26 31.46 10.05
CA LEU C 185 14.96 31.80 8.66
C LEU C 185 13.50 32.24 8.51
N LYS C 186 12.59 31.63 9.27
CA LYS C 186 11.20 32.06 9.21
C LYS C 186 11.04 33.50 9.71
N ASN C 187 11.72 33.84 10.81
CA ASN C 187 11.67 35.21 11.31
C ASN C 187 12.27 36.19 10.29
N SER C 188 13.36 35.79 9.62
CA SER C 188 14.01 36.68 8.67
C SER C 188 13.09 36.98 7.49
N MET C 189 12.44 35.96 6.95
CA MET C 189 11.50 36.20 5.85
C MET C 189 10.32 37.03 6.31
N SER C 190 9.78 36.73 7.50
N SER C 190 9.78 36.72 7.49
CA SER C 190 8.68 37.51 8.04
CA SER C 190 8.67 37.51 8.03
C SER C 190 9.06 38.97 8.21
C SER C 190 9.07 38.98 8.17
N LYS C 191 10.31 39.24 8.63
CA LYS C 191 10.73 40.61 8.85
C LYS C 191 10.67 41.43 7.56
N GLU C 192 11.08 40.85 6.44
CA GLU C 192 11.19 41.58 5.19
C GLU C 192 10.04 41.29 4.23
N PHE C 193 8.96 40.67 4.70
CA PHE C 193 7.91 40.30 3.76
C PHE C 193 7.11 41.51 3.30
N GLU C 194 7.04 42.57 4.11
CA GLU C 194 6.31 43.76 3.69
C GLU C 194 6.82 44.26 2.35
N GLN C 195 8.15 44.35 2.20
N GLN C 195 8.15 44.30 2.17
CA GLN C 195 8.73 44.74 0.92
CA GLN C 195 8.69 44.78 0.90
C GLN C 195 8.39 43.73 -0.16
C GLN C 195 8.59 43.72 -0.20
N ILE C 196 8.50 42.44 0.15
CA ILE C 196 8.26 41.40 -0.85
C ILE C 196 6.84 41.52 -1.39
N PHE C 197 5.86 41.69 -0.50
CA PHE C 197 4.47 41.76 -0.93
C PHE C 197 4.23 42.98 -1.82
N LYS C 198 4.81 44.12 -1.46
CA LYS C 198 4.69 45.32 -2.28
C LYS C 198 5.05 45.02 -3.73
N LEU C 199 6.22 44.44 -3.95
CA LEU C 199 6.64 44.07 -5.30
C LEU C 199 5.63 43.11 -5.93
N CYS C 200 5.23 42.08 -5.18
CA CYS C 200 4.29 41.09 -5.69
CA CYS C 200 4.30 41.10 -5.71
C CYS C 200 2.99 41.75 -6.13
N PHE C 201 2.41 42.57 -5.26
CA PHE C 201 1.13 43.21 -5.58
C PHE C 201 1.27 44.20 -6.73
N GLN C 202 2.37 44.95 -6.77
CA GLN C 202 2.59 45.88 -7.87
C GLN C 202 2.59 45.15 -9.22
N VAL C 203 3.28 44.02 -9.29
CA VAL C 203 3.34 43.26 -10.54
C VAL C 203 1.95 42.80 -10.93
N LEU C 204 1.17 42.28 -9.98
CA LEU C 204 -0.17 41.78 -10.30
C LEU C 204 -1.07 42.91 -10.77
N GLU C 205 -0.96 44.09 -10.14
CA GLU C 205 -1.88 45.18 -10.45
C GLU C 205 -1.56 45.82 -11.80
N GLN C 206 -0.29 45.87 -12.18
CA GLN C 206 0.15 46.63 -13.35
C GLN C 206 0.64 45.77 -14.50
N GLY C 207 1.42 44.73 -14.21
CA GLY C 207 2.09 43.99 -15.26
C GLY C 207 1.12 43.40 -16.27
N SER C 208 1.65 43.15 -17.47
CA SER C 208 0.90 42.53 -18.55
C SER C 208 1.53 41.22 -19.05
N SER C 209 2.82 41.00 -18.82
CA SER C 209 3.45 39.74 -19.18
C SER C 209 2.85 38.60 -18.37
N SER C 210 2.13 37.70 -19.05
CA SER C 210 1.46 36.63 -18.32
C SER C 210 2.47 35.65 -17.72
N SER C 211 3.60 35.42 -18.38
CA SER C 211 4.62 34.55 -17.79
C SER C 211 5.13 35.15 -16.49
N LEU C 212 5.23 36.48 -16.43
CA LEU C 212 5.59 37.15 -15.18
C LEU C 212 4.44 37.10 -14.19
N ILE C 213 3.20 37.27 -14.67
CA ILE C 213 2.04 37.18 -13.78
C ILE C 213 1.95 35.78 -13.18
N VAL C 214 2.03 34.75 -14.03
CA VAL C 214 1.92 33.37 -13.55
C VAL C 214 2.97 33.12 -12.46
N ALA C 215 4.23 33.49 -12.73
CA ALA C 215 5.28 33.25 -11.75
C ALA C 215 4.99 33.97 -10.44
N THR C 216 4.50 35.20 -10.52
CA THR C 216 4.16 35.94 -9.30
C THR C 216 3.05 35.24 -8.53
N LEU C 217 2.04 34.72 -9.24
CA LEU C 217 0.97 34.00 -8.57
C LEU C 217 1.46 32.68 -8.00
N GLU C 218 2.42 32.02 -8.66
CA GLU C 218 3.00 30.80 -8.11
C GLU C 218 3.65 31.08 -6.76
N SER C 219 4.41 32.17 -6.66
CA SER C 219 5.02 32.53 -5.38
C SER C 219 3.97 32.89 -4.35
N LEU C 220 2.91 33.60 -4.76
CA LEU C 220 1.85 33.95 -3.83
C LEU C 220 1.22 32.71 -3.20
N LEU C 221 1.03 31.66 -4.01
CA LEU C 221 0.49 30.41 -3.47
C LEU C 221 1.33 29.92 -2.28
N ARG C 222 2.66 30.01 -2.41
CA ARG C 222 3.54 29.61 -1.32
C ARG C 222 3.38 30.54 -0.12
N TYR C 223 3.30 31.86 -0.36
CA TYR C 223 3.17 32.80 0.75
C TYR C 223 1.91 32.53 1.56
N LEU C 224 0.82 32.15 0.89
CA LEU C 224 -0.45 31.96 1.57
C LEU C 224 -0.39 30.85 2.60
N HIS C 225 0.65 30.01 2.58
CA HIS C 225 0.80 28.98 3.60
C HIS C 225 1.13 29.57 4.97
N TRP C 226 1.67 30.80 5.03
CA TRP C 226 2.20 31.30 6.30
C TRP C 226 1.97 32.77 6.59
N ILE C 227 1.67 33.62 5.60
CA ILE C 227 1.64 35.06 5.86
C ILE C 227 0.41 35.43 6.69
N PRO C 228 0.45 36.55 7.40
CA PRO C 228 -0.74 37.01 8.13
C PRO C 228 -1.87 37.38 7.17
N TYR C 229 -3.10 37.13 7.62
CA TYR C 229 -4.26 37.34 6.75
C TYR C 229 -4.42 38.80 6.33
N ARG C 230 -3.80 39.74 7.04
CA ARG C 230 -4.01 41.15 6.72
C ARG C 230 -3.50 41.50 5.33
N TYR C 231 -2.39 40.88 4.90
CA TYR C 231 -1.90 41.10 3.55
C TYR C 231 -2.92 40.72 2.49
N ILE C 232 -3.84 39.81 2.81
CA ILE C 232 -4.84 39.36 1.84
C ILE C 232 -6.12 40.18 1.96
N TYR C 233 -6.53 40.55 3.16
CA TYR C 233 -7.82 41.19 3.36
C TYR C 233 -7.77 42.70 3.44
N GLU C 234 -6.61 43.29 3.77
CA GLU C 234 -6.48 44.75 3.84
C GLU C 234 -5.86 45.33 2.57
N THR C 235 -5.83 44.55 1.49
CA THR C 235 -5.39 45.03 0.18
C THR C 235 -6.46 44.66 -0.82
N ASN C 236 -6.26 45.08 -2.07
CA ASN C 236 -7.22 44.81 -3.13
C ASN C 236 -6.99 43.45 -3.80
N ILE C 237 -6.17 42.58 -3.20
CA ILE C 237 -5.68 41.43 -3.93
C ILE C 237 -6.79 40.40 -4.17
N LEU C 238 -7.73 40.25 -3.24
CA LEU C 238 -8.82 39.32 -3.46
C LEU C 238 -9.62 39.69 -4.70
N GLU C 239 -9.88 40.97 -4.90
CA GLU C 239 -10.57 41.41 -6.10
C GLU C 239 -9.81 40.99 -7.34
N LEU C 240 -8.50 41.26 -7.38
CA LEU C 240 -7.70 40.86 -8.53
C LEU C 240 -7.76 39.37 -8.74
N LEU C 241 -7.60 38.59 -7.67
CA LEU C 241 -7.61 37.13 -7.81
C LEU C 241 -8.95 36.64 -8.33
N SER C 242 -10.05 37.14 -7.79
CA SER C 242 -11.37 36.58 -8.05
C SER C 242 -12.04 37.16 -9.29
N THR C 243 -11.41 38.12 -9.97
CA THR C 243 -11.98 38.67 -11.20
C THR C 243 -10.97 38.61 -12.33
N LYS C 244 -10.05 39.58 -12.35
CA LYS C 244 -9.03 39.69 -13.39
C LYS C 244 -8.42 38.34 -13.76
N PHE C 245 -7.81 37.67 -12.79
CA PHE C 245 -6.99 36.50 -13.06
C PHE C 245 -7.80 35.23 -13.27
N MET C 246 -9.11 35.24 -13.00
CA MET C 246 -9.96 34.10 -13.36
C MET C 246 -10.38 34.13 -14.83
N THR C 247 -10.31 35.29 -15.48
CA THR C 247 -10.77 35.39 -16.86
C THR C 247 -9.78 34.77 -17.85
N SER C 248 -8.48 34.91 -17.60
CA SER C 248 -7.46 34.36 -18.49
C SER C 248 -7.15 32.91 -18.12
N PRO C 249 -7.18 31.97 -19.07
CA PRO C 249 -6.81 30.60 -18.72
C PRO C 249 -5.37 30.45 -18.23
N ASP C 250 -4.46 31.29 -18.72
CA ASP C 250 -3.06 31.18 -18.32
C ASP C 250 -2.89 31.35 -16.81
N THR C 251 -3.68 32.24 -16.21
CA THR C 251 -3.60 32.52 -14.78
C THR C 251 -4.71 31.86 -13.97
N ARG C 252 -5.69 31.25 -14.65
CA ARG C 252 -6.88 30.75 -13.95
C ARG C 252 -6.54 29.59 -13.03
N ALA C 253 -5.66 28.68 -13.48
CA ALA C 253 -5.35 27.50 -12.67
C ALA C 253 -4.67 27.89 -11.37
N ILE C 254 -3.62 28.71 -11.44
CA ILE C 254 -2.89 29.08 -10.23
C ILE C 254 -3.75 29.97 -9.33
N THR C 255 -4.53 30.86 -9.93
CA THR C 255 -5.38 31.75 -9.14
C THR C 255 -6.39 30.95 -8.32
N LEU C 256 -6.98 29.92 -8.94
CA LEU C 256 -7.93 29.08 -8.22
C LEU C 256 -7.24 28.38 -7.04
N LYS C 257 -6.01 27.90 -7.24
CA LYS C 257 -5.27 27.30 -6.15
C LYS C 257 -4.99 28.32 -5.05
N CYS C 258 -4.69 29.56 -5.42
CA CYS C 258 -4.50 30.60 -4.42
C CYS C 258 -5.77 30.85 -3.62
N LEU C 259 -6.92 30.94 -4.30
CA LEU C 259 -8.17 31.19 -3.61
C LEU C 259 -8.56 30.03 -2.71
N THR C 260 -8.18 28.81 -3.08
CA THR C 260 -8.41 27.67 -2.19
C THR C 260 -7.63 27.84 -0.89
N GLU C 261 -6.38 28.29 -0.98
CA GLU C 261 -5.60 28.50 0.23
C GLU C 261 -6.11 29.71 1.01
N VAL C 262 -6.55 30.76 0.31
CA VAL C 262 -7.20 31.87 1.01
C VAL C 262 -8.35 31.35 1.86
N SER C 263 -9.11 30.41 1.31
CA SER C 263 -10.24 29.83 2.03
C SER C 263 -9.78 29.08 3.27
N ASN C 264 -8.47 28.98 3.49
CA ASN C 264 -7.91 28.35 4.68
C ASN C 264 -7.16 29.32 5.59
N LEU C 265 -7.06 30.60 5.24
CA LEU C 265 -6.34 31.53 6.10
C LEU C 265 -6.98 31.59 7.48
N LYS C 266 -6.14 31.77 8.50
CA LYS C 266 -6.64 32.00 9.84
C LYS C 266 -7.23 33.41 9.90
N ILE C 267 -8.49 33.51 10.32
CA ILE C 267 -9.25 34.73 10.13
C ILE C 267 -10.21 34.94 11.30
N PRO C 268 -10.39 36.17 11.80
CA PRO C 268 -11.37 36.39 12.87
C PRO C 268 -12.79 36.23 12.35
N GLN C 269 -13.62 35.56 13.14
CA GLN C 269 -14.99 35.23 12.74
C GLN C 269 -16.04 36.14 13.38
N ASP C 270 -15.63 37.25 13.98
CA ASP C 270 -16.56 38.20 14.58
C ASP C 270 -16.55 39.54 13.87
N ASN C 271 -15.90 39.64 12.71
CA ASN C 271 -15.76 40.89 11.96
C ASN C 271 -16.67 40.83 10.75
N ASP C 272 -17.68 41.71 10.72
CA ASP C 272 -18.64 41.70 9.63
C ASP C 272 -18.01 42.08 8.29
N LEU C 273 -17.03 42.99 8.30
CA LEU C 273 -16.44 43.43 7.04
C LEU C 273 -15.60 42.34 6.41
N ILE C 274 -14.89 41.56 7.22
CA ILE C 274 -14.14 40.41 6.70
C ILE C 274 -15.11 39.37 6.14
N LYS C 275 -16.21 39.12 6.86
CA LYS C 275 -17.20 38.18 6.36
C LYS C 275 -17.72 38.60 4.99
N ARG C 276 -17.99 39.90 4.80
CA ARG C 276 -18.46 40.37 3.51
C ARG C 276 -17.39 40.18 2.44
N GLN C 277 -16.11 40.38 2.80
CA GLN C 277 -15.02 40.16 1.85
C GLN C 277 -14.93 38.69 1.47
N THR C 278 -15.12 37.79 2.45
CA THR C 278 -15.07 36.36 2.17
C THR C 278 -16.21 35.95 1.24
N VAL C 279 -17.41 36.48 1.49
CA VAL C 279 -18.52 36.27 0.56
C VAL C 279 -18.18 36.82 -0.82
N LEU C 280 -17.58 38.01 -0.86
CA LEU C 280 -17.44 38.72 -2.13
C LEU C 280 -16.53 37.98 -3.10
N PHE C 281 -15.38 37.47 -2.63
CA PHE C 281 -14.47 36.83 -3.57
C PHE C 281 -15.02 35.50 -4.05
N PHE C 282 -15.86 34.83 -3.25
CA PHE C 282 -16.56 33.64 -3.71
C PHE C 282 -17.58 34.01 -4.80
N GLN C 283 -18.37 35.07 -4.55
CA GLN C 283 -19.32 35.55 -5.54
C GLN C 283 -18.62 35.89 -6.85
N ASN C 284 -17.52 36.65 -6.78
CA ASN C 284 -16.77 36.98 -7.98
C ASN C 284 -16.30 35.74 -8.70
N THR C 285 -15.73 34.78 -7.95
CA THR C 285 -15.15 33.60 -8.59
C THR C 285 -16.22 32.81 -9.32
N LEU C 286 -17.36 32.57 -8.66
CA LEU C 286 -18.43 31.81 -9.28
C LEU C 286 -18.99 32.54 -10.50
N GLN C 287 -19.08 33.87 -10.42
CA GLN C 287 -19.53 34.65 -11.57
C GLN C 287 -18.59 34.45 -12.77
N GLN C 288 -17.28 34.50 -12.53
CA GLN C 288 -16.34 34.33 -13.64
C GLN C 288 -16.42 32.94 -14.25
N ILE C 289 -16.66 31.92 -13.42
CA ILE C 289 -16.77 30.56 -13.93
C ILE C 289 -18.00 30.45 -14.84
N ALA C 290 -19.13 31.02 -14.41
CA ALA C 290 -20.36 30.89 -15.18
C ALA C 290 -20.28 31.63 -16.51
N THR C 291 -19.54 32.73 -16.58
CA THR C 291 -19.48 33.54 -17.79
C THR C 291 -18.28 33.24 -18.68
N SER C 292 -17.15 32.82 -18.11
CA SER C 292 -15.94 32.60 -18.89
C SER C 292 -15.58 31.15 -19.12
N VAL C 293 -16.15 30.21 -18.34
CA VAL C 293 -15.72 28.81 -18.43
C VAL C 293 -16.90 27.93 -18.87
N MET C 294 -17.90 27.77 -18.01
CA MET C 294 -19.07 27.00 -18.41
C MET C 294 -20.22 27.32 -17.47
N PRO C 295 -21.46 27.29 -17.95
CA PRO C 295 -22.60 27.54 -17.07
C PRO C 295 -22.86 26.36 -16.14
N VAL C 296 -23.70 26.61 -15.13
N VAL C 296 -23.72 26.64 -15.15
CA VAL C 296 -23.93 25.58 -14.12
CA VAL C 296 -24.06 25.66 -14.11
C VAL C 296 -24.71 24.38 -14.65
C VAL C 296 -24.63 24.39 -14.71
N THR C 297 -25.32 24.49 -15.84
CA THR C 297 -25.98 23.36 -16.46
C THR C 297 -25.03 22.48 -17.27
N ALA C 298 -23.78 22.88 -17.44
CA ALA C 298 -22.86 22.17 -18.31
C ALA C 298 -22.66 20.73 -17.84
N ASP C 299 -22.41 19.84 -18.81
CA ASP C 299 -22.22 18.42 -18.56
C ASP C 299 -20.74 18.19 -18.25
N LEU C 300 -20.38 18.30 -16.97
CA LEU C 300 -18.97 18.20 -16.60
C LEU C 300 -18.47 16.77 -16.72
N LYS C 301 -19.34 15.77 -16.53
CA LYS C 301 -18.96 14.40 -16.78
C LYS C 301 -18.41 14.24 -18.20
N ALA C 302 -19.13 14.76 -19.19
CA ALA C 302 -18.67 14.65 -20.57
C ALA C 302 -17.40 15.45 -20.80
N THR C 303 -17.36 16.69 -20.30
CA THR C 303 -16.16 17.52 -20.44
C THR C 303 -14.93 16.80 -19.90
N TYR C 304 -15.04 16.29 -18.67
CA TYR C 304 -13.91 15.60 -18.06
C TYR C 304 -13.49 14.40 -18.90
N ALA C 305 -14.45 13.65 -19.42
CA ALA C 305 -14.14 12.46 -20.21
C ALA C 305 -13.41 12.83 -21.50
N ASN C 306 -13.79 13.95 -22.12
CA ASN C 306 -13.14 14.38 -23.36
C ASN C 306 -11.67 14.70 -23.13
N ALA C 307 -11.32 15.18 -21.94
CA ALA C 307 -9.92 15.35 -21.54
C ALA C 307 -9.18 16.35 -22.41
N ASN C 308 -9.86 17.38 -22.90
CA ASN C 308 -9.19 18.42 -23.68
C ASN C 308 -8.29 19.26 -22.78
N GLY C 309 -7.17 19.71 -23.35
CA GLY C 309 -6.25 20.62 -22.69
C GLY C 309 -6.04 20.31 -21.23
N ASN C 310 -6.26 21.30 -20.36
CA ASN C 310 -6.11 21.14 -18.92
C ASN C 310 -7.47 21.07 -18.22
N ASP C 311 -8.51 20.61 -18.93
CA ASP C 311 -9.84 20.59 -18.35
C ASP C 311 -9.91 19.72 -17.11
N GLN C 312 -9.26 18.56 -17.13
CA GLN C 312 -9.34 17.65 -15.99
C GLN C 312 -8.73 18.27 -14.74
N SER C 313 -7.57 18.90 -14.87
N SER C 313 -7.56 18.89 -14.88
CA SER C 313 -6.96 19.55 -13.72
CA SER C 313 -6.94 19.56 -13.73
C SER C 313 -7.81 20.73 -13.25
C SER C 313 -7.81 20.73 -13.25
N PHE C 314 -8.42 21.47 -14.18
CA PHE C 314 -9.26 22.58 -13.79
C PHE C 314 -10.47 22.12 -12.99
N LEU C 315 -11.13 21.05 -13.45
CA LEU C 315 -12.32 20.58 -12.74
C LEU C 315 -11.94 19.98 -11.39
N GLN C 316 -10.79 19.30 -11.32
CA GLN C 316 -10.28 18.88 -10.02
C GLN C 316 -10.07 20.07 -9.09
N ASP C 317 -9.42 21.12 -9.60
CA ASP C 317 -9.15 22.28 -8.76
C ASP C 317 -10.43 23.02 -8.38
N LEU C 318 -11.42 23.04 -9.27
CA LEU C 318 -12.69 23.66 -8.93
C LEU C 318 -13.38 22.91 -7.80
N ALA C 319 -13.36 21.57 -7.87
CA ALA C 319 -13.93 20.77 -6.79
C ALA C 319 -13.23 21.05 -5.46
N MET C 320 -11.90 21.13 -5.48
CA MET C 320 -11.16 21.44 -4.26
C MET C 320 -11.52 22.83 -3.74
N PHE C 321 -11.65 23.81 -4.63
CA PHE C 321 -12.00 25.16 -4.21
C PHE C 321 -13.40 25.20 -3.60
N LEU C 322 -14.38 24.65 -4.31
CA LEU C 322 -15.76 24.70 -3.82
C LEU C 322 -15.89 23.97 -2.50
N THR C 323 -15.36 22.75 -2.40
CA THR C 323 -15.51 21.98 -1.16
C THR C 323 -14.77 22.65 -0.01
N THR C 324 -13.55 23.14 -0.26
CA THR C 324 -12.79 23.80 0.81
C THR C 324 -13.54 25.03 1.32
N TYR C 325 -13.98 25.90 0.41
CA TYR C 325 -14.64 27.13 0.83
C TYR C 325 -15.96 26.84 1.52
N LEU C 326 -16.77 25.94 0.94
CA LEU C 326 -18.11 25.72 1.49
C LEU C 326 -18.08 24.97 2.81
N ALA C 327 -17.10 24.08 3.01
CA ALA C 327 -16.99 23.41 4.30
C ALA C 327 -16.72 24.40 5.42
N ARG C 328 -16.06 25.51 5.11
CA ARG C 328 -15.74 26.51 6.12
C ARG C 328 -16.77 27.62 6.20
N ASN C 329 -17.31 28.08 5.07
CA ASN C 329 -17.99 29.37 5.01
C ASN C 329 -19.45 29.32 4.56
N ARG C 330 -20.04 28.15 4.34
CA ARG C 330 -21.37 28.14 3.74
C ARG C 330 -22.40 28.80 4.64
N ALA C 331 -22.18 28.79 5.96
CA ALA C 331 -23.09 29.52 6.85
C ALA C 331 -23.17 30.99 6.48
N LEU C 332 -22.07 31.57 5.99
CA LEU C 332 -22.10 32.96 5.53
C LEU C 332 -23.15 33.18 4.46
N LEU C 333 -23.51 32.14 3.70
CA LEU C 333 -24.41 32.26 2.58
C LEU C 333 -25.83 31.81 2.88
N GLU C 334 -26.09 31.27 4.07
CA GLU C 334 -27.33 30.54 4.32
C GLU C 334 -28.46 31.40 4.87
N SER C 335 -28.17 32.57 5.43
CA SER C 335 -29.20 33.42 6.02
C SER C 335 -29.64 34.54 5.08
N ASP C 336 -28.69 35.24 4.47
CA ASP C 336 -28.99 36.35 3.59
C ASP C 336 -29.66 35.84 2.31
N GLU C 337 -30.92 36.24 2.10
CA GLU C 337 -31.67 35.74 0.95
C GLU C 337 -31.08 36.21 -0.37
N SER C 338 -30.33 37.30 -0.38
CA SER C 338 -29.65 37.72 -1.61
C SER C 338 -28.47 36.83 -1.97
N LEU C 339 -28.05 35.95 -1.05
CA LEU C 339 -26.94 35.04 -1.30
C LEU C 339 -27.42 33.61 -1.58
N ARG C 340 -28.73 33.38 -1.61
CA ARG C 340 -29.24 32.02 -1.74
C ARG C 340 -28.91 31.43 -3.11
N GLU C 341 -29.06 32.23 -4.17
CA GLU C 341 -28.74 31.75 -5.51
C GLU C 341 -27.27 31.36 -5.61
N LEU C 342 -26.38 32.18 -5.03
CA LEU C 342 -24.96 31.85 -5.02
C LEU C 342 -24.72 30.53 -4.30
N LEU C 343 -25.33 30.36 -3.13
CA LEU C 343 -25.16 29.14 -2.35
C LEU C 343 -25.55 27.91 -3.16
N LEU C 344 -26.68 27.97 -3.85
CA LEU C 344 -27.20 26.80 -4.54
C LEU C 344 -26.50 26.57 -5.89
N ASN C 345 -26.11 27.65 -6.59
CA ASN C 345 -25.31 27.49 -7.79
C ASN C 345 -23.98 26.81 -7.48
N ALA C 346 -23.33 27.23 -6.40
CA ALA C 346 -22.08 26.59 -6.00
C ALA C 346 -22.29 25.09 -5.77
N HIS C 347 -23.37 24.74 -5.06
CA HIS C 347 -23.65 23.34 -4.81
C HIS C 347 -24.12 22.63 -6.09
N GLN C 348 -24.75 23.35 -7.01
CA GLN C 348 -25.13 22.71 -8.26
C GLN C 348 -23.91 22.36 -9.09
N TYR C 349 -22.88 23.21 -9.08
CA TYR C 349 -21.62 22.83 -9.71
C TYR C 349 -21.07 21.56 -9.07
N LEU C 350 -21.15 21.45 -7.75
CA LEU C 350 -20.64 20.25 -7.08
C LEU C 350 -21.45 19.02 -7.48
N ILE C 351 -22.77 19.15 -7.60
CA ILE C 351 -23.56 18.04 -8.11
C ILE C 351 -23.02 17.60 -9.46
N GLN C 352 -22.83 18.55 -10.37
CA GLN C 352 -22.33 18.22 -11.70
C GLN C 352 -20.94 17.59 -11.62
N LEU C 353 -20.07 18.14 -10.77
CA LEU C 353 -18.75 17.54 -10.60
C LEU C 353 -18.82 16.12 -10.06
N SER C 354 -19.84 15.82 -9.25
CA SER C 354 -19.96 14.51 -8.65
C SER C 354 -20.39 13.43 -9.63
N LYS C 355 -20.78 13.81 -10.84
CA LYS C 355 -21.14 12.84 -11.86
C LYS C 355 -19.96 12.40 -12.71
N ILE C 356 -18.80 13.06 -12.54
CA ILE C 356 -17.61 12.68 -13.29
C ILE C 356 -17.19 11.27 -12.93
N GLU C 357 -16.82 10.50 -13.96
CA GLU C 357 -16.24 9.17 -13.76
C GLU C 357 -14.76 9.36 -13.46
N GLU C 358 -14.45 9.50 -12.17
CA GLU C 358 -13.06 9.63 -11.71
C GLU C 358 -13.07 9.32 -10.22
N ARG C 359 -12.57 8.13 -9.88
CA ARG C 359 -12.76 7.61 -8.53
C ARG C 359 -12.24 8.56 -7.46
N GLU C 360 -11.02 9.10 -7.66
CA GLU C 360 -10.41 9.92 -6.62
C GLU C 360 -11.10 11.27 -6.49
N LEU C 361 -11.54 11.84 -7.61
CA LEU C 361 -12.31 13.08 -7.54
C LEU C 361 -13.66 12.85 -6.86
N PHE C 362 -14.30 11.71 -7.15
CA PHE C 362 -15.56 11.40 -6.48
C PHE C 362 -15.39 11.34 -4.97
N LYS C 363 -14.28 10.75 -4.51
CA LYS C 363 -14.03 10.69 -3.07
C LYS C 363 -13.87 12.08 -2.47
N THR C 364 -13.29 13.01 -3.23
CA THR C 364 -13.14 14.38 -2.75
C THR C 364 -14.50 15.04 -2.58
N THR C 365 -15.36 14.94 -3.60
CA THR C 365 -16.70 15.52 -3.49
C THR C 365 -17.52 14.78 -2.44
N LEU C 366 -17.36 13.45 -2.34
CA LEU C 366 -18.14 12.69 -1.39
C LEU C 366 -17.81 13.08 0.05
N ASP C 367 -16.52 13.30 0.34
CA ASP C 367 -16.14 13.82 1.65
C ASP C 367 -16.89 15.11 1.96
N TYR C 368 -17.01 16.00 0.98
CA TYR C 368 -17.75 17.22 1.22
C TYR C 368 -19.23 16.92 1.49
N TRP C 369 -19.83 16.07 0.65
CA TRP C 369 -21.25 15.77 0.85
C TRP C 369 -21.51 15.23 2.24
N HIS C 370 -20.60 14.39 2.74
CA HIS C 370 -20.71 13.89 4.11
C HIS C 370 -20.75 15.05 5.10
N ASN C 371 -19.83 16.00 4.95
CA ASN C 371 -19.83 17.18 5.80
C ASN C 371 -21.17 17.89 5.75
N LEU C 372 -21.72 18.08 4.55
CA LEU C 372 -22.99 18.78 4.42
C LEU C 372 -24.13 18.02 5.11
N VAL C 373 -24.35 16.76 4.72
CA VAL C 373 -25.58 16.08 5.16
C VAL C 373 -25.53 15.80 6.66
N ALA C 374 -24.35 15.56 7.22
CA ALA C 374 -24.24 15.47 8.68
C ALA C 374 -24.72 16.75 9.34
N ASP C 375 -24.33 17.91 8.80
CA ASP C 375 -24.75 19.18 9.39
C ASP C 375 -26.25 19.38 9.25
N LEU C 376 -26.84 19.01 8.10
CA LEU C 376 -28.27 19.14 7.92
C LEU C 376 -29.04 18.20 8.84
N PHE C 377 -28.42 17.07 9.21
CA PHE C 377 -29.05 16.11 10.09
C PHE C 377 -29.14 16.63 11.52
N TYR C 378 -28.18 17.45 11.94
CA TYR C 378 -28.10 17.92 13.32
C TYR C 378 -28.44 19.39 13.51
N GLU C 379 -28.27 20.22 12.48
CA GLU C 379 -28.34 21.67 12.65
C GLU C 379 -29.76 22.15 12.42
N PRO C 380 -30.39 22.83 13.37
CA PRO C 380 -31.77 23.28 13.18
C PRO C 380 -31.92 24.18 11.96
N LEU C 381 -33.03 23.99 11.24
CA LEU C 381 -33.54 24.93 10.24
C LEU C 381 -32.68 25.01 8.99
N LYS C 382 -31.78 24.05 8.75
CA LYS C 382 -30.91 24.10 7.58
C LYS C 382 -31.36 23.20 6.43
N LYS C 383 -31.99 22.06 6.72
CA LYS C 383 -32.16 21.05 5.66
C LYS C 383 -33.09 21.54 4.56
N HIS C 384 -34.07 22.39 4.87
CA HIS C 384 -35.00 22.84 3.84
C HIS C 384 -34.29 23.63 2.74
N ILE C 385 -33.19 24.30 3.07
CA ILE C 385 -32.45 25.08 2.08
C ILE C 385 -31.97 24.19 0.94
N TYR C 386 -31.56 22.97 1.26
CA TYR C 386 -30.84 22.11 0.33
C TYR C 386 -31.70 20.97 -0.21
N GLU C 387 -33.02 21.07 -0.11
CA GLU C 387 -33.89 19.95 -0.48
C GLU C 387 -33.61 19.49 -1.91
N GLU C 388 -33.49 20.42 -2.85
CA GLU C 388 -33.31 20.03 -4.25
C GLU C 388 -31.91 19.52 -4.52
N ILE C 389 -30.89 20.09 -3.86
CA ILE C 389 -29.54 19.54 -3.95
C ILE C 389 -29.52 18.11 -3.43
N CYS C 390 -30.13 17.88 -2.26
CA CYS C 390 -30.09 16.55 -1.66
C CYS C 390 -30.82 15.53 -2.50
N SER C 391 -31.92 15.94 -3.16
CA SER C 391 -32.65 15.02 -4.02
C SER C 391 -31.80 14.56 -5.19
N GLN C 392 -31.10 15.49 -5.83
CA GLN C 392 -30.16 15.11 -6.89
C GLN C 392 -29.04 14.24 -6.35
N LEU C 393 -28.56 14.53 -5.14
CA LEU C 393 -27.45 13.76 -4.59
C LEU C 393 -27.86 12.33 -4.33
N ARG C 394 -29.11 12.11 -3.89
CA ARG C 394 -29.60 10.75 -3.71
C ARG C 394 -29.41 9.93 -4.97
N LEU C 395 -29.79 10.50 -6.12
CA LEU C 395 -29.65 9.78 -7.38
C LEU C 395 -28.18 9.56 -7.73
N VAL C 396 -27.34 10.58 -7.51
CA VAL C 396 -25.92 10.44 -7.82
C VAL C 396 -25.31 9.28 -7.05
N ILE C 397 -25.57 9.23 -5.74
N ILE C 397 -25.58 9.21 -5.75
CA ILE C 397 -24.97 8.20 -4.90
CA ILE C 397 -24.94 8.18 -4.93
C ILE C 397 -25.50 6.83 -5.29
C ILE C 397 -25.50 6.80 -5.24
N ILE C 398 -26.81 6.70 -5.41
CA ILE C 398 -27.42 5.41 -5.73
C ILE C 398 -26.84 4.86 -7.03
N GLU C 399 -26.61 5.73 -8.01
CA GLU C 399 -26.14 5.28 -9.32
C GLU C 399 -24.64 5.01 -9.37
N ASN C 400 -23.87 5.47 -8.37
CA ASN C 400 -22.43 5.20 -8.31
C ASN C 400 -22.06 4.35 -7.11
N MET C 401 -23.03 3.65 -6.52
N MET C 401 -23.01 3.61 -6.55
CA MET C 401 -22.74 2.72 -5.46
CA MET C 401 -22.72 2.74 -5.41
C MET C 401 -21.71 1.70 -5.94
C MET C 401 -21.80 1.60 -5.84
N VAL C 402 -20.72 1.41 -5.10
CA VAL C 402 -19.70 0.42 -5.44
C VAL C 402 -19.90 -0.82 -4.58
N ARG C 403 -19.18 -1.89 -4.94
CA ARG C 403 -19.38 -3.20 -4.34
C ARG C 403 -19.06 -3.16 -2.84
N PRO C 404 -19.96 -3.64 -1.96
CA PRO C 404 -19.71 -3.53 -0.52
C PRO C 404 -18.74 -4.56 0.05
N GLU C 405 -18.71 -5.76 -0.52
CA GLU C 405 -17.99 -6.87 0.09
C GLU C 405 -16.79 -7.30 -0.73
N LYS C 423 -10.42 -9.03 -3.77
CA LYS C 423 -10.27 -8.18 -2.58
C LYS C 423 -9.81 -6.78 -2.97
N GLU C 424 -10.63 -5.78 -2.66
CA GLU C 424 -10.34 -4.39 -3.01
C GLU C 424 -10.72 -3.51 -1.82
N SER C 425 -9.72 -3.08 -1.05
CA SER C 425 -9.97 -2.29 0.15
C SER C 425 -10.27 -0.83 -0.19
N ASP C 426 -9.74 -0.31 -1.30
CA ASP C 426 -10.15 0.99 -1.78
C ASP C 426 -11.66 1.02 -2.01
N THR C 427 -12.21 -0.06 -2.57
CA THR C 427 -13.64 -0.14 -2.82
C THR C 427 -14.43 -0.31 -1.52
N ILE C 428 -13.88 -1.06 -0.56
CA ILE C 428 -14.57 -1.23 0.72
C ILE C 428 -14.75 0.12 1.41
N GLN C 429 -13.68 0.92 1.47
CA GLN C 429 -13.77 2.20 2.13
C GLN C 429 -14.76 3.12 1.43
N LEU C 430 -14.74 3.12 0.09
CA LEU C 430 -15.64 3.99 -0.65
C LEU C 430 -17.09 3.60 -0.42
N TYR C 431 -17.39 2.30 -0.33
CA TYR C 431 -18.76 1.87 -0.06
C TYR C 431 -19.23 2.38 1.30
N LYS C 432 -18.39 2.22 2.33
CA LYS C 432 -18.75 2.68 3.66
C LYS C 432 -19.01 4.18 3.67
N SER C 433 -18.20 4.95 2.93
CA SER C 433 -18.43 6.38 2.85
C SER C 433 -19.74 6.68 2.11
N GLU C 434 -20.00 5.97 1.02
CA GLU C 434 -21.25 6.16 0.29
C GLU C 434 -22.45 5.79 1.16
N ARG C 435 -22.36 4.67 1.88
CA ARG C 435 -23.43 4.26 2.76
C ARG C 435 -23.73 5.33 3.81
N GLU C 436 -22.67 5.89 4.40
CA GLU C 436 -22.86 6.89 5.45
C GLU C 436 -23.61 8.11 4.92
N VAL C 437 -23.23 8.59 3.73
CA VAL C 437 -23.92 9.75 3.16
C VAL C 437 -25.35 9.39 2.82
N LEU C 438 -25.58 8.18 2.29
CA LEU C 438 -26.93 7.82 1.87
C LEU C 438 -27.84 7.58 3.06
N VAL C 439 -27.29 7.09 4.18
CA VAL C 439 -28.08 6.94 5.40
C VAL C 439 -28.56 8.30 5.88
N TYR C 440 -27.64 9.27 5.95
CA TYR C 440 -28.05 10.63 6.30
C TYR C 440 -29.12 11.15 5.34
N LEU C 441 -28.92 10.94 4.03
CA LEU C 441 -29.88 11.44 3.05
C LEU C 441 -31.23 10.76 3.22
N THR C 442 -31.25 9.50 3.65
CA THR C 442 -32.51 8.82 3.86
C THR C 442 -33.25 9.39 5.07
N HIS C 443 -32.53 9.63 6.17
CA HIS C 443 -33.13 10.30 7.32
C HIS C 443 -33.68 11.67 6.92
N LEU C 444 -32.94 12.41 6.10
CA LEU C 444 -33.37 13.76 5.75
C LEU C 444 -34.67 13.77 4.95
N ASN C 445 -34.88 12.77 4.10
CA ASN C 445 -36.17 12.64 3.41
C ASN C 445 -36.36 11.17 3.02
N VAL C 446 -36.99 10.42 3.91
N VAL C 446 -36.95 10.41 3.94
CA VAL C 446 -37.16 8.98 3.70
CA VAL C 446 -37.18 8.98 3.69
C VAL C 446 -38.13 8.71 2.56
C VAL C 446 -38.03 8.79 2.45
N ILE C 447 -39.09 9.59 2.31
CA ILE C 447 -40.05 9.39 1.22
C ILE C 447 -39.37 9.52 -0.13
N ASP C 448 -38.59 10.59 -0.32
CA ASP C 448 -37.89 10.78 -1.58
C ASP C 448 -36.94 9.62 -1.87
N THR C 449 -36.22 9.16 -0.86
CA THR C 449 -35.28 8.06 -1.07
C THR C 449 -36.01 6.80 -1.56
N GLU C 450 -37.09 6.44 -0.89
CA GLU C 450 -37.84 5.25 -1.30
C GLU C 450 -38.32 5.39 -2.74
N GLU C 451 -38.86 6.56 -3.10
CA GLU C 451 -39.41 6.73 -4.43
C GLU C 451 -38.35 6.57 -5.50
N ILE C 452 -37.15 7.15 -5.29
CA ILE C 452 -36.08 6.99 -6.27
C ILE C 452 -35.74 5.52 -6.45
N MET C 453 -35.67 4.77 -5.35
CA MET C 453 -35.23 3.38 -5.45
C MET C 453 -36.27 2.52 -6.16
N ILE C 454 -37.54 2.67 -5.78
CA ILE C 454 -38.60 1.92 -6.46
C ILE C 454 -38.64 2.29 -7.94
N SER C 455 -38.49 3.58 -8.25
CA SER C 455 -38.48 4.01 -9.64
C SER C 455 -37.32 3.38 -10.40
N LYS C 456 -36.11 3.42 -9.83
CA LYS C 456 -34.97 2.77 -10.47
C LYS C 456 -35.27 1.30 -10.73
N LEU C 457 -35.93 0.64 -9.78
CA LEU C 457 -36.25 -0.77 -9.94
C LEU C 457 -37.15 -1.00 -11.14
N ALA C 458 -38.15 -0.13 -11.32
CA ALA C 458 -39.07 -0.28 -12.45
C ALA C 458 -38.31 -0.30 -13.76
N ARG C 459 -37.30 0.57 -13.90
CA ARG C 459 -36.53 0.64 -15.13
C ARG C 459 -35.53 -0.50 -15.26
N GLN C 460 -35.39 -1.35 -14.25
CA GLN C 460 -34.73 -2.63 -14.43
C GLN C 460 -35.68 -3.65 -15.05
N ILE C 461 -36.93 -3.65 -14.60
CA ILE C 461 -37.92 -4.57 -15.12
C ILE C 461 -38.30 -4.19 -16.55
N ASP C 462 -38.63 -2.92 -16.79
CA ASP C 462 -39.00 -2.51 -18.13
C ASP C 462 -37.82 -2.56 -19.11
N GLY C 463 -36.62 -2.91 -18.64
CA GLY C 463 -35.49 -3.11 -19.51
C GLY C 463 -34.78 -1.85 -19.98
N SER C 464 -35.27 -0.67 -19.62
CA SER C 464 -34.69 0.56 -20.16
C SER C 464 -33.33 0.88 -19.56
N GLU C 465 -33.04 0.41 -18.34
CA GLU C 465 -31.74 0.58 -17.72
C GLU C 465 -31.18 -0.76 -17.23
N TRP C 466 -31.69 -1.87 -17.75
CA TRP C 466 -31.27 -3.18 -17.27
C TRP C 466 -29.85 -3.49 -17.72
N SER C 467 -29.01 -3.85 -16.77
CA SER C 467 -27.70 -4.42 -17.05
C SER C 467 -27.21 -5.10 -15.78
N TRP C 468 -26.26 -6.01 -15.95
CA TRP C 468 -25.66 -6.66 -14.78
C TRP C 468 -25.11 -5.62 -13.80
N HIS C 469 -24.32 -4.67 -14.31
CA HIS C 469 -23.77 -3.63 -13.45
C HIS C 469 -24.87 -2.82 -12.77
N ASN C 470 -25.97 -2.55 -13.49
CA ASN C 470 -26.97 -1.62 -12.98
C ASN C 470 -27.87 -2.25 -11.93
N ILE C 471 -28.20 -3.54 -12.08
CA ILE C 471 -29.02 -4.17 -11.04
C ILE C 471 -28.19 -4.45 -9.80
N ASN C 472 -26.90 -4.74 -9.97
CA ASN C 472 -26.01 -4.89 -8.82
C ASN C 472 -25.89 -3.57 -8.06
N THR C 473 -25.62 -2.49 -8.78
CA THR C 473 -25.46 -1.18 -8.15
C THR C 473 -26.69 -0.82 -7.34
N LEU C 474 -27.88 -1.00 -7.90
CA LEU C 474 -29.11 -0.64 -7.21
C LEU C 474 -29.35 -1.53 -5.99
N SER C 475 -28.98 -2.81 -6.10
CA SER C 475 -29.18 -3.72 -4.97
C SER C 475 -28.28 -3.33 -3.80
N TRP C 476 -27.03 -2.95 -4.09
CA TRP C 476 -26.14 -2.49 -3.04
C TRP C 476 -26.67 -1.23 -2.37
N ALA C 477 -27.23 -0.32 -3.16
CA ALA C 477 -27.80 0.92 -2.60
C ALA C 477 -28.98 0.61 -1.69
N ILE C 478 -29.90 -0.22 -2.16
CA ILE C 478 -31.05 -0.60 -1.34
C ILE C 478 -30.59 -1.26 -0.04
N GLY C 479 -29.63 -2.17 -0.14
CA GLY C 479 -29.11 -2.82 1.07
C GLY C 479 -28.41 -1.87 2.01
N SER C 480 -27.89 -0.75 1.51
CA SER C 480 -27.05 0.11 2.33
C SER C 480 -27.85 0.97 3.32
N ILE C 481 -29.15 1.16 3.11
CA ILE C 481 -29.94 2.06 3.95
C ILE C 481 -30.74 1.31 5.01
N SER C 482 -30.51 0.01 5.17
N SER C 482 -30.50 0.01 5.18
CA SER C 482 -31.17 -0.75 6.22
CA SER C 482 -31.23 -0.74 6.19
C SER C 482 -31.02 -0.05 7.57
C SER C 482 -31.01 -0.13 7.57
N GLY C 483 -32.10 -0.02 8.34
CA GLY C 483 -32.08 0.59 9.64
C GLY C 483 -32.45 2.06 9.67
N THR C 484 -32.74 2.66 8.53
CA THR C 484 -33.12 4.07 8.47
C THR C 484 -34.63 4.28 8.44
N MET C 485 -35.37 3.39 7.80
CA MET C 485 -36.82 3.52 7.73
C MET C 485 -37.45 2.96 9.00
N SER C 486 -38.69 3.39 9.26
CA SER C 486 -39.48 2.74 10.28
C SER C 486 -39.69 1.28 9.91
N GLU C 487 -39.95 0.45 10.92
CA GLU C 487 -40.10 -0.98 10.66
C GLU C 487 -41.29 -1.24 9.75
N ASP C 488 -42.36 -0.47 9.90
CA ASP C 488 -43.53 -0.66 9.04
C ASP C 488 -43.24 -0.21 7.61
N THR C 489 -42.55 0.93 7.44
CA THR C 489 -42.16 1.36 6.09
C THR C 489 -41.16 0.38 5.50
N GLU C 490 -40.15 -0.01 6.28
CA GLU C 490 -39.20 -1.03 5.84
C GLU C 490 -39.94 -2.28 5.38
N LYS C 491 -40.93 -2.70 6.16
CA LYS C 491 -41.73 -3.88 5.82
C LYS C 491 -42.31 -3.76 4.41
N ARG C 492 -43.11 -2.72 4.17
CA ARG C 492 -43.67 -2.51 2.83
C ARG C 492 -42.57 -2.38 1.79
N PHE C 493 -41.51 -1.64 2.12
CA PHE C 493 -40.42 -1.42 1.17
C PHE C 493 -39.75 -2.73 0.79
N VAL C 494 -39.37 -3.52 1.79
CA VAL C 494 -38.70 -4.80 1.53
C VAL C 494 -39.58 -5.67 0.64
N VAL C 495 -40.84 -5.86 1.03
CA VAL C 495 -41.75 -6.69 0.23
C VAL C 495 -41.77 -6.22 -1.22
N THR C 496 -41.99 -4.92 -1.42
CA THR C 496 -42.00 -4.38 -2.78
C THR C 496 -40.74 -4.77 -3.53
N VAL C 497 -39.58 -4.55 -2.92
CA VAL C 497 -38.31 -4.84 -3.59
C VAL C 497 -38.20 -6.31 -3.92
N ILE C 498 -38.46 -7.18 -2.93
CA ILE C 498 -38.32 -8.62 -3.15
C ILE C 498 -39.27 -9.09 -4.25
N LYS C 499 -40.53 -8.67 -4.18
CA LYS C 499 -41.49 -8.99 -5.23
C LYS C 499 -40.93 -8.59 -6.60
N ASP C 500 -40.61 -7.30 -6.77
CA ASP C 500 -40.11 -6.83 -8.05
C ASP C 500 -38.87 -7.59 -8.48
N LEU C 501 -37.98 -7.90 -7.53
CA LEU C 501 -36.75 -8.60 -7.88
C LEU C 501 -37.02 -10.04 -8.28
N LEU C 502 -37.96 -10.70 -7.59
CA LEU C 502 -38.32 -12.07 -7.95
C LEU C 502 -38.91 -12.12 -9.36
N GLY C 503 -39.90 -11.26 -9.64
CA GLY C 503 -40.44 -11.19 -10.97
C GLY C 503 -39.38 -10.85 -12.01
N LEU C 504 -38.38 -10.05 -11.62
CA LEU C 504 -37.30 -9.72 -12.53
C LEU C 504 -36.47 -10.95 -12.87
N CYS C 505 -36.19 -11.80 -11.88
CA CYS C 505 -35.44 -13.02 -12.14
C CYS C 505 -36.25 -13.99 -13.01
N GLU C 506 -37.52 -14.18 -12.64
CA GLU C 506 -38.39 -15.07 -13.40
C GLU C 506 -38.41 -14.70 -14.88
N GLN C 507 -38.37 -13.40 -15.18
CA GLN C 507 -38.57 -12.94 -16.56
C GLN C 507 -37.31 -13.05 -17.42
N LYS C 508 -36.14 -13.26 -16.83
CA LYS C 508 -34.90 -13.33 -17.60
C LYS C 508 -34.61 -14.76 -18.03
N ARG C 509 -33.92 -14.89 -19.16
CA ARG C 509 -33.54 -16.18 -19.71
C ARG C 509 -32.10 -16.51 -19.38
N GLY C 510 -31.81 -17.81 -19.28
CA GLY C 510 -30.44 -18.27 -19.09
C GLY C 510 -29.96 -18.20 -17.67
N LYS C 511 -29.08 -19.14 -17.30
CA LYS C 511 -28.55 -19.17 -15.94
C LYS C 511 -27.75 -17.93 -15.60
N ASP C 512 -27.10 -17.33 -16.60
CA ASP C 512 -26.25 -16.17 -16.34
C ASP C 512 -27.06 -15.00 -15.79
N ASN C 513 -28.13 -14.63 -16.49
CA ASN C 513 -28.99 -13.55 -16.00
C ASN C 513 -29.68 -13.95 -14.71
N LYS C 514 -30.27 -15.15 -14.66
CA LYS C 514 -30.95 -15.59 -13.45
C LYS C 514 -30.00 -15.68 -12.27
N ALA C 515 -28.73 -15.99 -12.51
CA ALA C 515 -27.76 -16.04 -11.42
C ALA C 515 -27.56 -14.65 -10.82
N VAL C 516 -27.30 -13.66 -11.66
CA VAL C 516 -27.04 -12.30 -11.19
C VAL C 516 -28.20 -11.80 -10.32
N VAL C 517 -29.43 -12.03 -10.78
CA VAL C 517 -30.58 -11.47 -10.08
C VAL C 517 -30.86 -12.23 -8.79
N ALA C 518 -30.73 -13.56 -8.81
CA ALA C 518 -30.93 -14.34 -7.58
C ALA C 518 -29.90 -13.96 -6.53
N SER C 519 -28.67 -13.65 -6.95
CA SER C 519 -27.66 -13.20 -6.01
C SER C 519 -28.05 -11.88 -5.37
N ASP C 520 -28.38 -10.89 -6.20
CA ASP C 520 -28.81 -9.59 -5.67
C ASP C 520 -29.99 -9.76 -4.72
N ILE C 521 -30.93 -10.65 -5.05
CA ILE C 521 -32.06 -10.90 -4.16
C ILE C 521 -31.55 -11.34 -2.80
N MET C 522 -30.64 -12.31 -2.77
CA MET C 522 -30.14 -12.77 -1.48
C MET C 522 -29.33 -11.70 -0.78
N TYR C 523 -28.64 -10.85 -1.53
CA TYR C 523 -27.88 -9.78 -0.88
C TYR C 523 -28.80 -8.83 -0.13
N VAL C 524 -29.85 -8.34 -0.80
CA VAL C 524 -30.80 -7.45 -0.15
C VAL C 524 -31.35 -8.11 1.11
N VAL C 525 -31.78 -9.37 1.00
CA VAL C 525 -32.37 -10.06 2.13
C VAL C 525 -31.41 -10.10 3.30
N GLY C 526 -30.14 -10.41 3.04
CA GLY C 526 -29.15 -10.46 4.11
C GLY C 526 -28.90 -9.14 4.78
N GLN C 527 -29.30 -8.03 4.15
CA GLN C 527 -29.09 -6.71 4.73
C GLN C 527 -30.23 -6.24 5.62
N TYR C 528 -31.34 -6.97 5.67
CA TYR C 528 -32.51 -6.57 6.45
C TYR C 528 -32.86 -7.63 7.49
N PRO C 529 -31.97 -7.86 8.45
CA PRO C 529 -32.27 -8.87 9.49
C PRO C 529 -33.48 -8.50 10.33
N ARG C 530 -33.80 -7.21 10.47
CA ARG C 530 -34.97 -6.81 11.23
C ARG C 530 -36.23 -7.41 10.63
N PHE C 531 -36.37 -7.35 9.30
CA PHE C 531 -37.47 -8.00 8.62
C PHE C 531 -37.45 -9.51 8.86
N LEU C 532 -36.28 -10.12 8.68
CA LEU C 532 -36.17 -11.57 8.86
C LEU C 532 -36.57 -11.97 10.27
N LYS C 533 -36.14 -11.21 11.27
CA LYS C 533 -36.41 -11.60 12.66
C LYS C 533 -37.90 -11.60 12.97
N ALA C 534 -38.69 -10.79 12.25
CA ALA C 534 -40.12 -10.68 12.52
C ALA C 534 -40.98 -11.51 11.59
N HIS C 535 -40.39 -12.15 10.58
CA HIS C 535 -41.15 -12.92 9.59
C HIS C 535 -40.50 -14.32 9.49
N TRP C 536 -40.77 -15.15 10.49
CA TRP C 536 -40.12 -16.46 10.56
C TRP C 536 -40.37 -17.28 9.30
N ASN C 537 -41.64 -17.43 8.92
CA ASN C 537 -41.94 -18.20 7.72
C ASN C 537 -41.12 -17.72 6.54
N PHE C 538 -40.90 -16.42 6.43
CA PHE C 538 -40.05 -15.89 5.38
C PHE C 538 -38.59 -16.31 5.58
N LEU C 539 -38.04 -16.05 6.77
CA LEU C 539 -36.67 -16.45 7.07
C LEU C 539 -36.46 -17.93 6.77
N ARG C 540 -37.39 -18.77 7.19
N ARG C 540 -37.39 -18.78 7.20
CA ARG C 540 -37.28 -20.21 6.94
CA ARG C 540 -37.28 -20.21 6.94
C ARG C 540 -37.19 -20.49 5.45
C ARG C 540 -37.18 -20.49 5.45
N THR C 541 -38.07 -19.87 4.66
CA THR C 541 -38.07 -20.10 3.22
C THR C 541 -36.77 -19.61 2.59
N VAL C 542 -36.27 -18.47 3.07
CA VAL C 542 -34.98 -17.95 2.63
C VAL C 542 -33.91 -19.02 2.79
N ILE C 543 -33.75 -19.53 4.01
CA ILE C 543 -32.68 -20.48 4.30
C ILE C 543 -32.81 -21.71 3.43
N LEU C 544 -34.02 -22.27 3.33
CA LEU C 544 -34.23 -23.47 2.54
C LEU C 544 -33.91 -23.23 1.08
N LYS C 545 -34.13 -22.02 0.58
CA LYS C 545 -33.74 -21.72 -0.79
C LYS C 545 -32.22 -21.71 -0.94
N LEU C 546 -31.52 -21.10 0.02
CA LEU C 546 -30.06 -21.15 0.01
C LEU C 546 -29.57 -22.60 -0.01
N PHE C 547 -30.20 -23.48 0.77
CA PHE C 547 -29.81 -24.88 0.76
C PHE C 547 -29.97 -25.49 -0.63
N GLU C 548 -31.10 -25.19 -1.30
CA GLU C 548 -31.26 -25.62 -2.69
C GLU C 548 -30.13 -25.09 -3.54
N PHE C 549 -29.76 -23.82 -3.36
CA PHE C 549 -28.70 -23.21 -4.16
C PHE C 549 -27.35 -23.85 -3.89
N MET C 550 -27.16 -24.50 -2.74
CA MET C 550 -25.88 -25.16 -2.46
C MET C 550 -25.66 -26.39 -3.34
N HIS C 551 -26.65 -26.76 -4.16
CA HIS C 551 -26.50 -27.81 -5.15
C HIS C 551 -26.34 -27.27 -6.57
N GLU C 552 -26.52 -25.96 -6.75
CA GLU C 552 -26.40 -25.36 -8.07
C GLU C 552 -24.93 -25.21 -8.46
N THR C 553 -24.58 -25.76 -9.61
CA THR C 553 -23.19 -25.77 -10.05
C THR C 553 -22.79 -24.57 -10.88
N HIS C 554 -23.71 -23.66 -11.18
CA HIS C 554 -23.33 -22.44 -11.89
C HIS C 554 -22.32 -21.67 -11.06
N GLU C 555 -21.26 -21.23 -11.72
CA GLU C 555 -20.15 -20.56 -11.04
C GLU C 555 -20.66 -19.45 -10.12
N GLY C 556 -20.36 -19.60 -8.82
CA GLY C 556 -20.62 -18.57 -7.85
C GLY C 556 -21.87 -18.77 -7.02
N VAL C 557 -22.82 -19.57 -7.50
CA VAL C 557 -24.08 -19.73 -6.77
C VAL C 557 -23.83 -20.36 -5.41
N GLN C 558 -22.95 -21.36 -5.35
CA GLN C 558 -22.69 -22.04 -4.09
C GLN C 558 -21.96 -21.12 -3.11
N ASP C 559 -20.94 -20.40 -3.57
CA ASP C 559 -20.28 -19.43 -2.70
C ASP C 559 -21.26 -18.40 -2.18
N MET C 560 -22.13 -17.89 -3.05
CA MET C 560 -23.12 -16.90 -2.62
C MET C 560 -24.07 -17.49 -1.59
N ALA C 561 -24.46 -18.75 -1.76
CA ALA C 561 -25.41 -19.37 -0.84
C ALA C 561 -24.79 -19.51 0.56
N CYS C 562 -23.52 -19.94 0.63
CA CYS C 562 -22.89 -20.13 1.93
C CYS C 562 -22.64 -18.80 2.62
N ASP C 563 -22.12 -17.81 1.88
CA ASP C 563 -21.85 -16.51 2.47
C ASP C 563 -23.13 -15.88 3.02
N THR C 564 -24.23 -15.95 2.27
CA THR C 564 -25.49 -15.42 2.76
C THR C 564 -25.96 -16.17 4.00
N PHE C 565 -25.77 -17.49 4.02
CA PHE C 565 -26.23 -18.30 5.15
C PHE C 565 -25.58 -17.84 6.44
N ILE C 566 -24.24 -17.78 6.48
CA ILE C 566 -23.57 -17.42 7.73
C ILE C 566 -23.85 -15.96 8.07
N LYS C 567 -24.01 -15.10 7.07
CA LYS C 567 -24.31 -13.70 7.32
C LYS C 567 -25.65 -13.54 8.03
N ILE C 568 -26.68 -14.24 7.54
CA ILE C 568 -27.99 -14.20 8.19
C ILE C 568 -27.91 -14.78 9.60
N VAL C 569 -27.14 -15.87 9.77
CA VAL C 569 -27.07 -16.53 11.07
C VAL C 569 -26.46 -15.60 12.11
N GLN C 570 -25.37 -14.89 11.74
CA GLN C 570 -24.73 -14.00 12.69
C GLN C 570 -25.69 -12.97 13.26
N LYS C 571 -26.69 -12.57 12.49
CA LYS C 571 -27.63 -11.53 12.89
C LYS C 571 -28.92 -12.07 13.49
N CYS C 572 -29.33 -13.29 13.12
CA CYS C 572 -30.63 -13.82 13.48
C CYS C 572 -30.52 -15.14 14.25
N LYS C 573 -29.33 -15.45 14.77
CA LYS C 573 -29.07 -16.75 15.39
C LYS C 573 -30.14 -17.14 16.39
N TYR C 574 -30.65 -16.18 17.17
CA TYR C 574 -31.63 -16.51 18.22
C TYR C 574 -32.86 -17.21 17.66
N HIS C 575 -33.26 -16.88 16.43
CA HIS C 575 -34.45 -17.49 15.83
C HIS C 575 -34.19 -18.90 15.32
N PHE C 576 -32.95 -19.36 15.32
CA PHE C 576 -32.63 -20.74 14.98
C PHE C 576 -32.55 -21.65 16.18
N VAL C 577 -32.36 -21.09 17.38
CA VAL C 577 -32.12 -21.88 18.58
C VAL C 577 -33.38 -22.05 19.42
N ILE C 578 -34.35 -21.14 19.32
CA ILE C 578 -35.63 -21.32 20.00
C ILE C 578 -36.53 -22.21 19.16
N GLN C 579 -37.51 -22.82 19.82
CA GLN C 579 -38.60 -23.47 19.12
C GLN C 579 -39.60 -22.42 18.68
N GLN C 580 -39.80 -22.30 17.37
CA GLN C 580 -40.64 -21.26 16.82
C GLN C 580 -42.11 -21.72 16.82
N PRO C 581 -43.06 -20.81 17.04
CA PRO C 581 -44.47 -21.21 16.97
C PRO C 581 -44.77 -21.98 15.70
N ARG C 582 -45.57 -23.04 15.83
CA ARG C 582 -45.99 -23.90 14.73
C ARG C 582 -44.85 -24.76 14.19
N GLU C 583 -43.73 -24.84 14.89
CA GLU C 583 -42.66 -25.76 14.56
C GLU C 583 -42.50 -26.78 15.69
N SER C 584 -42.05 -27.98 15.33
CA SER C 584 -41.91 -29.06 16.31
C SER C 584 -40.49 -29.18 16.86
N GLU C 585 -39.61 -28.24 16.53
CA GLU C 585 -38.25 -28.25 17.06
C GLU C 585 -37.50 -27.00 16.66
N PRO C 586 -36.49 -26.58 17.43
CA PRO C 586 -35.63 -25.49 16.96
C PRO C 586 -35.03 -25.81 15.60
N PHE C 587 -35.05 -24.82 14.71
CA PHE C 587 -34.62 -25.06 13.34
C PHE C 587 -33.19 -25.57 13.25
N ILE C 588 -32.36 -25.30 14.25
CA ILE C 588 -30.98 -25.79 14.23
C ILE C 588 -30.94 -27.31 14.17
N GLN C 589 -31.90 -27.97 14.85
CA GLN C 589 -31.97 -29.43 14.76
C GLN C 589 -32.28 -29.87 13.34
N THR C 590 -33.16 -29.15 12.65
CA THR C 590 -33.50 -29.52 11.28
C THR C 590 -32.32 -29.35 10.35
N ILE C 591 -31.53 -28.29 10.54
CA ILE C 591 -30.33 -28.10 9.73
C ILE C 591 -29.36 -29.27 9.94
N ILE C 592 -29.17 -29.67 11.20
CA ILE C 592 -28.18 -30.70 11.51
C ILE C 592 -28.61 -32.04 10.92
N ARG C 593 -29.88 -32.41 11.10
CA ARG C 593 -30.35 -33.71 10.62
C ARG C 593 -30.02 -33.92 9.15
N ASP C 594 -30.11 -32.87 8.33
CA ASP C 594 -29.96 -32.98 6.89
C ASP C 594 -28.62 -32.45 6.39
N ILE C 595 -27.64 -32.27 7.28
CA ILE C 595 -26.44 -31.56 6.89
C ILE C 595 -25.70 -32.29 5.78
N GLN C 596 -25.70 -33.63 5.80
CA GLN C 596 -24.97 -34.38 4.78
C GLN C 596 -25.52 -34.08 3.39
N LYS C 597 -26.83 -34.20 3.22
CA LYS C 597 -27.45 -33.86 1.94
C LYS C 597 -27.20 -32.40 1.59
N THR C 598 -27.43 -31.50 2.54
CA THR C 598 -27.35 -30.07 2.26
C THR C 598 -25.97 -29.70 1.70
N THR C 599 -24.92 -30.30 2.23
CA THR C 599 -23.55 -29.92 1.89
C THR C 599 -22.88 -30.88 0.92
N ALA C 600 -23.63 -31.85 0.38
CA ALA C 600 -23.01 -32.93 -0.39
C ALA C 600 -22.24 -32.41 -1.60
N ASP C 601 -22.69 -31.32 -2.21
CA ASP C 601 -22.09 -30.80 -3.43
C ASP C 601 -21.15 -29.62 -3.19
N LEU C 602 -20.87 -29.30 -1.93
CA LEU C 602 -20.00 -28.17 -1.60
C LEU C 602 -18.55 -28.61 -1.53
N GLN C 603 -17.66 -27.68 -1.88
CA GLN C 603 -16.24 -27.90 -1.69
C GLN C 603 -15.90 -27.84 -0.20
N PRO C 604 -14.77 -28.43 0.21
CA PRO C 604 -14.42 -28.40 1.64
C PRO C 604 -14.50 -27.02 2.27
N GLN C 605 -13.91 -26.00 1.64
CA GLN C 605 -13.94 -24.65 2.20
C GLN C 605 -15.36 -24.21 2.51
N GLN C 606 -16.30 -24.52 1.62
CA GLN C 606 -17.69 -24.10 1.83
C GLN C 606 -18.37 -24.94 2.90
N VAL C 607 -18.03 -26.22 3.01
CA VAL C 607 -18.57 -27.06 4.08
C VAL C 607 -18.19 -26.49 5.43
N HIS C 608 -16.94 -26.02 5.56
CA HIS C 608 -16.46 -25.50 6.84
C HIS C 608 -17.21 -24.23 7.22
N THR C 609 -17.42 -23.33 6.26
CA THR C 609 -18.26 -22.17 6.51
C THR C 609 -19.63 -22.58 7.04
N PHE C 610 -20.21 -23.65 6.47
CA PHE C 610 -21.52 -24.12 6.91
C PHE C 610 -21.47 -24.58 8.36
N TYR C 611 -20.47 -25.40 8.71
CA TYR C 611 -20.32 -25.84 10.09
C TYR C 611 -20.05 -24.67 11.03
N LYS C 612 -19.23 -23.72 10.60
CA LYS C 612 -19.01 -22.54 11.43
C LYS C 612 -20.32 -21.81 11.70
N ALA C 613 -21.16 -21.65 10.69
CA ALA C 613 -22.45 -21.01 10.89
C ALA C 613 -23.29 -21.79 11.90
N CYS C 614 -23.23 -23.13 11.86
CA CYS C 614 -23.96 -23.92 12.82
C CYS C 614 -23.42 -23.71 14.23
N GLY C 615 -22.10 -23.53 14.37
CA GLY C 615 -21.52 -23.27 15.67
C GLY C 615 -21.95 -21.95 16.27
N ILE C 616 -22.17 -20.93 15.44
CA ILE C 616 -22.71 -19.66 15.93
C ILE C 616 -24.06 -19.89 16.59
N ILE C 617 -24.96 -20.59 15.90
CA ILE C 617 -26.28 -20.87 16.46
C ILE C 617 -26.15 -21.63 17.77
N ILE C 618 -25.37 -22.71 17.76
CA ILE C 618 -25.30 -23.60 18.92
C ILE C 618 -24.82 -22.85 20.16
N SER C 619 -23.90 -21.90 19.99
CA SER C 619 -23.39 -21.17 21.15
C SER C 619 -24.43 -20.25 21.77
N GLU C 620 -25.53 -19.96 21.08
CA GLU C 620 -26.62 -19.21 21.69
C GLU C 620 -27.51 -20.07 22.57
N GLU C 621 -27.35 -21.39 22.53
CA GLU C 621 -28.04 -22.28 23.46
C GLU C 621 -27.30 -22.26 24.78
N ARG C 622 -27.93 -21.72 25.82
CA ARG C 622 -27.27 -21.52 27.10
C ARG C 622 -27.46 -22.66 28.08
N SER C 623 -28.42 -23.56 27.85
CA SER C 623 -28.46 -24.81 28.59
C SER C 623 -27.31 -25.69 28.14
N VAL C 624 -26.44 -26.05 29.09
CA VAL C 624 -25.20 -26.74 28.74
C VAL C 624 -25.50 -28.10 28.11
N ALA C 625 -26.43 -28.86 28.71
CA ALA C 625 -26.70 -30.21 28.20
C ALA C 625 -27.24 -30.17 26.78
N GLU C 626 -28.07 -29.17 26.47
CA GLU C 626 -28.61 -29.07 25.12
C GLU C 626 -27.56 -28.56 24.14
N ARG C 627 -26.69 -27.66 24.59
CA ARG C 627 -25.63 -27.16 23.72
C ARG C 627 -24.65 -28.27 23.38
N ASN C 628 -24.23 -29.04 24.38
CA ASN C 628 -23.28 -30.13 24.14
C ASN C 628 -23.88 -31.20 23.25
N ARG C 629 -25.19 -31.46 23.39
CA ARG C 629 -25.85 -32.45 22.53
C ARG C 629 -25.90 -31.97 21.09
N LEU C 630 -26.31 -30.71 20.88
CA LEU C 630 -26.23 -30.13 19.54
C LEU C 630 -24.81 -30.20 18.99
N LEU C 631 -23.83 -29.88 19.83
CA LEU C 631 -22.43 -29.92 19.38
C LEU C 631 -22.03 -31.31 18.93
N SER C 632 -22.35 -32.33 19.74
CA SER C 632 -21.98 -33.70 19.36
C SER C 632 -22.76 -34.15 18.12
N ASP C 633 -24.00 -33.70 17.96
CA ASP C 633 -24.76 -34.03 16.76
C ASP C 633 -24.18 -33.33 15.54
N LEU C 634 -23.80 -32.06 15.67
CA LEU C 634 -23.19 -31.36 14.54
C LEU C 634 -21.92 -32.05 14.08
N MET C 635 -21.10 -32.53 15.01
CA MET C 635 -19.81 -33.12 14.69
C MET C 635 -19.90 -34.61 14.39
N GLN C 636 -21.12 -35.15 14.21
CA GLN C 636 -21.26 -36.59 14.01
C GLN C 636 -20.46 -37.08 12.82
N LEU C 637 -20.66 -36.44 11.65
CA LEU C 637 -19.96 -36.90 10.45
C LEU C 637 -18.45 -36.79 10.59
N PRO C 638 -17.87 -35.63 10.91
CA PRO C 638 -16.41 -35.58 11.11
C PRO C 638 -15.92 -36.50 12.21
N ASN C 639 -16.70 -36.71 13.27
CA ASN C 639 -16.25 -37.58 14.36
C ASN C 639 -16.22 -39.04 13.92
N MET C 640 -17.16 -39.45 13.06
CA MET C 640 -17.16 -40.82 12.57
C MET C 640 -16.00 -41.05 11.60
N ALA C 641 -15.81 -40.14 10.64
CA ALA C 641 -14.64 -40.22 9.78
C ALA C 641 -13.36 -40.23 10.60
N TRP C 642 -13.36 -39.48 11.71
CA TRP C 642 -12.17 -39.39 12.55
C TRP C 642 -11.88 -40.72 13.25
N ASP C 643 -12.89 -41.29 13.93
CA ASP C 643 -12.69 -42.57 14.60
C ASP C 643 -12.18 -43.62 13.62
N THR C 644 -12.84 -43.73 12.47
CA THR C 644 -12.38 -44.63 11.41
C THR C 644 -10.88 -44.48 11.17
N ILE C 645 -10.43 -43.28 10.79
CA ILE C 645 -9.05 -43.12 10.37
C ILE C 645 -8.09 -43.35 11.53
N VAL C 646 -8.48 -43.00 12.76
CA VAL C 646 -7.61 -43.28 13.89
C VAL C 646 -7.45 -44.79 14.07
N GLU C 647 -8.48 -45.57 13.70
CA GLU C 647 -8.37 -47.02 13.75
C GLU C 647 -7.48 -47.55 12.63
N GLN C 648 -7.53 -46.90 11.46
CA GLN C 648 -6.79 -47.39 10.30
C GLN C 648 -5.35 -46.92 10.33
N SER C 649 -5.14 -45.59 10.34
CA SER C 649 -3.79 -45.05 10.32
C SER C 649 -2.96 -45.53 11.49
N THR C 650 -3.59 -46.05 12.56
CA THR C 650 -2.83 -46.63 13.65
C THR C 650 -2.45 -48.08 13.36
N ALA C 651 -3.35 -48.85 12.76
CA ALA C 651 -3.06 -50.23 12.41
C ALA C 651 -2.07 -50.33 11.27
N ASN C 652 -1.95 -49.29 10.44
CA ASN C 652 -0.98 -49.28 9.34
C ASN C 652 -0.57 -47.85 9.07
N PRO C 653 0.43 -47.34 9.80
CA PRO C 653 0.90 -45.96 9.57
C PRO C 653 1.24 -45.62 8.13
N THR C 654 1.37 -46.63 7.25
CA THR C 654 1.64 -46.33 5.85
C THR C 654 0.46 -45.64 5.18
N LEU C 655 -0.76 -45.93 5.62
CA LEU C 655 -1.94 -45.33 5.01
C LEU C 655 -1.82 -43.82 4.92
N LEU C 656 -1.14 -43.20 5.88
CA LEU C 656 -0.97 -41.75 5.87
C LEU C 656 -0.15 -41.26 4.69
N LEU C 657 0.56 -42.13 3.98
CA LEU C 657 1.18 -41.72 2.73
C LEU C 657 0.15 -41.59 1.62
N ASP C 658 -1.04 -42.18 1.79
CA ASP C 658 -2.14 -42.01 0.84
C ASP C 658 -2.60 -40.55 0.89
N SER C 659 -2.36 -39.82 -0.20
CA SER C 659 -2.74 -38.41 -0.26
C SER C 659 -4.22 -38.22 0.02
N GLU C 660 -5.06 -39.20 -0.34
CA GLU C 660 -6.49 -39.05 -0.12
C GLU C 660 -6.84 -39.11 1.37
N THR C 661 -6.17 -39.97 2.12
CA THR C 661 -6.40 -40.04 3.56
C THR C 661 -5.86 -38.79 4.24
N VAL C 662 -4.70 -38.30 3.80
CA VAL C 662 -4.14 -37.07 4.36
C VAL C 662 -5.12 -35.92 4.19
N LYS C 663 -5.72 -35.81 3.00
CA LYS C 663 -6.66 -34.72 2.74
C LYS C 663 -7.93 -34.87 3.57
N ILE C 664 -8.41 -36.10 3.71
CA ILE C 664 -9.57 -36.34 4.58
C ILE C 664 -9.26 -35.88 5.99
N ILE C 665 -8.07 -36.21 6.50
CA ILE C 665 -7.70 -35.84 7.86
C ILE C 665 -7.66 -34.32 8.02
N ALA C 666 -7.01 -33.64 7.07
CA ALA C 666 -6.89 -32.19 7.16
C ALA C 666 -8.27 -31.53 7.19
N ASN C 667 -9.20 -32.02 6.38
CA ASN C 667 -10.53 -31.43 6.34
C ASN C 667 -11.32 -31.71 7.61
N ILE C 668 -11.09 -32.85 8.27
CA ILE C 668 -11.69 -33.09 9.57
C ILE C 668 -11.19 -32.05 10.57
N ILE C 669 -9.88 -31.84 10.62
CA ILE C 669 -9.32 -30.86 11.56
C ILE C 669 -9.84 -29.48 11.22
N LYS C 670 -9.87 -29.13 9.92
CA LYS C 670 -10.37 -27.83 9.52
C LYS C 670 -11.83 -27.63 9.93
N THR C 671 -12.63 -28.70 9.91
CA THR C 671 -14.00 -28.57 10.37
C THR C 671 -14.04 -28.25 11.86
N ASN C 672 -13.20 -28.92 12.65
CA ASN C 672 -13.11 -28.61 14.07
C ASN C 672 -12.65 -27.18 14.30
N VAL C 673 -11.67 -26.71 13.53
CA VAL C 673 -11.24 -25.31 13.64
C VAL C 673 -12.41 -24.38 13.38
N ALA C 674 -13.18 -24.66 12.32
CA ALA C 674 -14.27 -23.77 11.94
C ALA C 674 -15.31 -23.67 13.05
N VAL C 675 -15.67 -24.81 13.66
CA VAL C 675 -16.66 -24.79 14.73
C VAL C 675 -16.06 -24.17 15.98
N CYS C 676 -14.81 -24.50 16.30
CA CYS C 676 -14.17 -23.89 17.46
C CYS C 676 -14.07 -22.38 17.32
N THR C 677 -13.88 -21.89 16.09
CA THR C 677 -13.76 -20.46 15.89
C THR C 677 -15.01 -19.72 16.35
N SER C 678 -16.19 -20.29 16.07
CA SER C 678 -17.43 -19.63 16.43
C SER C 678 -17.92 -19.97 17.84
N MET C 679 -17.49 -21.10 18.40
CA MET C 679 -17.96 -21.52 19.71
C MET C 679 -16.99 -21.21 20.85
N GLY C 680 -15.70 -21.09 20.54
CA GLY C 680 -14.72 -20.74 21.56
C GLY C 680 -14.75 -21.63 22.79
N ALA C 681 -15.00 -21.01 23.95
CA ALA C 681 -14.99 -21.75 25.22
C ALA C 681 -15.94 -22.94 25.18
N ASP C 682 -17.09 -22.80 24.50
CA ASP C 682 -18.08 -23.87 24.46
C ASP C 682 -17.62 -25.08 23.66
N PHE C 683 -16.51 -24.97 22.92
CA PHE C 683 -16.05 -26.07 22.07
C PHE C 683 -15.35 -27.16 22.88
N TYR C 684 -15.05 -26.92 24.15
CA TYR C 684 -14.22 -27.82 24.93
C TYR C 684 -14.67 -29.28 24.88
N PRO C 685 -15.96 -29.61 24.97
CA PRO C 685 -16.33 -31.03 24.94
C PRO C 685 -15.91 -31.73 23.65
N GLN C 686 -16.04 -31.05 22.51
CA GLN C 686 -15.60 -31.66 21.25
C GLN C 686 -14.08 -31.79 21.21
N LEU C 687 -13.36 -30.77 21.70
CA LEU C 687 -11.91 -30.89 21.77
C LEU C 687 -11.51 -32.11 22.59
N GLY C 688 -12.20 -32.33 23.72
CA GLY C 688 -11.89 -33.48 24.55
C GLY C 688 -12.14 -34.81 23.85
N HIS C 689 -13.09 -34.84 22.91
CA HIS C 689 -13.38 -36.07 22.20
C HIS C 689 -12.19 -36.53 21.36
N ILE C 690 -11.45 -35.57 20.79
CA ILE C 690 -10.40 -35.88 19.83
C ILE C 690 -8.99 -35.62 20.36
N TYR C 691 -8.85 -34.97 21.52
CA TYR C 691 -7.58 -34.33 21.87
C TYR C 691 -6.43 -35.33 21.87
N TYR C 692 -6.55 -36.39 22.67
CA TYR C 692 -5.42 -37.28 22.87
C TYR C 692 -5.03 -38.00 21.58
N ASN C 693 -6.01 -38.49 20.83
CA ASN C 693 -5.69 -39.14 19.56
C ASN C 693 -5.17 -38.14 18.54
N MET C 694 -5.60 -36.87 18.64
CA MET C 694 -5.10 -35.86 17.73
C MET C 694 -3.61 -35.62 17.93
N LEU C 695 -3.17 -35.52 19.19
CA LEU C 695 -1.75 -35.31 19.44
C LEU C 695 -0.94 -36.55 19.07
N GLN C 696 -1.50 -37.75 19.24
CA GLN C 696 -0.84 -38.94 18.75
C GLN C 696 -0.68 -38.89 17.23
N LEU C 697 -1.72 -38.43 16.53
CA LEU C 697 -1.61 -38.25 15.09
C LEU C 697 -0.53 -37.23 14.76
N TYR C 698 -0.47 -36.13 15.51
CA TYR C 698 0.58 -35.13 15.33
C TYR C 698 1.95 -35.78 15.36
N ARG C 699 2.17 -36.69 16.32
CA ARG C 699 3.47 -37.36 16.42
C ARG C 699 3.70 -38.30 15.23
N ALA C 700 2.67 -39.03 14.82
CA ALA C 700 2.83 -39.97 13.72
C ALA C 700 3.16 -39.25 12.42
N VAL C 701 2.44 -38.16 12.12
N VAL C 701 2.41 -38.19 12.11
CA VAL C 701 2.75 -37.40 10.91
CA VAL C 701 2.72 -37.37 10.94
C VAL C 701 4.10 -36.73 11.03
C VAL C 701 4.13 -36.80 11.06
N SER C 702 4.51 -36.36 12.26
CA SER C 702 5.85 -35.82 12.45
C SER C 702 6.91 -36.83 12.08
N SER C 703 6.71 -38.09 12.47
CA SER C 703 7.66 -39.14 12.11
C SER C 703 7.74 -39.31 10.60
N MET C 704 6.58 -39.30 9.93
CA MET C 704 6.56 -39.50 8.48
C MET C 704 7.29 -38.38 7.75
N ILE C 705 7.07 -37.13 8.17
CA ILE C 705 7.79 -36.01 7.57
C ILE C 705 9.29 -36.23 7.73
N SER C 706 9.74 -36.53 8.94
CA SER C 706 11.17 -36.75 9.17
C SER C 706 11.68 -37.88 8.29
N ALA C 707 10.97 -39.00 8.25
CA ALA C 707 11.40 -40.14 7.43
C ALA C 707 11.54 -39.74 5.97
N GLN C 708 10.60 -38.94 5.46
CA GLN C 708 10.67 -38.52 4.06
C GLN C 708 11.86 -37.61 3.81
N VAL C 709 12.13 -36.68 4.72
CA VAL C 709 13.29 -35.80 4.55
C VAL C 709 14.57 -36.62 4.57
N ALA C 710 14.62 -37.65 5.39
CA ALA C 710 15.81 -38.50 5.45
C ALA C 710 16.02 -39.26 4.14
N ALA C 711 14.94 -39.77 3.56
CA ALA C 711 15.06 -40.60 2.36
C ALA C 711 15.23 -39.78 1.09
N GLU C 712 14.67 -38.56 1.04
CA GLU C 712 14.65 -37.78 -0.18
C GLU C 712 15.41 -36.45 -0.10
N GLY C 713 15.87 -36.04 1.07
CA GLY C 713 16.53 -34.76 1.21
C GLY C 713 15.56 -33.62 1.47
N LEU C 714 16.13 -32.44 1.66
CA LEU C 714 15.32 -31.25 1.94
C LEU C 714 14.23 -31.03 0.90
N ILE C 715 14.48 -31.42 -0.35
CA ILE C 715 13.47 -31.20 -1.39
C ILE C 715 12.15 -31.88 -1.03
N ALA C 716 12.18 -32.85 -0.12
CA ALA C 716 10.94 -33.49 0.33
C ALA C 716 9.93 -32.47 0.83
N THR C 717 10.40 -31.41 1.50
CA THR C 717 9.48 -30.45 2.08
C THR C 717 8.65 -29.73 1.03
N LYS C 718 9.09 -29.73 -0.23
CA LYS C 718 8.34 -29.12 -1.31
C LYS C 718 7.31 -30.06 -1.94
N THR C 719 7.42 -31.36 -1.68
CA THR C 719 6.55 -32.33 -2.34
C THR C 719 5.11 -32.20 -1.83
N PRO C 720 4.13 -32.57 -2.67
CA PRO C 720 2.74 -32.55 -2.20
C PRO C 720 2.49 -33.46 -1.00
N LYS C 721 3.14 -34.62 -0.95
CA LYS C 721 2.95 -35.53 0.18
C LYS C 721 3.29 -34.85 1.50
N VAL C 722 4.49 -34.26 1.58
CA VAL C 722 4.96 -33.68 2.83
C VAL C 722 4.18 -32.41 3.17
N ARG C 723 3.89 -31.57 2.17
CA ARG C 723 3.07 -30.40 2.43
C ARG C 723 1.71 -30.80 2.98
N GLY C 724 1.13 -31.88 2.45
CA GLY C 724 -0.12 -32.38 3.01
C GLY C 724 0.03 -32.84 4.44
N LEU C 725 1.14 -33.50 4.76
CA LEU C 725 1.39 -33.92 6.14
C LEU C 725 1.58 -32.72 7.05
N ARG C 726 2.33 -31.71 6.61
CA ARG C 726 2.54 -30.53 7.43
C ARG C 726 1.26 -29.75 7.62
N THR C 727 0.37 -29.76 6.62
CA THR C 727 -0.94 -29.13 6.80
C THR C 727 -1.66 -29.71 7.99
N ILE C 728 -1.61 -31.04 8.15
CA ILE C 728 -2.21 -31.67 9.33
C ILE C 728 -1.63 -31.07 10.61
N LYS C 729 -0.31 -30.97 10.67
CA LYS C 729 0.34 -30.42 11.86
C LYS C 729 -0.10 -28.98 12.10
N LYS C 730 -0.14 -28.16 11.05
CA LYS C 730 -0.49 -26.76 11.22
C LYS C 730 -1.94 -26.59 11.67
N GLU C 731 -2.85 -27.41 11.12
CA GLU C 731 -4.25 -27.30 11.49
C GLU C 731 -4.49 -27.77 12.92
N ILE C 732 -3.75 -28.79 13.37
CA ILE C 732 -3.82 -29.20 14.77
C ILE C 732 -3.37 -28.06 15.67
N LEU C 733 -2.24 -27.43 15.33
CA LEU C 733 -1.77 -26.30 16.13
C LEU C 733 -2.77 -25.17 16.11
N LYS C 734 -3.34 -24.86 14.95
CA LYS C 734 -4.33 -23.80 14.85
C LYS C 734 -5.56 -24.11 15.71
N LEU C 735 -5.98 -25.37 15.74
CA LEU C 735 -7.13 -25.75 16.54
C LEU C 735 -6.87 -25.51 18.02
N VAL C 736 -5.70 -25.93 18.52
CA VAL C 736 -5.39 -25.73 19.93
C VAL C 736 -5.24 -24.26 20.24
N GLU C 737 -4.55 -23.53 19.36
CA GLU C 737 -4.39 -22.09 19.56
C GLU C 737 -5.75 -21.40 19.59
N THR C 738 -6.64 -21.78 18.68
CA THR C 738 -7.95 -21.15 18.62
C THR C 738 -8.73 -21.41 19.91
N TYR C 739 -8.72 -22.65 20.41
CA TYR C 739 -9.44 -22.92 21.64
C TYR C 739 -8.83 -22.18 22.82
N ILE C 740 -7.52 -22.30 23.01
CA ILE C 740 -6.89 -21.73 24.20
C ILE C 740 -7.03 -20.22 24.22
N SER C 741 -7.01 -19.57 23.05
CA SER C 741 -7.14 -18.12 23.02
C SER C 741 -8.52 -17.66 23.48
N LYS C 742 -9.51 -18.56 23.49
CA LYS C 742 -10.87 -18.22 23.90
C LYS C 742 -11.32 -18.94 25.17
N ALA C 743 -10.50 -19.83 25.72
CA ALA C 743 -10.94 -20.63 26.86
C ALA C 743 -11.25 -19.74 28.06
N ARG C 744 -12.28 -20.12 28.81
CA ARG C 744 -12.62 -19.47 30.06
C ARG C 744 -12.19 -20.27 31.29
N ASN C 745 -12.11 -21.59 31.18
CA ASN C 745 -11.63 -22.45 32.27
C ASN C 745 -10.15 -22.71 32.03
N LEU C 746 -9.31 -21.89 32.67
CA LEU C 746 -7.88 -21.99 32.49
C LEU C 746 -7.26 -23.08 33.35
N ASP C 747 -7.94 -23.50 34.43
CA ASP C 747 -7.48 -24.66 35.16
C ASP C 747 -7.43 -25.90 34.28
N ASP C 748 -8.48 -26.10 33.46
CA ASP C 748 -8.49 -27.24 32.54
C ASP C 748 -7.41 -27.09 31.48
N VAL C 749 -7.20 -25.88 30.96
CA VAL C 749 -6.14 -25.67 29.98
C VAL C 749 -4.81 -26.14 30.55
N VAL C 750 -4.50 -25.71 31.77
CA VAL C 750 -3.21 -26.04 32.37
C VAL C 750 -3.14 -27.53 32.72
N LYS C 751 -4.21 -28.08 33.29
CA LYS C 751 -4.14 -29.42 33.86
C LYS C 751 -4.33 -30.52 32.83
N VAL C 752 -5.05 -30.24 31.73
CA VAL C 752 -5.42 -31.26 30.76
C VAL C 752 -4.73 -31.05 29.42
N LEU C 753 -4.63 -29.81 28.95
CA LEU C 753 -4.19 -29.57 27.58
C LEU C 753 -2.69 -29.36 27.46
N VAL C 754 -2.08 -28.58 28.35
CA VAL C 754 -0.75 -28.03 28.08
C VAL C 754 0.31 -29.13 28.06
N GLU C 755 0.38 -29.94 29.12
CA GLU C 755 1.46 -30.91 29.21
C GLU C 755 1.48 -31.87 28.03
N PRO C 756 0.38 -32.50 27.63
CA PRO C 756 0.41 -33.29 26.40
C PRO C 756 0.83 -32.48 25.18
N LEU C 757 0.37 -31.23 25.09
CA LEU C 757 0.73 -30.39 23.94
C LEU C 757 2.24 -30.19 23.87
N LEU C 758 2.85 -29.71 24.96
CA LEU C 758 4.29 -29.46 24.95
C LEU C 758 5.08 -30.73 24.66
N ASN C 759 4.67 -31.85 25.26
CA ASN C 759 5.36 -33.11 24.99
C ASN C 759 5.26 -33.50 23.52
N ALA C 760 4.20 -33.07 22.84
CA ALA C 760 4.00 -33.46 21.45
C ALA C 760 4.74 -32.58 20.46
N VAL C 761 4.94 -31.30 20.77
CA VAL C 761 5.39 -30.35 19.76
C VAL C 761 6.82 -29.85 20.00
N LEU C 762 7.31 -29.80 21.23
CA LEU C 762 8.55 -29.07 21.50
C LEU C 762 9.77 -29.84 21.03
N GLU C 763 9.92 -31.10 21.46
CA GLU C 763 11.06 -31.89 21.02
C GLU C 763 11.07 -32.03 19.50
N ASP C 764 9.91 -32.30 18.91
CA ASP C 764 9.82 -32.46 17.45
C ASP C 764 10.32 -31.20 16.73
N TYR C 765 9.98 -30.02 17.25
CA TYR C 765 10.48 -28.78 16.66
C TYR C 765 12.00 -28.68 16.82
N MET C 766 12.49 -28.92 18.04
CA MET C 766 13.90 -28.75 18.32
C MET C 766 14.77 -29.69 17.48
N ASN C 767 14.32 -30.92 17.29
CA ASN C 767 15.14 -31.96 16.71
C ASN C 767 14.86 -32.19 15.21
N ASN C 768 14.01 -31.38 14.61
CA ASN C 768 13.90 -31.35 13.15
C ASN C 768 14.97 -30.42 12.58
N VAL C 769 15.36 -30.69 11.34
CA VAL C 769 16.27 -29.79 10.65
C VAL C 769 15.53 -28.48 10.42
N PRO C 770 16.22 -27.35 10.27
CA PRO C 770 15.53 -26.06 10.16
C PRO C 770 14.40 -26.02 9.12
N ASP C 771 14.62 -26.58 7.92
CA ASP C 771 13.61 -26.50 6.88
C ASP C 771 12.34 -27.28 7.19
N ALA C 772 12.34 -28.11 8.23
CA ALA C 772 11.16 -28.89 8.60
C ALA C 772 10.46 -28.36 9.85
N ARG C 773 10.95 -27.28 10.43
CA ARG C 773 10.33 -26.71 11.61
C ARG C 773 9.16 -25.81 11.21
N ASP C 774 8.02 -25.99 11.87
CA ASP C 774 6.84 -25.19 11.59
C ASP C 774 6.84 -23.95 12.48
N ALA C 775 6.86 -22.77 11.85
CA ALA C 775 6.75 -21.53 12.61
C ALA C 775 5.46 -21.45 13.40
N GLU C 776 4.43 -22.20 12.96
CA GLU C 776 3.17 -22.23 13.70
C GLU C 776 3.37 -22.76 15.12
N VAL C 777 4.39 -23.57 15.36
CA VAL C 777 4.69 -23.99 16.73
C VAL C 777 4.94 -22.78 17.60
N LEU C 778 5.74 -21.84 17.11
CA LEU C 778 6.01 -20.62 17.87
C LEU C 778 4.73 -19.84 18.12
N ASN C 779 3.88 -19.71 17.10
CA ASN C 779 2.63 -18.97 17.25
C ASN C 779 1.74 -19.63 18.30
N CYS C 780 1.61 -20.95 18.23
CA CYS C 780 0.82 -21.66 19.23
C CYS C 780 1.37 -21.42 20.63
N MET C 781 2.69 -21.53 20.79
CA MET C 781 3.29 -21.32 22.11
C MET C 781 3.05 -19.89 22.61
N THR C 782 3.03 -18.91 21.70
CA THR C 782 2.76 -17.54 22.11
C THR C 782 1.40 -17.42 22.77
N THR C 783 0.39 -18.10 22.21
CA THR C 783 -0.95 -18.06 22.80
C THR C 783 -0.98 -18.80 24.14
N VAL C 784 -0.28 -19.92 24.24
CA VAL C 784 -0.21 -20.62 25.53
C VAL C 784 0.35 -19.71 26.61
N VAL C 785 1.49 -19.07 26.33
CA VAL C 785 2.11 -18.19 27.31
C VAL C 785 1.19 -17.03 27.64
N GLU C 786 0.60 -16.41 26.61
CA GLU C 786 -0.30 -15.29 26.82
C GLU C 786 -1.39 -15.64 27.82
N LYS C 787 -2.04 -16.78 27.64
CA LYS C 787 -3.26 -17.09 28.39
C LYS C 787 -2.99 -17.75 29.74
N VAL C 788 -2.00 -18.62 29.82
CA VAL C 788 -1.77 -19.36 31.06
C VAL C 788 -0.30 -19.35 31.44
N GLY C 789 0.48 -18.45 30.84
CA GLY C 789 1.90 -18.41 31.14
C GLY C 789 2.18 -18.21 32.62
N HIS C 790 1.38 -17.38 33.29
CA HIS C 790 1.57 -17.14 34.71
C HIS C 790 1.40 -18.40 35.54
N MET C 791 0.71 -19.43 35.02
CA MET C 791 0.44 -20.64 35.77
C MET C 791 1.38 -21.80 35.46
N ILE C 792 2.26 -21.67 34.47
CA ILE C 792 3.12 -22.77 34.05
C ILE C 792 4.57 -22.31 33.98
N PRO C 793 5.15 -21.81 35.07
CA PRO C 793 6.54 -21.33 34.99
C PRO C 793 7.52 -22.37 34.48
N GLN C 794 7.37 -23.63 34.85
CA GLN C 794 8.25 -24.67 34.32
C GLN C 794 7.95 -24.96 32.86
N GLY C 795 6.69 -24.82 32.45
CA GLY C 795 6.36 -25.00 31.05
C GLY C 795 6.98 -23.94 30.16
N VAL C 796 7.02 -22.70 30.65
CA VAL C 796 7.64 -21.62 29.88
C VAL C 796 9.14 -21.87 29.73
N ILE C 797 9.81 -22.28 30.81
CA ILE C 797 11.22 -22.64 30.73
C ILE C 797 11.43 -23.70 29.67
N LEU C 798 10.55 -24.70 29.61
CA LEU C 798 10.71 -25.77 28.65
C LEU C 798 10.53 -25.26 27.22
N ILE C 799 9.61 -24.32 27.02
CA ILE C 799 9.43 -23.71 25.71
C ILE C 799 10.73 -23.04 25.26
N LEU C 800 11.28 -22.16 26.11
CA LEU C 800 12.52 -21.48 25.76
C LEU C 800 13.62 -22.47 25.42
N GLN C 801 13.78 -23.50 26.27
CA GLN C 801 14.86 -24.45 26.06
C GLN C 801 14.75 -25.12 24.69
N SER C 802 13.53 -25.35 24.23
CA SER C 802 13.30 -26.14 23.02
C SER C 802 13.29 -25.30 21.74
N VAL C 803 12.99 -24.01 21.81
CA VAL C 803 12.85 -23.20 20.61
C VAL C 803 13.83 -22.02 20.56
N PHE C 804 14.40 -21.58 21.67
CA PHE C 804 15.09 -20.30 21.68
C PHE C 804 16.37 -20.35 20.85
N GLU C 805 17.35 -21.15 21.27
CA GLU C 805 18.64 -21.15 20.61
C GLU C 805 18.53 -21.67 19.18
N CYS C 806 17.77 -22.73 18.94
CA CYS C 806 17.71 -23.28 17.60
C CYS C 806 16.97 -22.37 16.63
N THR C 807 15.98 -21.61 17.10
CA THR C 807 15.33 -20.63 16.22
C THR C 807 16.24 -19.43 16.00
N LEU C 808 16.92 -18.96 17.05
CA LEU C 808 17.83 -17.84 16.88
C LEU C 808 18.92 -18.15 15.84
N ASP C 809 19.42 -19.37 15.84
CA ASP C 809 20.45 -19.75 14.87
C ASP C 809 19.92 -19.76 13.45
N MET C 810 18.61 -19.95 13.27
CA MET C 810 18.02 -19.91 11.93
C MET C 810 17.99 -18.49 11.36
N ILE C 811 17.83 -17.48 12.22
CA ILE C 811 17.47 -16.13 11.78
C ILE C 811 18.58 -15.12 12.01
N ASN C 812 19.73 -15.52 12.55
CA ASN C 812 20.76 -14.56 12.92
C ASN C 812 21.94 -14.55 11.94
N LYS C 813 21.75 -15.03 10.72
CA LYS C 813 22.78 -14.94 9.69
C LYS C 813 22.47 -13.91 8.62
N ASP C 814 21.20 -13.57 8.43
CA ASP C 814 20.79 -12.49 7.55
C ASP C 814 19.43 -12.01 8.03
N PHE C 815 18.84 -11.06 7.29
CA PHE C 815 17.56 -10.50 7.66
C PHE C 815 16.40 -11.07 6.86
N THR C 816 16.63 -12.05 6.00
CA THR C 816 15.60 -12.49 5.05
C THR C 816 15.15 -13.93 5.22
N GLU C 817 16.06 -14.86 5.53
CA GLU C 817 15.67 -16.26 5.56
C GLU C 817 14.70 -16.54 6.71
N TYR C 818 13.79 -17.48 6.48
CA TYR C 818 12.82 -17.94 7.48
C TYR C 818 12.00 -16.76 8.00
N PRO C 819 11.32 -16.03 7.11
CA PRO C 819 10.62 -14.80 7.55
C PRO C 819 9.54 -15.05 8.59
N GLU C 820 8.80 -16.16 8.51
CA GLU C 820 7.73 -16.40 9.46
C GLU C 820 8.29 -16.75 10.83
N HIS C 821 9.34 -17.56 10.89
CA HIS C 821 9.97 -17.88 12.17
C HIS C 821 10.48 -16.62 12.84
N ARG C 822 11.11 -15.75 12.06
CA ARG C 822 11.57 -14.45 12.55
C ARG C 822 10.48 -13.70 13.28
N VAL C 823 9.33 -13.52 12.63
CA VAL C 823 8.24 -12.74 13.20
C VAL C 823 7.68 -13.43 14.45
N GLU C 824 7.42 -14.74 14.35
CA GLU C 824 6.82 -15.45 15.48
C GLU C 824 7.80 -15.57 16.64
N PHE C 825 9.10 -15.65 16.34
CA PHE C 825 10.12 -15.74 17.37
C PHE C 825 10.05 -14.57 18.33
N TYR C 826 10.01 -13.35 17.80
CA TYR C 826 10.03 -12.17 18.65
C TYR C 826 8.68 -11.90 19.30
N LYS C 827 7.58 -12.34 18.66
CA LYS C 827 6.29 -12.31 19.35
C LYS C 827 6.33 -13.19 20.59
N LEU C 828 6.97 -14.36 20.49
CA LEU C 828 7.04 -15.27 21.62
C LEU C 828 7.92 -14.70 22.73
N LEU C 829 9.11 -14.20 22.37
CA LEU C 829 9.98 -13.59 23.37
C LEU C 829 9.27 -12.42 24.05
N LYS C 830 8.54 -11.61 23.29
CA LYS C 830 7.85 -10.47 23.87
C LYS C 830 6.87 -10.92 24.95
N VAL C 831 6.06 -11.94 24.67
CA VAL C 831 5.05 -12.34 25.64
C VAL C 831 5.69 -13.06 26.82
N ILE C 832 6.76 -13.82 26.58
CA ILE C 832 7.47 -14.44 27.70
C ILE C 832 8.06 -13.37 28.60
N ASN C 833 8.63 -12.32 28.01
CA ASN C 833 9.17 -11.21 28.78
C ASN C 833 8.07 -10.46 29.53
N GLU C 834 6.85 -10.46 28.99
CA GLU C 834 5.72 -9.80 29.66
C GLU C 834 5.18 -10.64 30.81
N LYS C 835 4.94 -11.93 30.58
CA LYS C 835 4.14 -12.75 31.47
C LYS C 835 4.94 -13.70 32.34
N SER C 836 6.17 -14.02 31.98
CA SER C 836 6.96 -14.98 32.74
CA SER C 836 6.96 -14.99 32.70
C SER C 836 8.44 -14.59 32.66
N PHE C 837 8.73 -13.35 33.05
CA PHE C 837 10.10 -12.87 33.03
C PHE C 837 11.03 -13.77 33.84
N ALA C 838 10.49 -14.49 34.83
CA ALA C 838 11.32 -15.38 35.62
C ALA C 838 12.03 -16.41 34.77
N ALA C 839 11.45 -16.78 33.61
CA ALA C 839 12.07 -17.78 32.76
C ALA C 839 13.40 -17.28 32.20
N PHE C 840 13.54 -15.98 31.96
CA PHE C 840 14.82 -15.44 31.52
C PHE C 840 15.81 -15.36 32.67
N LEU C 841 15.32 -15.21 33.90
CA LEU C 841 16.22 -15.24 35.06
C LEU C 841 16.87 -16.60 35.21
N GLU C 842 16.18 -17.67 34.83
CA GLU C 842 16.74 -19.01 34.97
C GLU C 842 17.75 -19.35 33.88
N LEU C 843 17.80 -18.57 32.79
CA LEU C 843 18.72 -18.87 31.72
C LEU C 843 20.15 -18.84 32.25
N PRO C 844 21.01 -19.78 31.84
CA PRO C 844 22.42 -19.66 32.18
C PRO C 844 23.00 -18.40 31.56
N PRO C 845 24.03 -17.81 32.18
CA PRO C 845 24.51 -16.50 31.71
C PRO C 845 24.76 -16.43 30.21
N ALA C 846 25.32 -17.49 29.61
CA ALA C 846 25.59 -17.46 28.17
C ALA C 846 24.31 -17.38 27.36
N ALA C 847 23.22 -17.99 27.84
CA ALA C 847 21.96 -17.94 27.11
C ALA C 847 21.27 -16.60 27.28
N PHE C 848 21.39 -15.99 28.47
CA PHE C 848 20.87 -14.64 28.66
C PHE C 848 21.61 -13.65 27.76
N LYS C 849 22.91 -13.87 27.53
CA LYS C 849 23.63 -13.00 26.61
C LYS C 849 23.08 -13.13 25.19
N LEU C 850 22.76 -14.35 24.77
CA LEU C 850 22.14 -14.54 23.46
C LEU C 850 20.79 -13.82 23.41
N PHE C 851 20.05 -13.83 24.52
CA PHE C 851 18.79 -13.11 24.59
C PHE C 851 19.01 -11.62 24.31
N VAL C 852 20.04 -11.02 24.90
CA VAL C 852 20.32 -9.61 24.66
C VAL C 852 20.74 -9.40 23.20
N ASP C 853 21.63 -10.25 22.69
CA ASP C 853 22.02 -10.17 21.29
C ASP C 853 20.80 -10.26 20.37
N ALA C 854 19.85 -11.15 20.71
CA ALA C 854 18.67 -11.31 19.87
C ALA C 854 17.84 -10.02 19.84
N ILE C 855 17.69 -9.37 20.99
CA ILE C 855 16.93 -8.12 21.03
C ILE C 855 17.56 -7.08 20.11
N CYS C 856 18.88 -6.88 20.24
CA CYS C 856 19.56 -5.89 19.43
C CYS C 856 19.52 -6.27 17.96
N TRP C 857 19.66 -7.56 17.66
CA TRP C 857 19.45 -8.04 16.29
C TRP C 857 18.10 -7.60 15.75
N ALA C 858 17.08 -7.57 16.61
CA ALA C 858 15.76 -7.11 16.17
C ALA C 858 15.77 -5.63 15.86
N PHE C 859 16.51 -4.82 16.64
CA PHE C 859 16.64 -3.40 16.34
C PHE C 859 16.97 -3.16 14.88
N LYS C 860 17.92 -3.93 14.36
CA LYS C 860 18.55 -3.65 13.08
C LYS C 860 17.72 -4.15 11.90
N HIS C 861 16.59 -4.77 12.16
CA HIS C 861 15.69 -5.17 11.08
C HIS C 861 14.98 -3.95 10.51
N ASN C 862 14.85 -3.92 9.19
CA ASN C 862 13.96 -2.97 8.55
C ASN C 862 12.53 -3.49 8.53
N ASN C 863 12.35 -4.80 8.65
CA ASN C 863 11.03 -5.40 8.76
C ASN C 863 10.32 -4.86 10.00
N ARG C 864 9.22 -4.14 9.77
CA ARG C 864 8.50 -3.52 10.88
C ARG C 864 7.96 -4.56 11.86
N ASP C 865 7.56 -5.73 11.36
CA ASP C 865 7.01 -6.77 12.21
C ASP C 865 8.06 -7.41 13.11
N VAL C 866 9.33 -7.04 12.97
CA VAL C 866 10.40 -7.47 13.87
C VAL C 866 10.94 -6.30 14.68
N GLU C 867 11.18 -5.17 14.01
CA GLU C 867 11.82 -4.02 14.66
C GLU C 867 10.98 -3.52 15.84
N VAL C 868 9.67 -3.45 15.66
CA VAL C 868 8.80 -2.89 16.69
C VAL C 868 8.81 -3.77 17.93
N ASN C 869 8.68 -5.09 17.74
CA ASN C 869 8.71 -6.00 18.88
C ASN C 869 10.07 -5.96 19.56
N GLY C 870 11.15 -5.85 18.78
CA GLY C 870 12.47 -5.80 19.37
C GLY C 870 12.66 -4.60 20.28
N LEU C 871 12.18 -3.44 19.83
CA LEU C 871 12.28 -2.23 20.65
C LEU C 871 11.39 -2.32 21.87
N GLN C 872 10.23 -2.97 21.75
CA GLN C 872 9.32 -3.12 22.89
C GLN C 872 9.88 -4.15 23.87
N ILE C 873 10.51 -5.22 23.38
CA ILE C 873 11.16 -6.16 24.28
C ILE C 873 12.24 -5.46 25.08
N ALA C 874 13.05 -4.62 24.42
CA ALA C 874 14.11 -3.91 25.10
C ALA C 874 13.54 -3.03 26.21
N LEU C 875 12.48 -2.27 25.89
CA LEU C 875 11.87 -1.40 26.89
C LEU C 875 11.28 -2.21 28.04
N ASP C 876 10.50 -3.25 27.72
CA ASP C 876 9.93 -4.11 28.76
C ASP C 876 11.03 -4.73 29.62
N LEU C 877 12.14 -5.12 28.99
CA LEU C 877 13.23 -5.74 29.74
C LEU C 877 13.84 -4.76 30.74
N VAL C 878 14.12 -3.53 30.29
CA VAL C 878 14.66 -2.52 31.19
C VAL C 878 13.71 -2.31 32.37
N LYS C 879 12.41 -2.27 32.10
CA LYS C 879 11.43 -2.12 33.18
C LYS C 879 11.44 -3.34 34.10
N ASN C 880 11.51 -4.54 33.54
CA ASN C 880 11.57 -5.74 34.37
C ASN C 880 12.79 -5.68 35.30
N ILE C 881 13.95 -5.29 34.77
CA ILE C 881 15.16 -5.20 35.58
C ILE C 881 14.98 -4.13 36.67
N GLU C 882 14.46 -2.97 36.28
CA GLU C 882 14.23 -1.91 37.26
C GLU C 882 13.33 -2.39 38.39
N ARG C 883 12.30 -3.18 38.06
CA ARG C 883 11.37 -3.66 39.07
C ARG C 883 12.05 -4.51 40.14
N MET C 884 13.21 -5.09 39.84
CA MET C 884 13.87 -5.98 40.78
C MET C 884 14.55 -5.24 41.92
N GLY C 885 14.73 -3.92 41.81
CA GLY C 885 15.40 -3.19 42.86
C GLY C 885 16.90 -3.40 42.82
N ASN C 886 17.52 -3.26 44.00
CA ASN C 886 18.98 -3.30 44.13
C ASN C 886 19.42 -4.70 44.53
N VAL C 887 19.32 -5.63 43.58
CA VAL C 887 19.73 -7.00 43.80
C VAL C 887 20.84 -7.34 42.82
N PRO C 888 21.58 -8.42 43.07
CA PRO C 888 22.76 -8.70 42.23
C PRO C 888 22.44 -8.92 40.75
N PHE C 889 21.34 -9.57 40.41
CA PHE C 889 21.03 -9.79 39.00
C PHE C 889 20.84 -8.48 38.27
N ALA C 890 20.14 -7.53 38.89
CA ALA C 890 19.95 -6.23 38.25
C ALA C 890 21.26 -5.46 38.15
N ASN C 891 22.07 -5.48 39.22
CA ASN C 891 23.36 -4.81 39.18
C ASN C 891 24.25 -5.40 38.08
N GLU C 892 24.29 -6.73 37.98
CA GLU C 892 25.09 -7.36 36.93
C GLU C 892 24.51 -7.04 35.55
N PHE C 893 23.18 -6.95 35.44
CA PHE C 893 22.58 -6.63 34.15
C PHE C 893 23.08 -5.28 33.65
N HIS C 894 23.04 -4.26 34.51
CA HIS C 894 23.49 -2.93 34.11
C HIS C 894 24.97 -2.94 33.77
N LYS C 895 25.79 -3.57 34.62
CA LYS C 895 27.22 -3.67 34.34
C LYS C 895 27.48 -4.32 32.99
N ASN C 896 26.72 -5.38 32.66
CA ASN C 896 26.99 -6.14 31.45
C ASN C 896 26.37 -5.49 30.21
N TYR C 897 25.19 -4.89 30.34
CA TYR C 897 24.37 -4.62 29.15
C TYR C 897 23.82 -3.20 29.03
N PHE C 898 23.97 -2.34 30.03
CA PHE C 898 23.43 -0.98 29.91
C PHE C 898 23.99 -0.27 28.68
N PHE C 899 25.32 -0.20 28.58
CA PHE C 899 25.93 0.54 27.47
C PHE C 899 25.76 -0.17 26.13
N ILE C 900 25.61 -1.49 26.13
CA ILE C 900 25.26 -2.19 24.90
C ILE C 900 23.93 -1.67 24.38
N PHE C 901 22.93 -1.53 25.26
CA PHE C 901 21.64 -1.04 24.83
C PHE C 901 21.69 0.42 24.44
N VAL C 902 22.47 1.23 25.15
CA VAL C 902 22.58 2.64 24.81
C VAL C 902 23.21 2.81 23.43
N SER C 903 24.34 2.12 23.19
N SER C 903 24.35 2.14 23.21
CA SER C 903 25.07 2.31 21.94
CA SER C 903 25.07 2.28 21.94
C SER C 903 24.31 1.71 20.76
C SER C 903 24.25 1.75 20.79
N GLU C 904 23.68 0.54 20.96
CA GLU C 904 22.90 -0.06 19.88
C GLU C 904 21.69 0.80 19.53
N THR C 905 21.03 1.38 20.53
CA THR C 905 19.90 2.27 20.25
C THR C 905 20.37 3.51 19.51
N PHE C 906 21.49 4.09 19.94
CA PHE C 906 22.04 5.25 19.24
C PHE C 906 22.40 4.89 17.80
N PHE C 907 22.96 3.70 17.59
CA PHE C 907 23.37 3.32 16.23
C PHE C 907 22.18 3.33 15.27
N VAL C 908 21.07 2.71 15.66
CA VAL C 908 19.93 2.65 14.74
C VAL C 908 19.26 4.02 14.64
N LEU C 909 19.33 4.83 15.69
CA LEU C 909 18.79 6.19 15.63
C LEU C 909 19.49 7.01 14.55
N THR C 910 20.81 6.83 14.40
CA THR C 910 21.63 7.76 13.61
C THR C 910 22.08 7.20 12.26
N ASP C 911 21.71 5.98 11.89
CA ASP C 911 22.28 5.38 10.69
C ASP C 911 21.43 5.58 9.44
N SER C 912 20.29 6.26 9.55
CA SER C 912 19.46 6.67 8.41
C SER C 912 18.81 5.49 7.69
N ASP C 913 18.90 4.27 8.23
CA ASP C 913 18.26 3.11 7.63
C ASP C 913 17.17 2.52 8.52
N HIS C 914 16.82 3.18 9.61
CA HIS C 914 15.79 2.67 10.52
C HIS C 914 14.89 3.81 10.98
N LYS C 915 14.54 4.70 10.06
CA LYS C 915 13.74 5.87 10.41
C LYS C 915 12.33 5.51 10.84
N SER C 916 11.84 4.32 10.49
CA SER C 916 10.50 3.91 10.89
C SER C 916 10.38 3.69 12.39
N GLY C 917 11.48 3.39 13.08
CA GLY C 917 11.46 3.13 14.51
C GLY C 917 11.88 4.31 15.37
N PHE C 918 11.99 5.51 14.80
CA PHE C 918 12.51 6.66 15.54
C PHE C 918 11.82 6.84 16.88
N SER C 919 10.48 6.82 16.88
CA SER C 919 9.73 7.13 18.11
C SER C 919 10.04 6.14 19.22
N LYS C 920 10.09 4.85 18.89
CA LYS C 920 10.35 3.85 19.92
C LYS C 920 11.83 3.80 20.29
N GLN C 921 12.72 4.06 19.34
CA GLN C 921 14.13 4.24 19.67
C GLN C 921 14.30 5.38 20.66
N ALA C 922 13.62 6.50 20.40
CA ALA C 922 13.74 7.65 21.29
C ALA C 922 13.20 7.33 22.68
N LEU C 923 12.07 6.63 22.74
CA LEU C 923 11.50 6.25 24.03
C LEU C 923 12.47 5.37 24.80
N LEU C 924 13.06 4.38 24.14
CA LEU C 924 14.03 3.51 24.79
C LEU C 924 15.24 4.30 25.27
N LEU C 925 15.76 5.20 24.43
CA LEU C 925 16.93 5.98 24.83
C LEU C 925 16.62 6.86 26.02
N MET C 926 15.42 7.45 26.05
CA MET C 926 15.06 8.32 27.15
C MET C 926 14.94 7.53 28.45
N LYS C 927 14.36 6.33 28.39
CA LYS C 927 14.29 5.48 29.58
C LYS C 927 15.70 5.15 30.09
N LEU C 928 16.60 4.75 29.18
CA LEU C 928 17.96 4.41 29.59
C LEU C 928 18.64 5.61 30.25
N ILE C 929 18.55 6.79 29.63
CA ILE C 929 19.22 7.96 30.18
C ILE C 929 18.61 8.37 31.51
N SER C 930 17.28 8.24 31.64
CA SER C 930 16.63 8.67 32.88
C SER C 930 16.98 7.75 34.04
N LEU C 931 17.28 6.49 33.77
CA LEU C 931 17.73 5.59 34.84
C LEU C 931 18.93 6.18 35.56
N VAL C 932 19.87 6.76 34.81
CA VAL C 932 21.11 7.24 35.41
C VAL C 932 20.87 8.57 36.13
N TYR C 933 20.06 9.45 35.55
CA TYR C 933 19.83 10.75 36.16
C TYR C 933 18.72 10.73 37.19
N ASP C 934 18.06 9.59 37.39
CA ASP C 934 17.26 9.33 38.58
C ASP C 934 18.01 8.47 39.59
N ASN C 935 19.30 8.26 39.40
CA ASN C 935 20.11 7.36 40.22
C ASN C 935 19.32 6.10 40.59
N LYS C 936 18.86 5.41 39.55
CA LYS C 936 18.19 4.13 39.70
C LYS C 936 19.11 2.95 39.43
N ILE C 937 20.35 3.21 39.02
CA ILE C 937 21.38 2.19 38.91
C ILE C 937 22.29 2.32 40.11
N SER C 938 22.31 1.29 40.95
CA SER C 938 22.91 1.39 42.27
C SER C 938 24.42 1.22 42.27
N VAL C 939 24.98 0.56 41.26
CA VAL C 939 26.41 0.28 41.21
C VAL C 939 27.08 1.17 40.16
N PRO C 940 28.39 1.38 40.25
CA PRO C 940 29.08 2.14 39.19
C PRO C 940 29.05 1.39 37.87
N LEU C 941 28.83 2.15 36.79
CA LEU C 941 28.83 1.60 35.43
C LEU C 941 30.22 1.50 34.83
N TYR C 942 31.25 1.98 35.54
CA TYR C 942 32.62 2.00 35.04
C TYR C 942 33.47 0.99 35.79
N GLN C 943 34.67 0.74 35.27
CA GLN C 943 35.61 -0.15 35.92
C GLN C 943 36.34 0.59 37.03
N GLU C 944 36.83 -0.19 38.01
CA GLU C 944 37.60 0.38 39.12
C GLU C 944 38.64 1.38 38.65
N ALA C 945 39.37 1.03 37.59
CA ALA C 945 40.57 1.77 37.20
C ALA C 945 40.26 2.97 36.30
N GLU C 946 39.29 2.84 35.39
CA GLU C 946 39.17 3.81 34.31
C GLU C 946 38.58 5.15 34.76
N VAL C 947 38.25 5.33 36.03
CA VAL C 947 37.74 6.62 36.51
C VAL C 947 37.91 6.68 38.02
N PRO C 948 38.11 7.86 38.61
CA PRO C 948 38.32 7.93 40.05
C PRO C 948 37.12 7.39 40.83
N GLN C 949 37.40 6.91 42.04
CA GLN C 949 36.35 6.44 42.92
C GLN C 949 35.39 7.58 43.26
N GLY C 950 34.10 7.26 43.32
CA GLY C 950 33.09 8.23 43.67
C GLY C 950 32.44 8.93 42.49
N THR C 951 33.06 8.88 41.31
CA THR C 951 32.45 9.48 40.12
C THR C 951 31.03 8.98 39.96
N SER C 952 30.10 9.91 39.79
CA SER C 952 28.71 9.54 39.58
C SER C 952 28.54 8.86 38.22
N ASN C 953 27.53 7.99 38.13
CA ASN C 953 27.20 7.41 36.83
C ASN C 953 26.79 8.49 35.83
N GLN C 954 26.22 9.59 36.32
CA GLN C 954 25.88 10.71 35.44
C GLN C 954 27.12 11.22 34.71
N VAL C 955 28.18 11.52 35.45
CA VAL C 955 29.41 12.00 34.83
C VAL C 955 29.96 10.97 33.87
N TYR C 956 29.99 9.70 34.27
CA TYR C 956 30.57 8.68 33.42
C TYR C 956 29.75 8.49 32.14
N LEU C 957 28.42 8.52 32.27
CA LEU C 957 27.56 8.38 31.08
C LEU C 957 27.84 9.50 30.08
N SER C 958 27.90 10.74 30.56
CA SER C 958 28.20 11.86 29.68
C SER C 958 29.58 11.69 29.04
N GLN C 959 30.54 11.16 29.80
CA GLN C 959 31.87 10.92 29.27
C GLN C 959 31.87 9.80 28.25
N TYR C 960 31.19 8.69 28.56
CA TYR C 960 31.08 7.58 27.61
C TYR C 960 30.41 8.04 26.31
N LEU C 961 29.34 8.81 26.42
CA LEU C 961 28.61 9.22 25.22
C LEU C 961 29.41 10.20 24.38
N ALA C 962 30.10 11.15 25.02
CA ALA C 962 30.95 12.08 24.27
C ALA C 962 31.99 11.32 23.47
N ASN C 963 32.63 10.32 24.09
CA ASN C 963 33.66 9.55 23.40
C ASN C 963 33.05 8.72 22.27
N MET C 964 31.87 8.13 22.50
CA MET C 964 31.22 7.32 21.48
C MET C 964 30.87 8.17 20.26
N LEU C 965 30.29 9.35 20.48
CA LEU C 965 29.88 10.19 19.37
C LEU C 965 31.08 10.83 18.67
N SER C 966 32.14 11.10 19.42
CA SER C 966 33.35 11.66 18.82
C SER C 966 33.96 10.69 17.82
N ASN C 967 33.95 9.39 18.14
CA ASN C 967 34.55 8.40 17.26
C ASN C 967 33.61 7.99 16.14
N ALA C 968 32.30 8.03 16.39
CA ALA C 968 31.33 7.65 15.35
C ALA C 968 31.06 8.78 14.37
N PHE C 969 31.18 10.03 14.83
CA PHE C 969 30.94 11.21 14.00
C PHE C 969 32.12 12.15 14.17
N PRO C 970 33.28 11.79 13.62
CA PRO C 970 34.50 12.57 13.89
C PRO C 970 34.45 13.99 13.35
N HIS C 971 33.51 14.34 12.47
CA HIS C 971 33.45 15.69 11.93
C HIS C 971 32.72 16.66 12.83
N LEU C 972 32.11 16.20 13.92
CA LEU C 972 31.50 17.09 14.90
C LEU C 972 32.57 17.66 15.81
N THR C 973 32.38 18.92 16.21
CA THR C 973 33.26 19.51 17.20
C THR C 973 32.90 19.00 18.59
N SER C 974 33.89 19.05 19.49
CA SER C 974 33.65 18.65 20.88
C SER C 974 32.51 19.46 21.49
N GLU C 975 32.40 20.73 21.11
CA GLU C 975 31.35 21.59 21.64
C GLU C 975 29.97 21.15 21.17
N GLN C 976 29.85 20.78 19.89
CA GLN C 976 28.59 20.23 19.38
C GLN C 976 28.14 19.04 20.22
N ILE C 977 29.04 18.08 20.42
CA ILE C 977 28.72 16.86 21.15
C ILE C 977 28.31 17.21 22.58
N ALA C 978 29.07 18.07 23.24
CA ALA C 978 28.80 18.40 24.63
C ALA C 978 27.47 19.12 24.78
N SER C 979 27.16 20.06 23.88
CA SER C 979 25.88 20.76 23.95
C SER C 979 24.72 19.83 23.66
N PHE C 980 24.87 18.96 22.67
CA PHE C 980 23.83 17.98 22.37
C PHE C 980 23.53 17.10 23.58
N LEU C 981 24.58 16.59 24.22
CA LEU C 981 24.37 15.69 25.36
C LEU C 981 23.83 16.43 26.57
N SER C 982 24.23 17.70 26.77
CA SER C 982 23.68 18.48 27.87
CA SER C 982 23.68 18.48 27.87
C SER C 982 22.18 18.69 27.68
N ALA C 983 21.76 19.04 26.47
CA ALA C 983 20.34 19.21 26.18
C ALA C 983 19.60 17.89 26.33
N LEU C 984 20.09 16.85 25.65
CA LEU C 984 19.43 15.55 25.70
C LEU C 984 19.23 15.09 27.13
N THR C 985 20.27 15.25 27.96
CA THR C 985 20.20 14.82 29.35
C THR C 985 19.14 15.61 30.12
N LYS C 986 19.16 16.94 29.99
CA LYS C 986 18.18 17.77 30.69
C LYS C 986 16.75 17.37 30.32
N GLN C 987 16.54 16.92 29.09
CA GLN C 987 15.21 16.76 28.52
C GLN C 987 14.70 15.32 28.61
N CYS C 988 15.33 14.48 29.44
CA CYS C 988 15.01 13.06 29.45
C CYS C 988 13.70 12.75 30.18
N LYS C 989 13.00 13.75 30.71
CA LYS C 989 11.66 13.57 31.22
C LYS C 989 10.58 14.15 30.30
N ASP C 990 10.96 14.62 29.11
CA ASP C 990 10.06 15.33 28.20
C ASP C 990 10.27 14.75 26.80
N LEU C 991 9.47 13.75 26.45
CA LEU C 991 9.70 12.98 25.23
C LEU C 991 9.64 13.85 23.99
N VAL C 992 8.67 14.75 23.90
CA VAL C 992 8.50 15.56 22.70
C VAL C 992 9.73 16.42 22.46
N VAL C 993 10.25 17.05 23.51
CA VAL C 993 11.43 17.90 23.37
C VAL C 993 12.67 17.05 23.13
N PHE C 994 12.82 15.98 23.91
CA PHE C 994 13.86 14.98 23.68
C PHE C 994 13.94 14.61 22.21
N LYS C 995 12.80 14.24 21.61
CA LYS C 995 12.77 13.86 20.20
C LYS C 995 13.18 15.01 19.30
N GLY C 996 12.78 16.24 19.64
CA GLY C 996 13.21 17.39 18.87
C GLY C 996 14.72 17.54 18.87
N THR C 997 15.34 17.29 20.02
CA THR C 997 16.80 17.40 20.12
C THR C 997 17.48 16.30 19.31
N LEU C 998 16.93 15.09 19.33
CA LEU C 998 17.46 14.02 18.49
C LEU C 998 17.36 14.38 17.01
N ARG C 999 16.22 14.94 16.59
N ARG C 999 16.24 14.95 16.58
CA ARG C 999 16.08 15.35 15.19
CA ARG C 999 16.11 15.32 15.17
C ARG C 999 17.09 16.43 14.83
C ARG C 999 17.04 16.47 14.80
N ASP C 1000 17.32 17.37 15.75
CA ASP C 1000 18.34 18.40 15.51
C ASP C 1000 19.71 17.75 15.32
N PHE C 1001 20.03 16.76 16.15
CA PHE C 1001 21.29 16.04 15.99
C PHE C 1001 21.38 15.34 14.65
N LEU C 1002 20.28 14.74 14.19
CA LEU C 1002 20.31 14.04 12.90
C LEU C 1002 20.54 15.01 11.75
N VAL C 1003 20.07 16.25 11.86
CA VAL C 1003 20.40 17.26 10.88
C VAL C 1003 21.88 17.59 10.93
N GLN C 1004 22.41 17.83 12.13
CA GLN C 1004 23.77 18.36 12.23
C GLN C 1004 24.82 17.35 11.79
N ILE C 1005 24.58 16.05 12.00
CA ILE C 1005 25.58 15.07 11.58
C ILE C 1005 25.66 14.94 10.07
N LYS C 1006 24.72 15.52 9.33
CA LYS C 1006 24.74 15.48 7.87
C LYS C 1006 25.58 16.58 7.25
N GLU C 1007 26.11 17.50 8.07
CA GLU C 1007 26.86 18.64 7.56
C GLU C 1007 28.05 18.89 8.48
N VAL C 1008 28.86 19.88 8.10
CA VAL C 1008 29.99 20.32 8.90
C VAL C 1008 29.67 21.69 9.48
N GLY C 1009 30.05 21.90 10.74
CA GLY C 1009 29.96 23.22 11.34
C GLY C 1009 28.60 23.57 11.91
N GLY C 1010 27.81 22.60 12.33
CA GLY C 1010 26.55 22.91 12.96
C GLY C 1010 26.72 23.75 14.20
N ASP C 1011 25.75 24.63 14.44
CA ASP C 1011 25.83 25.56 15.56
C ASP C 1011 25.49 24.85 16.86
N PRO C 1012 26.40 24.80 17.83
CA PRO C 1012 26.08 24.09 19.09
C PRO C 1012 24.99 24.76 19.91
N THR C 1013 24.73 26.05 19.72
CA THR C 1013 23.65 26.70 20.47
C THR C 1013 22.28 26.27 19.98
N ASP C 1014 22.19 25.63 18.81
CA ASP C 1014 20.91 25.10 18.35
C ASP C 1014 20.24 24.24 19.40
N TYR C 1015 21.04 23.54 20.22
CA TYR C 1015 20.49 22.62 21.22
C TYR C 1015 19.92 23.35 22.44
N LEU C 1016 19.98 24.67 22.48
CA LEU C 1016 19.29 25.45 23.50
C LEU C 1016 17.89 25.86 23.06
N PHE C 1017 17.42 25.36 21.91
CA PHE C 1017 16.16 25.84 21.34
C PHE C 1017 15.02 25.74 22.35
N ALA C 1018 14.87 24.58 23.00
CA ALA C 1018 13.83 24.43 24.01
C ALA C 1018 14.07 25.30 25.23
N GLU C 1019 15.21 25.97 25.32
CA GLU C 1019 15.55 26.81 26.47
C GLU C 1019 15.68 25.98 27.74
N SER D 3 -47.15 -9.69 11.21
CA SER D 3 -47.91 -10.14 10.00
C SER D 3 -47.17 -11.26 9.30
N TYR D 4 -47.67 -11.68 8.14
CA TYR D 4 -47.18 -12.89 7.48
C TYR D 4 -46.65 -12.64 6.08
N GLU D 5 -47.38 -11.89 5.25
CA GLU D 5 -47.00 -11.69 3.85
C GLU D 5 -46.66 -13.02 3.18
N ALA D 6 -47.73 -13.77 2.90
CA ALA D 6 -47.59 -15.13 2.40
C ALA D 6 -47.30 -15.20 0.90
N GLU D 7 -47.60 -14.14 0.15
CA GLU D 7 -47.29 -14.15 -1.28
C GLU D 7 -45.81 -13.90 -1.53
N THR D 8 -45.17 -13.06 -0.72
CA THR D 8 -43.72 -12.94 -0.78
C THR D 8 -43.06 -14.30 -0.57
N VAL D 9 -43.45 -14.99 0.50
CA VAL D 9 -42.91 -16.32 0.80
C VAL D 9 -43.11 -17.24 -0.40
N SER D 10 -44.35 -17.32 -0.90
CA SER D 10 -44.64 -18.20 -2.02
C SER D 10 -43.71 -17.92 -3.19
N ALA D 11 -43.66 -16.66 -3.64
CA ALA D 11 -42.78 -16.33 -4.76
C ALA D 11 -41.32 -16.60 -4.42
N MET D 12 -40.93 -16.43 -3.16
CA MET D 12 -39.56 -16.74 -2.75
C MET D 12 -39.27 -18.22 -2.89
N ALA D 13 -40.22 -19.07 -2.49
CA ALA D 13 -40.03 -20.51 -2.58
C ALA D 13 -39.83 -20.98 -4.01
N LEU D 14 -40.26 -20.20 -5.00
CA LEU D 14 -40.18 -20.58 -6.40
C LEU D 14 -38.98 -19.98 -7.12
N LEU D 15 -38.16 -19.19 -6.44
CA LEU D 15 -36.97 -18.63 -7.07
C LEU D 15 -36.14 -19.75 -7.69
N SER D 16 -35.73 -19.54 -8.94
CA SER D 16 -35.00 -20.55 -9.68
C SER D 16 -33.84 -19.92 -10.41
N VAL D 17 -32.70 -20.61 -10.42
CA VAL D 17 -31.53 -20.21 -11.21
C VAL D 17 -31.60 -20.76 -12.62
N GLY D 18 -32.53 -21.66 -12.91
CA GLY D 18 -32.66 -22.25 -14.22
C GLY D 18 -32.93 -23.74 -14.14
#